data_5O9G
#
_entry.id   5O9G
#
loop_
_entity.id
_entity.type
_entity.pdbx_description
1 polymer 'Histone H3.2'
2 polymer 'Histone H4'
3 polymer 'Histone H2A'
4 polymer 'Histone H2B 1.1'
5 polymer 'Histone H2B 1.1'
6 polymer 'DNA (162-MER)'
7 polymer 'DNA (162-MER)'
8 polymer 'Chromo domain-containing protein 1'
9 non-polymer "ADENOSINE-5'-DIPHOSPHATE"
10 non-polymer 'BERYLLIUM TRIFLUORIDE ION'
#
loop_
_entity_poly.entity_id
_entity_poly.type
_entity_poly.pdbx_seq_one_letter_code
_entity_poly.pdbx_strand_id
1 'polypeptide(L)'
;MARTKQTARKSTGGKAPRKQLATKAARKSAPATGGVKKPHRYRPGTVALREIRRYQKSTELLIRKLPFQRLVREIAQDFK
TDLRFQSSAVMALQEASEAYLVALFEDTNLCAIHAKRVTIMPKDIQLARRIRGERA
;
A,E
2 'polypeptide(L)'
;MSGRGKGGKGLGKGGAKRHRKVLRDNIQGITKPAIRRLARRGGVKRISGLIYEETRGVLKVFLENVIRDAVTYTEHAKRK
TVTAMDVVYALKRQGRTLYGFGG
;
B,F
3 'polypeptide(L)'
;MSGRGKQGGKTRAKAKTRSSRAGLQFPVGRVHRLLRKGNYAERVGAGAPVYLAAVLEYLTAEILELAGNAARDNKKTRII
PRHLQLAVRNDEELNKLLGRVTIAQGGVLPNIQSVLLPKKTESSKSAKSK
;
C,G
4 'polypeptide(L)'
;MAKSAPAPKKGSKKAVTKTQKKDGKKRRKTRKESYAIYVYKVLKQVHPDTGISSKAMSIMNSFVNDVFERIAGEASRLAH
YNKRSTITSREIQTAVRLLLPGELAKHAVSEGTKAVTKYTSAK
;
D
5 'polypeptide(L)'
;MAKSAPAPKKGSKKAVTKTQKKDGKKRRKTRKESYAIYVYKVLKQVHPDTGISSKAMSIMNSFVNDVFERIAGEASRLAH
YNKRSTITSREIQTAVRLLLPGELAKHAVSEGTKAVTKYTSA
;
H
6 'polydeoxyribonucleotide'
;(DA)(DT)(DC)(DA)(DG)(DA)(DA)(DT)(DC)(DC)(DC)(DG)(DG)(DT)(DG)(DC)(DC)(DG)(DA)(DG)
(DG)(DC)(DC)(DG)(DC)(DT)(DC)(DA)(DA)(DT)(DT)(DG)(DG)(DT)(DC)(DG)(DT)(DA)(DG)(DA)
(DC)(DA)(DG)(DC)(DT)(DC)(DT)(DA)(DG)(DC)(DA)(DC)(DC)(DG)(DC)(DT)(DT)(DA)(DA)(DA)
(DC)(DG)(DC)(DA)(DC)(DG)(DT)(DA)(DC)(DG)(DC)(DG)(DC)(DT)(DG)(DT)(DC)(DC)(DC)(DC)
(DC)(DG)(DC)(DG)(DT)(DT)(DT)(DT)(DA)(DA)(DC)(DC)(DG)(DC)(DC)(DA)(DA)(DG)(DG)(DG)
(DG)(DA)(DT)(DT)(DA)(DC)(DT)(DC)(DC)(DC)(DT)(DA)(DG)(DT)(DC)(DT)(DC)(DC)(DA)(DG)
(DG)(DC)(DA)(DC)(DG)(DT)(DG)(DT)(DC)(DA)(DG)(DA)(DT)(DA)(DT)(DA)(DT)(DA)(DC)(DA)
(DT)(DC)(DG)(DA)(DT)(DT)(DA)(DA)(DC)(DG)(DA)(DT)(DG)(DC)(DT)(DG)(DG)(DG)(DC)(DA)
(DT)(DA)(DA)(DG)(DC)(DG)(DT)(DG)(DG)(DT)(DT)(DC)(DA)(DA)(DT)(DA)(DC)(DC)(DG)(DG)
(DC)(DG)(DC)(DA)(DT)(DA)(DA)(DA)(DG)(DG)(DG)(DT)(DA)(DA)(DA)(DT)(DT)(DC)(DG)(DA)
(DA)(DA)(DA)(DC)(DA)(DG)(DC)(DG)
;
I
7 'polydeoxyribonucleotide'
;(DC)(DG)(DC)(DT)(DG)(DT)(DT)(DT)(DT)(DC)(DG)(DA)(DA)(DT)(DT)(DT)(DA)(DC)(DC)(DC)
(DT)(DT)(DT)(DA)(DT)(DG)(DC)(DG)(DC)(DC)(DG)(DG)(DT)(DA)(DT)(DT)(DG)(DA)(DA)(DC)
(DC)(DA)(DC)(DG)(DC)(DT)(DT)(DA)(DT)(DG)(DC)(DC)(DC)(DA)(DG)(DC)(DA)(DT)(DC)(DG)
(DT)(DT)(DA)(DA)(DT)(DC)(DG)(DA)(DT)(DG)(DT)(DA)(DT)(DA)(DT)(DA)(DT)(DC)(DT)(DG)
(DA)(DC)(DA)(DC)(DG)(DT)(DG)(DC)(DC)(DT)(DG)(DG)(DA)(DG)(DA)(DC)(DT)(DA)(DG)(DG)
(DG)(DA)(DG)(DT)(DA)(DA)(DT)(DC)(DC)(DC)(DC)(DT)(DT)(DG)(DG)(DC)(DG)(DG)(DT)(DT)
(DA)(DA)(DA)(DA)(DC)(DG)(DC)(DG)(DG)(DG)(DG)(DG)(DA)(DC)(DA)(DG)(DC)(DG)(DC)(DG)
(DT)(DA)(DC)(DG)(DT)(DG)(DC)(DG)(DT)(DT)(DT)(DA)(DA)(DG)(DC)(DG)(DG)(DT)(DG)(DC)
(DT)(DA)(DG)(DA)(DG)(DC)(DT)(DG)(DT)(DC)(DT)(DA)(DC)(DG)(DA)(DC)(DC)(DA)(DA)(DT)
(DT)(DG)(DA)(DG)(DC)(DG)(DG)(DC)(DC)(DT)(DC)(DG)(DG)(DC)(DA)(DC)(DC)(DG)(DG)(DG)
(DA)(DT)(DT)(DC)(DT)(DG)(DA)(DT)
;
J
8 'polypeptide(L)'
;MAAKDISTEVLQNPELYGLRRSHRAAAHQQNYFNDSDDEDDEDNIKQSRRKRMTTIEDDEDEFEDEEGEEDSGEDEDEED
FEEDDDYYGSPIKQNRSKPKSRTKSKSKSKPKSQSEKQSTVKIPTRFSNRQNKTVNYNIDYSDDDLLESEDDYGSEEALS
EENVHEASANPQPEDFHGIDIVINHRLKTSLEEGKVLEKTVPDLNNCKENYEFLIKWTDESHLHNTWETYESIGQVRGLK
RLDNYCKQFIIEDQQVRLDPYVTAEDIEIMDMERERRLDEFEEFHVPERIIDSQRASLEDGTSQLQYLVKWRRLNYDEAT
WENATDIVKLAPEQVKHFQNRENSKILPQYSSNYTSQRPRFEKLSVQPPFIKGGELRDFQLTGINWMAFLWSKGDNGILA
DEMGLGKTVQTVAFISWLIFARRQNGPHIIVVPLSTMPAWLDTFEKWAPDLNCICYMGNQKSRDTIREYEFYTNPRAKGK
KTMKFNVLLTTYEYILKDRAELGSIKWQFMAVDEAHRLKNAESSLYESLNSFKVANRMLITGTPLQNNIKELAALVNFLM
PGRFTIDQEIDFENQDEEQEEYIHDLHRRIQPFILRRLKKDVEKSLPSKTERILRVELSDVQTEYYKNILTKNYSALTAG
AKGGHFSLLNIMNELKKASNHPYLFDNAEERVLQKFGDGKMTRENVLRGLIMSSGKMVLLDQLLTRLKKDGHRVLIFSQM
VRMLDILGDYLSIKGINFQRLDGTVPSAQRRISIDHFNSPDSNDFVFLLSTRAGGLGINLMTADTVVIFDSDWNPQADLQ
AMARAHRIGQKNHVMVYRLVSKDTVEEEVLERARKKMILEYAIISLGVTDGNKYTKKNEPNAGELSAILKFGAGNMFTAT
DNQKKLEDLNLDDVLNHAEDHVTTPDLGESHLGGEEFLKQFEVTDYKADIDWDDIIPEEELKKLQDEEQKRKDEEYVKEQ
LEMMNRRDNALKKIKNSVNGDGTAANSDSDDDSTSRSSRRRARANDMDSIGESEVRALYKAILKFGNLKEILDELIADGT
LPVKSFEKYGETYDEMMEAAKDCVHEEEKNRKEILEKLEKHATAYRAKLKSGEIKAENQPKDNPLTRLSLKKREKKAVLF
NFKGVKSLNAESLLSRVEDLKYLKNLINSNYKDDPLKFSLGNNTPKPVQNWSSNWTKEEDEKLLIGVFKYGYGSWTQIRD
DPFLGITDKIFLNEVHNPVAKKSASSSDTTPTPSKKGKGITGSSKKVPGAIHLGRRVDYLLSFLRGGLNTKSPSADIGSK
KLPTGPSKKRQRKPANHSKSMTPEITSSEPANGPPSKRMKALPKGPAALINNTRLSPNSPTPPLKSKVSRDNGTRQSSNP
SSGSAHEKEYDSMDEEDCRHTMSAIRTSLKRLRRGGKSLDRKEWAKILKTELTTIGNHIESQKGSSRKASPEKYRKHLWS
YSANFWPADVKSTKLMAMYDKITESQKK
;
W
#
loop_
_chem_comp.id
_chem_comp.type
_chem_comp.name
_chem_comp.formula
ADP non-polymer ADENOSINE-5'-DIPHOSPHATE 'C10 H15 N5 O10 P2'
BEF non-polymer 'BERYLLIUM TRIFLUORIDE ION' 'Be F3 -1'
DA DNA linking 2'-DEOXYADENOSINE-5'-MONOPHOSPHATE 'C10 H14 N5 O6 P'
DC DNA linking 2'-DEOXYCYTIDINE-5'-MONOPHOSPHATE 'C9 H14 N3 O7 P'
DG DNA linking 2'-DEOXYGUANOSINE-5'-MONOPHOSPHATE 'C10 H14 N5 O7 P'
DT DNA linking THYMIDINE-5'-MONOPHOSPHATE 'C10 H15 N2 O8 P'
#
# COMPACT_ATOMS: atom_id res chain seq x y z
N PRO A 39 4.61 -27.74 12.00
CA PRO A 39 4.85 -27.58 13.44
C PRO A 39 3.79 -28.26 14.29
N HIS A 40 3.53 -27.71 15.48
CA HIS A 40 2.54 -28.27 16.38
C HIS A 40 1.15 -27.70 16.07
N ARG A 41 0.16 -28.11 16.84
CA ARG A 41 -1.22 -27.65 16.69
C ARG A 41 -1.56 -26.77 17.89
N TYR A 42 -1.65 -25.47 17.67
CA TYR A 42 -1.95 -24.53 18.73
C TYR A 42 -3.42 -24.64 19.12
N ARG A 43 -3.75 -24.07 20.28
CA ARG A 43 -5.12 -24.12 20.78
C ARG A 43 -6.04 -23.30 19.86
N PRO A 44 -7.12 -23.90 19.36
CA PRO A 44 -8.04 -23.14 18.49
C PRO A 44 -8.80 -22.09 19.28
N GLY A 45 -8.77 -20.85 18.78
CA GLY A 45 -9.42 -19.72 19.40
C GLY A 45 -8.46 -18.74 20.06
N THR A 46 -7.34 -19.24 20.59
CA THR A 46 -6.36 -18.34 21.19
C THR A 46 -5.69 -17.48 20.14
N VAL A 47 -5.44 -18.03 18.94
CA VAL A 47 -4.88 -17.26 17.85
C VAL A 47 -5.81 -16.13 17.46
N ALA A 48 -7.13 -16.36 17.55
CA ALA A 48 -8.08 -15.28 17.29
C ALA A 48 -7.92 -14.15 18.30
N LEU A 49 -7.71 -14.49 19.57
CA LEU A 49 -7.46 -13.47 20.57
C LEU A 49 -6.14 -12.74 20.32
N ARG A 50 -5.14 -13.44 19.78
CA ARG A 50 -3.90 -12.78 19.40
C ARG A 50 -4.14 -11.79 18.27
N GLU A 51 -5.00 -12.17 17.30
CA GLU A 51 -5.37 -11.23 16.25
C GLU A 51 -6.16 -10.06 16.80
N ILE A 52 -6.92 -10.27 17.88
CA ILE A 52 -7.59 -9.15 18.53
C ILE A 52 -6.57 -8.22 19.17
N ARG A 53 -5.57 -8.78 19.85
CA ARG A 53 -4.52 -7.96 20.45
C ARG A 53 -3.71 -7.23 19.40
N ARG A 54 -3.59 -7.79 18.20
CA ARG A 54 -2.85 -7.13 17.13
C ARG A 54 -3.68 -6.06 16.43
N TYR A 55 -5.00 -6.27 16.32
CA TYR A 55 -5.87 -5.31 15.64
C TYR A 55 -6.35 -4.19 16.54
N GLN A 56 -6.31 -4.37 17.86
CA GLN A 56 -6.71 -3.29 18.76
C GLN A 56 -5.73 -2.13 18.73
N LYS A 57 -4.46 -2.40 18.44
CA LYS A 57 -3.45 -1.36 18.36
C LYS A 57 -3.35 -0.74 16.97
N SER A 58 -4.04 -1.30 15.98
CA SER A 58 -3.99 -0.77 14.62
C SER A 58 -4.85 0.49 14.51
N THR A 59 -4.32 1.48 13.80
CA THR A 59 -5.01 2.75 13.58
C THR A 59 -5.39 2.96 12.12
N GLU A 60 -5.18 1.98 11.26
CA GLU A 60 -5.49 2.10 9.85
C GLU A 60 -6.81 1.38 9.55
N LEU A 61 -7.07 1.14 8.27
CA LEU A 61 -8.29 0.49 7.82
C LEU A 61 -8.04 -1.00 7.58
N LEU A 62 -9.14 -1.75 7.49
CA LEU A 62 -9.11 -3.18 7.22
C LEU A 62 -9.69 -3.55 5.86
N ILE A 63 -10.76 -2.88 5.44
CA ILE A 63 -11.36 -3.15 4.14
C ILE A 63 -10.48 -2.52 3.06
N ARG A 64 -10.23 -3.29 2.00
CA ARG A 64 -9.39 -2.81 0.91
C ARG A 64 -10.06 -1.68 0.15
N LYS A 65 -9.23 -0.85 -0.48
CA LYS A 65 -9.70 0.38 -1.13
C LYS A 65 -10.24 0.15 -2.53
N LEU A 66 -9.57 -0.68 -3.33
CA LEU A 66 -10.01 -0.87 -4.72
C LEU A 66 -11.35 -1.57 -4.82
N PRO A 67 -11.64 -2.64 -4.08
CA PRO A 67 -13.01 -3.18 -4.11
C PRO A 67 -14.05 -2.21 -3.61
N PHE A 68 -13.72 -1.38 -2.63
CA PHE A 68 -14.66 -0.40 -2.13
C PHE A 68 -14.97 0.67 -3.17
N GLN A 69 -13.96 1.09 -3.93
CA GLN A 69 -14.20 2.05 -5.01
C GLN A 69 -14.97 1.43 -6.15
N ARG A 70 -14.65 0.18 -6.50
CA ARG A 70 -15.33 -0.48 -7.59
C ARG A 70 -16.79 -0.78 -7.25
N LEU A 71 -17.08 -1.01 -5.97
CA LEU A 71 -18.45 -1.30 -5.55
C LEU A 71 -19.27 -0.02 -5.33
N VAL A 72 -18.74 0.92 -4.56
CA VAL A 72 -19.45 2.16 -4.28
C VAL A 72 -19.63 2.97 -5.56
N ARG A 73 -18.62 2.96 -6.44
CA ARG A 73 -18.75 3.68 -7.70
C ARG A 73 -19.76 3.01 -8.62
N GLU A 74 -19.92 1.70 -8.51
CA GLU A 74 -20.91 1.00 -9.33
C GLU A 74 -22.32 1.26 -8.83
N ILE A 75 -22.51 1.23 -7.50
CA ILE A 75 -23.83 1.52 -6.94
C ILE A 75 -24.23 2.96 -7.21
N ALA A 76 -23.30 3.89 -6.98
CA ALA A 76 -23.59 5.30 -7.26
C ALA A 76 -23.78 5.56 -8.74
N GLN A 77 -23.07 4.81 -9.60
CA GLN A 77 -23.26 4.97 -11.03
C GLN A 77 -24.63 4.47 -11.46
N ASP A 78 -25.10 3.37 -10.87
CA ASP A 78 -26.43 2.88 -11.17
C ASP A 78 -27.51 3.79 -10.59
N PHE A 79 -27.21 4.47 -9.49
CA PHE A 79 -28.17 5.40 -8.91
C PHE A 79 -28.25 6.70 -9.71
N LYS A 80 -27.09 7.24 -10.12
CA LYS A 80 -27.05 8.47 -10.89
C LYS A 80 -25.85 8.41 -11.83
N THR A 81 -26.10 8.63 -13.12
CA THR A 81 -25.04 8.58 -14.11
C THR A 81 -24.19 9.85 -14.07
N ASP A 82 -22.98 9.74 -14.59
CA ASP A 82 -22.03 10.85 -14.68
C ASP A 82 -21.76 11.44 -13.30
N LEU A 83 -20.95 10.75 -12.49
CA LEU A 83 -20.57 11.22 -11.17
C LEU A 83 -19.08 11.09 -10.99
N ARG A 84 -18.51 11.98 -10.19
CA ARG A 84 -17.08 11.99 -9.91
C ARG A 84 -16.87 12.11 -8.40
N PHE A 85 -16.07 11.21 -7.83
CA PHE A 85 -15.78 11.20 -6.41
C PHE A 85 -14.46 11.90 -6.13
N GLN A 86 -14.17 12.02 -4.84
CA GLN A 86 -12.94 12.64 -4.37
C GLN A 86 -12.10 11.60 -3.62
N SER A 87 -10.79 11.85 -3.58
CA SER A 87 -9.89 10.94 -2.87
C SER A 87 -10.21 10.86 -1.39
N SER A 88 -10.72 11.94 -0.80
CA SER A 88 -11.07 11.94 0.62
C SER A 88 -12.44 11.37 0.89
N ALA A 89 -13.36 11.44 -0.07
CA ALA A 89 -14.69 10.86 0.13
C ALA A 89 -14.62 9.34 0.28
N VAL A 90 -13.67 8.70 -0.38
CA VAL A 90 -13.50 7.26 -0.22
C VAL A 90 -13.04 6.94 1.20
N MET A 91 -12.20 7.79 1.78
CA MET A 91 -11.77 7.58 3.15
C MET A 91 -12.90 7.85 4.13
N ALA A 92 -13.73 8.87 3.84
CA ALA A 92 -14.85 9.18 4.72
C ALA A 92 -15.88 8.08 4.71
N LEU A 93 -16.20 7.52 3.54
CA LEU A 93 -17.14 6.41 3.47
C LEU A 93 -16.51 5.12 4.01
N GLN A 94 -15.19 5.00 3.91
CA GLN A 94 -14.52 3.81 4.42
C GLN A 94 -14.55 3.78 5.94
N GLU A 95 -13.99 4.81 6.58
CA GLU A 95 -13.97 4.85 8.03
C GLU A 95 -15.38 5.00 8.61
N ALA A 96 -16.22 5.80 7.94
CA ALA A 96 -17.61 5.95 8.40
C ALA A 96 -18.37 4.63 8.29
N SER A 97 -18.06 3.84 7.25
CA SER A 97 -18.70 2.53 7.12
C SER A 97 -18.21 1.56 8.18
N GLU A 98 -16.88 1.49 8.38
CA GLU A 98 -16.33 0.62 9.41
C GLU A 98 -16.72 1.05 10.81
N ALA A 99 -17.21 2.28 10.98
CA ALA A 99 -17.70 2.72 12.28
C ALA A 99 -18.87 1.84 12.74
N TYR A 100 -19.98 1.87 12.01
CA TYR A 100 -21.11 1.02 12.34
C TYR A 100 -20.88 -0.44 11.97
N LEU A 101 -19.90 -0.72 11.11
CA LEU A 101 -19.54 -2.11 10.84
C LEU A 101 -18.80 -2.75 11.99
N VAL A 102 -18.15 -1.95 12.84
CA VAL A 102 -17.48 -2.46 14.04
C VAL A 102 -18.40 -2.37 15.25
N ALA A 103 -19.08 -1.23 15.43
CA ALA A 103 -20.01 -1.09 16.55
C ALA A 103 -21.19 -2.04 16.43
N LEU A 104 -21.69 -2.24 15.20
CA LEU A 104 -22.80 -3.17 14.99
C LEU A 104 -22.36 -4.59 15.30
N PHE A 105 -21.12 -4.95 14.98
CA PHE A 105 -20.61 -6.26 15.33
C PHE A 105 -20.29 -6.38 16.82
N GLU A 106 -20.07 -5.25 17.50
CA GLU A 106 -19.90 -5.28 18.95
C GLU A 106 -21.24 -5.54 19.64
N ASP A 107 -22.29 -4.83 19.23
CA ASP A 107 -23.62 -5.09 19.77
C ASP A 107 -24.08 -6.50 19.40
N THR A 108 -23.76 -6.95 18.19
CA THR A 108 -24.07 -8.32 17.80
C THR A 108 -23.33 -9.32 18.67
N ASN A 109 -22.07 -9.02 18.99
CA ASN A 109 -21.32 -9.88 19.91
C ASN A 109 -21.95 -9.90 21.29
N LEU A 110 -22.51 -8.76 21.73
CA LEU A 110 -23.25 -8.74 22.99
C LEU A 110 -24.50 -9.60 22.90
N CYS A 111 -25.16 -9.61 21.74
CA CYS A 111 -26.32 -10.47 21.55
C CYS A 111 -25.92 -11.94 21.58
N ALA A 112 -24.73 -12.28 21.07
CA ALA A 112 -24.27 -13.66 21.11
C ALA A 112 -23.82 -14.07 22.51
N ILE A 113 -23.31 -13.12 23.31
CA ILE A 113 -22.91 -13.44 24.67
C ILE A 113 -24.12 -13.61 25.57
N HIS A 114 -25.11 -12.73 25.43
CA HIS A 114 -26.32 -12.85 26.24
C HIS A 114 -27.10 -14.12 25.90
N ALA A 115 -27.00 -14.59 24.65
CA ALA A 115 -27.72 -15.78 24.22
C ALA A 115 -27.05 -17.09 24.66
N LYS A 116 -26.11 -17.02 25.61
CA LYS A 116 -25.43 -18.21 26.14
C LYS A 116 -24.69 -18.96 25.04
N ARG A 117 -24.17 -18.22 24.07
CA ARG A 117 -23.45 -18.80 22.94
C ARG A 117 -22.09 -18.12 22.81
N VAL A 118 -21.36 -18.48 21.75
CA VAL A 118 -20.06 -17.90 21.45
C VAL A 118 -20.00 -17.61 19.97
N THR A 119 -20.91 -18.21 19.21
CA THR A 119 -20.99 -18.03 17.77
C THR A 119 -22.16 -17.13 17.43
N ILE A 120 -21.92 -16.12 16.58
CA ILE A 120 -22.97 -15.18 16.23
C ILE A 120 -23.98 -15.84 15.29
N MET A 121 -25.19 -15.31 15.29
CA MET A 121 -26.30 -15.82 14.50
C MET A 121 -26.99 -14.65 13.80
N PRO A 122 -27.72 -14.92 12.72
CA PRO A 122 -28.47 -13.84 12.06
C PRO A 122 -29.51 -13.19 12.95
N LYS A 123 -30.11 -13.94 13.88
CA LYS A 123 -31.06 -13.34 14.81
C LYS A 123 -30.39 -12.33 15.73
N ASP A 124 -29.08 -12.44 15.94
CA ASP A 124 -28.35 -11.39 16.67
C ASP A 124 -28.29 -10.11 15.85
N ILE A 125 -28.16 -10.24 14.53
CA ILE A 125 -28.17 -9.06 13.66
C ILE A 125 -29.57 -8.44 13.63
N GLN A 126 -30.60 -9.28 13.53
CA GLN A 126 -31.97 -8.77 13.51
C GLN A 126 -32.33 -8.10 14.82
N LEU A 127 -31.94 -8.70 15.95
CA LEU A 127 -32.20 -8.08 17.24
C LEU A 127 -31.38 -6.81 17.43
N ALA A 128 -30.16 -6.78 16.87
CA ALA A 128 -29.34 -5.58 16.96
C ALA A 128 -29.98 -4.43 16.18
N ARG A 129 -30.48 -4.71 14.97
CA ARG A 129 -31.15 -3.68 14.20
C ARG A 129 -32.49 -3.30 14.81
N ARG A 130 -33.11 -4.21 15.55
CA ARG A 130 -34.38 -3.90 16.20
C ARG A 130 -34.17 -2.96 17.39
N ILE A 131 -33.21 -3.29 18.25
CA ILE A 131 -32.94 -2.45 19.42
C ILE A 131 -32.32 -1.12 19.00
N ARG A 132 -31.51 -1.12 17.93
CA ARG A 132 -30.90 0.11 17.48
C ARG A 132 -31.95 1.10 16.98
N GLY A 133 -33.01 0.60 16.35
CA GLY A 133 -34.09 1.43 15.88
C GLY A 133 -33.99 1.86 14.42
N GLU A 134 -32.87 1.55 13.75
CA GLU A 134 -32.67 1.91 12.36
C GLU A 134 -33.13 0.82 11.40
N ARG A 135 -34.05 -0.05 11.83
CA ARG A 135 -34.55 -1.11 10.97
C ARG A 135 -35.64 -0.60 10.04
N LYS B 17 -7.65 -19.57 -21.36
CA LYS B 17 -8.68 -19.01 -22.24
C LYS B 17 -8.25 -17.67 -22.81
N ARG B 18 -8.07 -16.69 -21.92
CA ARG B 18 -7.66 -15.33 -22.29
C ARG B 18 -8.64 -14.73 -23.31
N HIS B 19 -9.93 -14.89 -23.05
CA HIS B 19 -10.98 -14.40 -23.95
C HIS B 19 -11.75 -13.26 -23.29
N ARG B 20 -12.52 -13.53 -22.24
CA ARG B 20 -13.29 -12.51 -21.55
C ARG B 20 -13.09 -12.68 -20.05
N LYS B 21 -13.30 -11.57 -19.33
CA LYS B 21 -13.17 -11.53 -17.87
C LYS B 21 -14.46 -10.95 -17.30
N VAL B 22 -15.38 -11.82 -16.90
CA VAL B 22 -16.65 -11.40 -16.32
C VAL B 22 -16.51 -11.38 -14.80
N LEU B 23 -16.80 -10.23 -14.20
CA LEU B 23 -16.71 -10.06 -12.76
C LEU B 23 -18.04 -10.26 -12.04
N ARG B 24 -19.13 -10.47 -12.78
CA ARG B 24 -20.48 -10.66 -12.23
C ARG B 24 -20.83 -9.41 -11.43
N ASP B 25 -21.23 -9.52 -10.17
CA ASP B 25 -21.54 -8.37 -9.35
C ASP B 25 -20.32 -7.96 -8.52
N ASN B 26 -20.21 -6.65 -8.26
CA ASN B 26 -19.10 -6.11 -7.49
C ASN B 26 -19.31 -6.23 -5.99
N ILE B 27 -20.36 -6.92 -5.54
CA ILE B 27 -20.58 -7.10 -4.11
C ILE B 27 -19.62 -8.13 -3.54
N GLN B 28 -18.98 -8.93 -4.39
CA GLN B 28 -18.04 -9.94 -3.95
C GLN B 28 -16.66 -9.38 -3.62
N GLY B 29 -16.47 -8.06 -3.73
CA GLY B 29 -15.19 -7.48 -3.40
C GLY B 29 -14.82 -7.66 -1.93
N ILE B 30 -15.81 -7.56 -1.05
CA ILE B 30 -15.60 -7.80 0.38
C ILE B 30 -15.68 -9.30 0.62
N THR B 31 -14.55 -9.91 0.96
CA THR B 31 -14.46 -11.35 1.09
C THR B 31 -14.73 -11.75 2.55
N LYS B 32 -14.47 -13.03 2.86
CA LYS B 32 -14.71 -13.52 4.22
C LYS B 32 -13.70 -12.98 5.22
N PRO B 33 -12.38 -13.06 4.99
CA PRO B 33 -11.44 -12.59 6.01
C PRO B 33 -11.51 -11.10 6.28
N ALA B 34 -12.12 -10.31 5.40
CA ALA B 34 -12.28 -8.88 5.67
C ALA B 34 -13.24 -8.65 6.82
N ILE B 35 -14.48 -9.15 6.69
CA ILE B 35 -15.44 -9.07 7.78
C ILE B 35 -14.99 -9.91 8.96
N ARG B 36 -14.16 -10.92 8.73
CA ARG B 36 -13.56 -11.65 9.84
C ARG B 36 -12.63 -10.75 10.65
N ARG B 37 -11.89 -9.88 9.98
CA ARG B 37 -11.05 -8.92 10.69
C ARG B 37 -11.87 -7.81 11.32
N LEU B 38 -12.99 -7.43 10.68
CA LEU B 38 -13.87 -6.44 11.29
C LEU B 38 -14.47 -6.96 12.59
N ALA B 39 -14.95 -8.21 12.58
CA ALA B 39 -15.44 -8.83 13.82
C ALA B 39 -14.29 -9.09 14.78
N ARG B 40 -13.07 -9.24 14.28
CA ARG B 40 -11.91 -9.41 15.15
C ARG B 40 -11.64 -8.13 15.93
N ARG B 41 -11.77 -6.97 15.26
CA ARG B 41 -11.65 -5.70 15.96
C ARG B 41 -12.85 -5.45 16.87
N GLY B 42 -14.04 -5.88 16.45
CA GLY B 42 -15.23 -5.71 17.28
C GLY B 42 -15.20 -6.51 18.57
N GLY B 43 -14.46 -7.61 18.60
CA GLY B 43 -14.34 -8.42 19.80
C GLY B 43 -15.13 -9.71 19.74
N VAL B 44 -14.97 -10.46 18.65
CA VAL B 44 -15.67 -11.72 18.46
C VAL B 44 -14.63 -12.82 18.34
N LYS B 45 -14.82 -13.91 19.10
CA LYS B 45 -13.90 -15.03 19.08
C LYS B 45 -14.04 -15.83 17.79
N ARG B 46 -15.19 -16.49 17.62
CA ARG B 46 -15.45 -17.30 16.44
C ARG B 46 -16.83 -16.93 15.89
N ILE B 47 -16.89 -16.71 14.58
CA ILE B 47 -18.14 -16.32 13.93
C ILE B 47 -18.77 -17.56 13.29
N SER B 48 -19.84 -17.35 12.52
CA SER B 48 -20.55 -18.45 11.88
C SER B 48 -20.15 -18.57 10.42
N GLY B 49 -21.13 -18.76 9.53
CA GLY B 49 -20.88 -18.86 8.12
C GLY B 49 -21.70 -17.90 7.30
N LEU B 50 -23.02 -18.02 7.34
CA LEU B 50 -23.89 -17.16 6.57
C LEU B 50 -24.10 -15.82 7.28
N ILE B 51 -23.01 -15.14 7.62
CA ILE B 51 -23.06 -13.86 8.31
C ILE B 51 -22.58 -12.73 7.43
N TYR B 52 -21.52 -12.96 6.64
CA TYR B 52 -21.01 -11.90 5.77
C TYR B 52 -21.98 -11.60 4.64
N GLU B 53 -22.76 -12.59 4.21
CA GLU B 53 -23.72 -12.36 3.13
C GLU B 53 -24.81 -11.39 3.56
N GLU B 54 -25.31 -11.54 4.79
CA GLU B 54 -26.27 -10.56 5.32
C GLU B 54 -25.56 -9.26 5.72
N THR B 55 -24.29 -9.35 6.10
CA THR B 55 -23.53 -8.16 6.45
C THR B 55 -23.39 -7.23 5.24
N ARG B 56 -23.20 -7.80 4.05
CA ARG B 56 -23.18 -6.98 2.84
C ARG B 56 -24.51 -6.28 2.62
N GLY B 57 -25.62 -6.93 3.01
CA GLY B 57 -26.91 -6.26 2.91
C GLY B 57 -27.06 -5.17 3.94
N VAL B 58 -26.51 -5.36 5.14
CA VAL B 58 -26.52 -4.30 6.15
C VAL B 58 -25.74 -3.09 5.67
N LEU B 59 -24.56 -3.32 5.09
CA LEU B 59 -23.80 -2.23 4.52
C LEU B 59 -24.52 -1.61 3.32
N LYS B 60 -25.30 -2.42 2.59
CA LYS B 60 -26.06 -1.89 1.47
C LYS B 60 -27.14 -0.93 1.94
N VAL B 61 -27.91 -1.32 2.95
CA VAL B 61 -28.95 -0.45 3.48
C VAL B 61 -28.35 0.78 4.14
N PHE B 62 -27.28 0.59 4.92
CA PHE B 62 -26.58 1.70 5.55
C PHE B 62 -25.60 2.40 4.62
N LEU B 63 -25.70 2.17 3.32
CA LEU B 63 -24.84 2.82 2.34
C LEU B 63 -25.61 3.53 1.24
N GLU B 64 -26.71 2.95 0.76
CA GLU B 64 -27.49 3.59 -0.29
C GLU B 64 -28.11 4.90 0.19
N ASN B 65 -28.37 5.05 1.49
CA ASN B 65 -28.90 6.29 2.00
C ASN B 65 -27.84 7.39 2.02
N VAL B 66 -26.62 7.05 2.45
CA VAL B 66 -25.54 8.04 2.47
C VAL B 66 -25.16 8.43 1.05
N ILE B 67 -25.09 7.45 0.15
CA ILE B 67 -24.78 7.76 -1.25
C ILE B 67 -25.89 8.59 -1.87
N ARG B 68 -27.15 8.26 -1.55
CA ARG B 68 -28.28 9.03 -2.07
C ARG B 68 -28.23 10.48 -1.60
N ASP B 69 -27.95 10.69 -0.30
CA ASP B 69 -27.84 12.05 0.21
C ASP B 69 -26.66 12.78 -0.41
N ALA B 70 -25.56 12.06 -0.66
CA ALA B 70 -24.41 12.69 -1.30
C ALA B 70 -24.74 13.13 -2.72
N VAL B 71 -25.46 12.30 -3.46
CA VAL B 71 -25.87 12.69 -4.81
C VAL B 71 -26.86 13.85 -4.76
N THR B 72 -27.72 13.90 -3.74
CA THR B 72 -28.66 15.01 -3.62
C THR B 72 -27.94 16.32 -3.35
N TYR B 73 -27.03 16.32 -2.36
CA TYR B 73 -26.25 17.53 -2.07
C TYR B 73 -25.38 17.93 -3.24
N THR B 74 -24.87 16.95 -3.99
CA THR B 74 -24.04 17.28 -5.16
C THR B 74 -24.86 17.93 -6.25
N GLU B 75 -26.03 17.35 -6.57
CA GLU B 75 -26.87 17.90 -7.62
C GLU B 75 -27.46 19.25 -7.22
N HIS B 76 -27.71 19.48 -5.93
CA HIS B 76 -28.28 20.73 -5.49
C HIS B 76 -27.29 21.90 -5.61
N ALA B 77 -25.99 21.61 -5.56
CA ALA B 77 -24.96 22.63 -5.59
C ALA B 77 -24.56 23.03 -7.00
N LYS B 78 -25.39 22.74 -7.99
CA LYS B 78 -25.14 23.10 -9.40
C LYS B 78 -23.80 22.54 -9.87
N ARG B 79 -23.56 21.26 -9.57
CA ARG B 79 -22.33 20.61 -9.98
C ARG B 79 -22.55 19.10 -10.06
N LYS B 80 -21.71 18.44 -10.85
CA LYS B 80 -21.79 17.00 -11.05
C LYS B 80 -20.50 16.32 -10.60
N THR B 81 -19.99 16.75 -9.45
CA THR B 81 -18.76 16.18 -8.88
C THR B 81 -18.92 16.11 -7.37
N VAL B 82 -18.94 14.89 -6.84
CA VAL B 82 -19.11 14.70 -5.39
C VAL B 82 -17.82 15.11 -4.68
N THR B 83 -17.95 16.00 -3.71
CA THR B 83 -16.81 16.49 -2.93
C THR B 83 -16.76 15.75 -1.59
N ALA B 84 -16.14 16.37 -0.59
CA ALA B 84 -16.03 15.79 0.74
C ALA B 84 -16.95 16.45 1.78
N MET B 85 -17.30 17.72 1.59
CA MET B 85 -18.13 18.40 2.58
C MET B 85 -19.57 17.86 2.56
N ASP B 86 -20.08 17.51 1.38
CA ASP B 86 -21.42 16.97 1.30
C ASP B 86 -21.54 15.63 2.02
N VAL B 87 -20.47 14.84 2.03
CA VAL B 87 -20.50 13.58 2.77
C VAL B 87 -20.55 13.85 4.28
N VAL B 88 -19.80 14.84 4.75
CA VAL B 88 -19.82 15.19 6.16
C VAL B 88 -21.19 15.72 6.56
N TYR B 89 -21.81 16.52 5.68
CA TYR B 89 -23.14 17.04 5.97
C TYR B 89 -24.17 15.92 5.99
N ALA B 90 -24.07 14.97 5.05
CA ALA B 90 -25.01 13.87 5.01
C ALA B 90 -24.85 12.95 6.21
N LEU B 91 -23.62 12.73 6.67
CA LEU B 91 -23.39 11.89 7.84
C LEU B 91 -23.86 12.59 9.11
N LYS B 92 -23.56 13.88 9.24
CA LYS B 92 -24.01 14.64 10.41
C LYS B 92 -25.52 14.82 10.44
N ARG B 93 -26.18 14.76 9.28
CA ARG B 93 -27.64 14.86 9.26
C ARG B 93 -28.29 13.62 9.85
N GLN B 94 -27.71 12.44 9.59
CA GLN B 94 -28.24 11.18 10.07
C GLN B 94 -27.76 10.84 11.48
N GLY B 95 -27.04 11.76 12.14
CA GLY B 95 -26.54 11.50 13.47
C GLY B 95 -25.21 10.80 13.53
N ARG B 96 -24.41 10.87 12.46
CA ARG B 96 -23.09 10.25 12.40
C ARG B 96 -22.06 11.35 12.24
N THR B 97 -21.72 12.01 13.34
CA THR B 97 -20.78 13.12 13.30
C THR B 97 -19.38 12.59 12.99
N LEU B 98 -18.77 13.14 11.95
CA LEU B 98 -17.43 12.75 11.51
C LEU B 98 -16.57 13.99 11.32
N TYR B 99 -15.35 13.93 11.81
CA TYR B 99 -14.39 15.03 11.71
C TYR B 99 -13.25 14.63 10.79
N GLY B 100 -12.20 15.45 10.78
CA GLY B 100 -11.01 15.17 9.99
C GLY B 100 -11.00 15.74 8.60
N PHE B 101 -12.08 15.54 7.84
CA PHE B 101 -12.18 16.00 6.46
C PHE B 101 -13.01 17.28 6.37
N GLY B 102 -12.65 18.28 7.16
CA GLY B 102 -13.36 19.54 7.17
C GLY B 102 -14.52 19.56 8.14
N GLY B 103 -15.24 20.69 8.12
CA GLY B 103 -16.38 20.87 8.99
C GLY B 103 -16.21 22.04 9.96
N THR C 17 -55.63 37.82 -2.21
CA THR C 17 -54.60 37.14 -1.43
C THR C 17 -53.81 36.16 -2.29
N ARG C 18 -52.56 35.90 -1.89
CA ARG C 18 -51.73 34.96 -2.64
C ARG C 18 -52.17 33.51 -2.45
N SER C 19 -52.90 33.21 -1.37
CA SER C 19 -53.37 31.85 -1.16
C SER C 19 -54.46 31.48 -2.17
N SER C 20 -55.33 32.44 -2.52
CA SER C 20 -56.37 32.17 -3.51
C SER C 20 -55.79 32.13 -4.91
N ARG C 21 -54.77 32.93 -5.19
CA ARG C 21 -54.14 32.92 -6.52
C ARG C 21 -53.28 31.67 -6.70
N ALA C 22 -52.68 31.16 -5.63
CA ALA C 22 -51.85 29.98 -5.74
C ALA C 22 -52.66 28.69 -5.88
N GLY C 23 -53.96 28.74 -5.61
CA GLY C 23 -54.79 27.55 -5.72
C GLY C 23 -54.62 26.55 -4.61
N LEU C 24 -54.25 27.00 -3.41
CA LEU C 24 -54.05 26.12 -2.27
C LEU C 24 -55.03 26.52 -1.16
N GLN C 25 -54.84 25.91 0.01
CA GLN C 25 -55.70 26.17 1.16
C GLN C 25 -54.95 26.74 2.34
N PHE C 26 -53.70 26.30 2.57
CA PHE C 26 -52.91 26.85 3.66
C PHE C 26 -52.48 28.28 3.35
N PRO C 27 -52.33 29.13 4.36
CA PRO C 27 -51.97 30.52 4.12
C PRO C 27 -50.56 30.68 3.57
N VAL C 28 -50.31 31.84 2.98
CA VAL C 28 -49.03 32.16 2.36
C VAL C 28 -48.36 33.36 3.02
N GLY C 29 -49.14 34.41 3.32
CA GLY C 29 -48.56 35.58 3.95
C GLY C 29 -48.14 35.34 5.38
N ARG C 30 -48.91 34.52 6.11
CA ARG C 30 -48.59 34.28 7.52
C ARG C 30 -47.37 33.36 7.64
N VAL C 31 -47.32 32.29 6.85
CA VAL C 31 -46.14 31.44 6.86
C VAL C 31 -44.94 32.19 6.28
N HIS C 32 -45.18 33.15 5.39
CA HIS C 32 -44.11 34.00 4.90
C HIS C 32 -43.55 34.89 6.00
N ARG C 33 -44.44 35.43 6.84
CA ARG C 33 -43.99 36.17 8.01
C ARG C 33 -43.25 35.25 8.99
N LEU C 34 -43.67 33.99 9.08
CA LEU C 34 -42.92 33.03 9.88
C LEU C 34 -41.54 32.77 9.29
N LEU C 35 -41.40 32.88 7.97
CA LEU C 35 -40.07 32.78 7.37
C LEU C 35 -39.26 34.05 7.60
N ARG C 36 -39.93 35.19 7.77
CA ARG C 36 -39.22 36.44 8.04
C ARG C 36 -38.94 36.60 9.54
N LYS C 37 -39.96 36.43 10.37
CA LYS C 37 -39.78 36.60 11.81
C LYS C 37 -39.04 35.44 12.44
N GLY C 38 -39.09 34.25 11.83
CA GLY C 38 -38.43 33.09 12.39
C GLY C 38 -36.91 33.19 12.46
N ASN C 39 -36.32 34.16 11.76
CA ASN C 39 -34.87 34.39 11.77
C ASN C 39 -34.12 33.14 11.29
N TYR C 40 -34.31 32.86 9.99
CA TYR C 40 -33.68 31.73 9.33
C TYR C 40 -32.67 32.17 8.28
N ALA C 41 -33.07 33.02 7.35
CA ALA C 41 -32.20 33.50 6.29
C ALA C 41 -32.32 35.02 6.16
N GLU C 42 -31.33 35.62 5.51
CA GLU C 42 -31.35 37.06 5.30
C GLU C 42 -32.41 37.47 4.29
N ARG C 43 -32.51 36.74 3.19
CA ARG C 43 -33.52 36.98 2.17
C ARG C 43 -34.46 35.79 2.07
N VAL C 44 -35.59 36.01 1.39
CA VAL C 44 -36.59 34.97 1.19
C VAL C 44 -36.92 34.88 -0.30
N GLY C 45 -37.44 33.73 -0.70
CA GLY C 45 -37.80 33.50 -2.08
C GLY C 45 -39.18 33.99 -2.43
N ALA C 46 -39.59 33.71 -3.67
CA ALA C 46 -40.89 34.12 -4.18
C ALA C 46 -41.90 32.98 -4.19
N GLY C 47 -41.46 31.76 -4.51
CA GLY C 47 -42.35 30.62 -4.54
C GLY C 47 -42.09 29.62 -3.43
N ALA C 48 -41.37 30.07 -2.39
CA ALA C 48 -41.08 29.16 -1.27
C ALA C 48 -42.31 28.89 -0.41
N PRO C 49 -43.08 29.88 0.05
CA PRO C 49 -44.27 29.56 0.86
C PRO C 49 -45.35 28.84 0.08
N VAL C 50 -45.40 29.00 -1.24
CA VAL C 50 -46.39 28.27 -2.04
C VAL C 50 -46.00 26.80 -2.14
N TYR C 51 -44.72 26.53 -2.39
CA TYR C 51 -44.25 25.14 -2.45
C TYR C 51 -44.39 24.47 -1.09
N LEU C 52 -43.98 25.16 -0.02
CA LEU C 52 -44.11 24.60 1.32
C LEU C 52 -45.57 24.38 1.69
N ALA C 53 -46.44 25.31 1.31
CA ALA C 53 -47.86 25.13 1.56
C ALA C 53 -48.44 23.96 0.77
N ALA C 54 -47.91 23.71 -0.43
CA ALA C 54 -48.37 22.57 -1.21
C ALA C 54 -47.90 21.25 -0.60
N VAL C 55 -46.66 21.21 -0.10
CA VAL C 55 -46.15 20.01 0.55
C VAL C 55 -46.94 19.73 1.84
N LEU C 56 -47.15 20.76 2.65
CA LEU C 56 -47.94 20.60 3.86
C LEU C 56 -49.37 20.22 3.55
N GLU C 57 -49.91 20.69 2.42
CA GLU C 57 -51.25 20.29 2.01
C GLU C 57 -51.28 18.83 1.59
N TYR C 58 -50.21 18.34 0.94
CA TYR C 58 -50.14 16.94 0.57
C TYR C 58 -50.04 16.05 1.80
N LEU C 59 -49.16 16.41 2.75
CA LEU C 59 -49.04 15.64 3.98
C LEU C 59 -50.34 15.68 4.78
N THR C 60 -51.03 16.83 4.76
CA THR C 60 -52.31 16.92 5.45
C THR C 60 -53.36 16.04 4.78
N ALA C 61 -53.38 15.99 3.45
CA ALA C 61 -54.34 15.15 2.74
C ALA C 61 -54.06 13.68 2.98
N GLU C 62 -52.78 13.29 3.07
CA GLU C 62 -52.45 11.89 3.28
C GLU C 62 -52.75 11.47 4.72
N ILE C 63 -52.29 12.27 5.69
CA ILE C 63 -52.51 11.91 7.09
C ILE C 63 -54.00 11.94 7.44
N LEU C 64 -54.73 12.96 6.96
CA LEU C 64 -56.16 13.02 7.21
C LEU C 64 -56.91 11.98 6.40
N GLU C 65 -56.35 11.54 5.28
CA GLU C 65 -56.99 10.48 4.49
C GLU C 65 -56.90 9.14 5.19
N LEU C 66 -55.68 8.73 5.57
CA LEU C 66 -55.52 7.49 6.31
C LEU C 66 -56.18 7.55 7.68
N ALA C 67 -56.28 8.76 8.26
CA ALA C 67 -57.02 8.92 9.50
C ALA C 67 -58.52 8.75 9.28
N GLY C 68 -59.02 9.18 8.13
CA GLY C 68 -60.43 8.96 7.81
C GLY C 68 -60.74 7.49 7.56
N ASN C 69 -59.84 6.80 6.84
CA ASN C 69 -60.02 5.37 6.63
C ASN C 69 -59.95 4.61 7.96
N ALA C 70 -58.98 4.97 8.81
CA ALA C 70 -58.90 4.35 10.13
C ALA C 70 -60.13 4.67 10.97
N ALA C 71 -60.74 5.84 10.75
CA ALA C 71 -61.99 6.16 11.44
C ALA C 71 -63.14 5.31 10.93
N ARG C 72 -63.16 5.01 9.62
CA ARG C 72 -64.17 4.14 9.06
C ARG C 72 -63.94 2.67 9.37
N ASP C 73 -62.74 2.29 9.82
CA ASP C 73 -62.48 0.90 10.17
C ASP C 73 -63.22 0.49 11.44
N ASN C 74 -63.52 1.44 12.32
CA ASN C 74 -64.22 1.17 13.57
C ASN C 74 -65.60 1.78 13.60
N LYS C 75 -66.12 2.26 12.46
CA LYS C 75 -67.45 2.86 12.36
C LYS C 75 -67.58 4.06 13.30
N LYS C 76 -66.70 5.04 13.10
CA LYS C 76 -66.68 6.25 13.90
C LYS C 76 -66.67 7.46 12.98
N THR C 77 -67.46 8.48 13.33
CA THR C 77 -67.53 9.70 12.53
C THR C 77 -66.37 10.63 12.87
N ARG C 78 -66.31 11.10 14.11
CA ARG C 78 -65.24 11.99 14.55
C ARG C 78 -63.96 11.19 14.76
N ILE C 79 -62.88 11.65 14.15
CA ILE C 79 -61.59 10.96 14.24
C ILE C 79 -60.97 11.23 15.60
N ILE C 80 -60.49 10.17 16.25
CA ILE C 80 -59.86 10.27 17.57
C ILE C 80 -58.34 10.16 17.37
N PRO C 81 -57.52 10.58 18.33
CA PRO C 81 -56.07 10.42 18.17
C PRO C 81 -55.64 8.97 18.01
N ARG C 82 -56.42 8.02 18.53
CA ARG C 82 -56.11 6.61 18.31
C ARG C 82 -56.17 6.26 16.83
N HIS C 83 -57.07 6.89 16.07
CA HIS C 83 -57.10 6.68 14.63
C HIS C 83 -55.86 7.27 13.96
N LEU C 84 -55.29 8.33 14.54
CA LEU C 84 -54.02 8.84 14.03
C LEU C 84 -52.89 7.88 14.32
N GLN C 85 -52.85 7.30 15.53
CA GLN C 85 -51.82 6.33 15.86
C GLN C 85 -51.90 5.10 14.97
N LEU C 86 -53.09 4.52 14.84
CA LEU C 86 -53.28 3.37 13.98
C LEU C 86 -53.13 3.72 12.51
N ALA C 87 -53.25 5.00 12.15
CA ALA C 87 -53.11 5.40 10.76
C ALA C 87 -51.66 5.66 10.39
N VAL C 88 -50.82 6.06 11.35
CA VAL C 88 -49.41 6.30 11.07
C VAL C 88 -48.58 5.05 11.29
N ARG C 89 -48.86 4.29 12.36
CA ARG C 89 -48.06 3.10 12.66
C ARG C 89 -48.32 1.96 11.69
N ASN C 90 -49.44 1.99 10.97
CA ASN C 90 -49.76 0.92 10.03
C ASN C 90 -48.99 1.05 8.71
N ASP C 91 -48.58 2.25 8.34
CA ASP C 91 -47.85 2.47 7.10
C ASP C 91 -46.36 2.26 7.33
N GLU C 92 -45.63 2.11 6.23
CA GLU C 92 -44.19 1.88 6.29
C GLU C 92 -43.41 3.19 6.14
N GLU C 93 -43.68 3.95 5.09
CA GLU C 93 -42.99 5.21 4.87
C GLU C 93 -43.34 6.23 5.96
N LEU C 94 -44.59 6.21 6.44
CA LEU C 94 -44.96 7.10 7.53
C LEU C 94 -44.30 6.69 8.85
N ASN C 95 -44.11 5.39 9.07
CA ASN C 95 -43.39 4.94 10.26
C ASN C 95 -41.91 5.29 10.18
N LYS C 96 -41.34 5.21 8.97
CA LYS C 96 -39.94 5.60 8.81
C LYS C 96 -39.75 7.10 8.96
N LEU C 97 -40.73 7.90 8.51
CA LEU C 97 -40.64 9.35 8.66
C LEU C 97 -40.82 9.77 10.12
N LEU C 98 -41.79 9.18 10.81
CA LEU C 98 -42.08 9.50 12.19
C LEU C 98 -41.59 8.37 13.09
N GLY C 99 -40.27 8.23 13.16
CA GLY C 99 -39.67 7.18 13.97
C GLY C 99 -39.69 7.49 15.45
N ARG C 100 -39.03 8.58 15.86
CA ARG C 100 -38.98 9.00 17.26
C ARG C 100 -40.11 9.96 17.60
N VAL C 101 -41.33 9.68 17.15
CA VAL C 101 -42.49 10.54 17.39
C VAL C 101 -43.50 9.75 18.21
N THR C 102 -44.00 10.37 19.28
CA THR C 102 -44.99 9.76 20.15
C THR C 102 -46.27 10.59 20.08
N ILE C 103 -47.29 10.03 19.42
CA ILE C 103 -48.56 10.73 19.29
C ILE C 103 -49.27 10.75 20.63
N ALA C 104 -49.83 11.92 20.98
CA ALA C 104 -50.50 12.07 22.27
C ALA C 104 -51.81 11.29 22.29
N GLN C 105 -52.09 10.65 23.43
CA GLN C 105 -53.31 9.88 23.64
C GLN C 105 -53.47 8.80 22.57
N GLY C 106 -52.38 8.08 22.31
CA GLY C 106 -52.39 7.02 21.32
C GLY C 106 -52.27 5.63 21.92
N GLY C 107 -51.67 4.71 21.18
CA GLY C 107 -51.49 3.35 21.64
C GLY C 107 -50.48 2.57 20.84
N VAL C 108 -50.63 1.24 20.81
CA VAL C 108 -49.74 0.36 20.08
C VAL C 108 -50.57 -0.51 19.14
N LEU C 109 -49.89 -1.09 18.15
CA LEU C 109 -50.56 -1.97 17.20
C LEU C 109 -50.77 -3.34 17.82
N PRO C 110 -51.92 -3.98 17.57
CA PRO C 110 -52.15 -5.33 18.09
C PRO C 110 -51.21 -6.35 17.48
N ASN C 111 -49.96 -6.36 17.96
CA ASN C 111 -48.93 -7.27 17.44
C ASN C 111 -48.57 -8.26 18.54
N ILE C 112 -48.92 -9.53 18.32
CA ILE C 112 -48.65 -10.61 19.26
C ILE C 112 -47.80 -11.65 18.56
N GLN C 113 -46.69 -12.02 19.18
CA GLN C 113 -45.80 -13.02 18.59
C GLN C 113 -46.48 -14.38 18.52
N SER C 114 -46.16 -15.11 17.45
CA SER C 114 -46.76 -16.43 17.25
C SER C 114 -46.19 -17.47 18.21
N VAL C 115 -45.04 -17.20 18.82
CA VAL C 115 -44.45 -18.16 19.77
C VAL C 115 -45.16 -18.17 21.12
N LEU C 116 -46.02 -17.19 21.39
CA LEU C 116 -46.75 -17.13 22.65
C LEU C 116 -48.13 -17.76 22.57
N LEU C 117 -48.50 -18.32 21.42
CA LEU C 117 -49.81 -18.94 21.29
C LEU C 117 -49.81 -20.31 21.98
N PRO C 118 -50.93 -20.68 22.62
CA PRO C 118 -50.98 -21.98 23.29
C PRO C 118 -50.99 -23.15 22.31
N LYS C 119 -49.83 -23.76 22.11
CA LYS C 119 -49.70 -24.88 21.18
C LYS C 119 -48.80 -25.96 21.78
N LYS D 29 -56.79 39.86 26.57
CA LYS D 29 -56.81 38.51 26.01
C LYS D 29 -55.76 38.35 24.92
N THR D 30 -55.07 37.22 24.92
CA THR D 30 -54.03 36.94 23.93
C THR D 30 -54.64 36.22 22.73
N ARG D 31 -54.36 36.75 21.54
CA ARG D 31 -54.85 36.17 20.29
C ARG D 31 -53.79 35.20 19.77
N LYS D 32 -53.90 33.94 20.17
CA LYS D 32 -52.94 32.93 19.76
C LYS D 32 -53.21 32.48 18.33
N GLU D 33 -52.16 31.98 17.68
CA GLU D 33 -52.24 31.53 16.30
C GLU D 33 -52.29 30.00 16.25
N SER D 34 -53.13 29.47 15.38
CA SER D 34 -53.27 28.03 15.24
C SER D 34 -53.90 27.72 13.88
N TYR D 35 -53.53 26.57 13.33
CA TYR D 35 -54.05 26.12 12.04
C TYR D 35 -55.33 25.33 12.28
N ALA D 36 -56.42 26.07 12.49
CA ALA D 36 -57.71 25.48 12.81
C ALA D 36 -58.64 25.42 11.60
N ILE D 37 -58.96 26.56 11.01
CA ILE D 37 -59.90 26.62 9.91
C ILE D 37 -59.18 26.50 8.57
N TYR D 38 -57.92 26.03 8.62
CA TYR D 38 -57.16 25.74 7.41
C TYR D 38 -56.99 24.26 7.13
N VAL D 39 -57.25 23.40 8.11
CA VAL D 39 -57.13 21.95 7.90
C VAL D 39 -58.48 21.32 7.58
N TYR D 40 -59.57 21.92 8.07
CA TYR D 40 -60.90 21.37 7.81
C TYR D 40 -61.27 21.46 6.33
N LYS D 41 -60.65 22.38 5.60
CA LYS D 41 -60.91 22.46 4.16
C LYS D 41 -60.36 21.23 3.44
N VAL D 42 -59.08 20.93 3.64
CA VAL D 42 -58.49 19.73 3.06
C VAL D 42 -59.16 18.48 3.62
N LEU D 43 -59.63 18.53 4.87
CA LEU D 43 -60.34 17.41 5.44
C LEU D 43 -61.65 17.16 4.71
N LYS D 44 -62.41 18.21 4.42
CA LYS D 44 -63.67 18.06 3.69
C LYS D 44 -63.44 17.74 2.22
N GLN D 45 -62.29 18.10 1.66
CA GLN D 45 -61.99 17.77 0.28
C GLN D 45 -61.76 16.28 0.05
N VAL D 46 -61.56 15.50 1.10
CA VAL D 46 -61.33 14.06 0.97
C VAL D 46 -62.35 13.30 1.80
N HIS D 47 -62.88 13.94 2.84
CA HIS D 47 -63.87 13.32 3.73
C HIS D 47 -64.86 14.37 4.17
N PRO D 48 -65.93 14.58 3.40
CA PRO D 48 -66.91 15.61 3.77
C PRO D 48 -67.96 15.09 4.73
N ASP D 49 -67.62 14.10 5.56
CA ASP D 49 -68.57 13.54 6.50
C ASP D 49 -67.89 13.02 7.77
N THR D 50 -66.71 13.54 8.10
CA THR D 50 -65.98 13.13 9.29
C THR D 50 -65.59 14.36 10.10
N GLY D 51 -65.15 14.13 11.33
CA GLY D 51 -64.70 15.19 12.19
C GLY D 51 -63.37 14.88 12.84
N ILE D 52 -62.92 15.74 13.75
CA ILE D 52 -61.66 15.52 14.46
C ILE D 52 -61.74 16.22 15.82
N SER D 53 -61.21 15.55 16.84
CA SER D 53 -61.23 16.10 18.18
C SER D 53 -60.18 17.19 18.33
N SER D 54 -60.29 17.94 19.44
CA SER D 54 -59.35 19.04 19.67
C SER D 54 -57.97 18.54 20.07
N LYS D 55 -57.89 17.36 20.69
CA LYS D 55 -56.59 16.81 21.08
C LYS D 55 -55.74 16.51 19.85
N ALA D 56 -56.25 15.65 18.96
CA ALA D 56 -55.55 15.38 17.72
C ALA D 56 -55.47 16.62 16.83
N MET D 57 -56.34 17.61 17.03
CA MET D 57 -56.19 18.89 16.36
C MET D 57 -54.90 19.58 16.80
N SER D 58 -54.64 19.59 18.11
CA SER D 58 -53.38 20.15 18.59
C SER D 58 -52.20 19.28 18.15
N ILE D 59 -52.40 17.96 18.05
CA ILE D 59 -51.34 17.08 17.55
C ILE D 59 -50.99 17.44 16.12
N MET D 60 -51.99 17.72 15.29
CA MET D 60 -51.73 18.10 13.90
C MET D 60 -51.14 19.49 13.81
N ASN D 61 -51.55 20.41 14.69
CA ASN D 61 -50.97 21.74 14.69
C ASN D 61 -49.49 21.70 15.03
N SER D 62 -49.15 21.04 16.14
CA SER D 62 -47.74 20.86 16.50
C SER D 62 -46.98 20.03 15.48
N PHE D 63 -47.68 19.17 14.73
CA PHE D 63 -47.03 18.40 13.67
C PHE D 63 -46.65 19.30 12.51
N VAL D 64 -47.56 20.18 12.10
CA VAL D 64 -47.26 21.10 11.00
C VAL D 64 -46.19 22.10 11.43
N ASN D 65 -46.22 22.54 12.68
CA ASN D 65 -45.17 23.43 13.17
C ASN D 65 -43.83 22.71 13.24
N ASP D 66 -43.84 21.42 13.58
CA ASP D 66 -42.60 20.67 13.66
C ASP D 66 -42.00 20.43 12.28
N VAL D 67 -42.84 20.05 11.31
CA VAL D 67 -42.36 19.89 9.94
C VAL D 67 -41.86 21.22 9.38
N PHE D 68 -42.55 22.31 9.72
CA PHE D 68 -42.09 23.63 9.32
C PHE D 68 -40.75 23.96 9.95
N GLU D 69 -40.51 23.51 11.18
CA GLU D 69 -39.22 23.76 11.83
C GLU D 69 -38.12 22.94 11.19
N ARG D 70 -38.41 21.68 10.84
CA ARG D 70 -37.38 20.84 10.21
C ARG D 70 -37.04 21.33 8.82
N ILE D 71 -38.05 21.68 8.02
CA ILE D 71 -37.80 22.16 6.66
C ILE D 71 -37.13 23.54 6.70
N ALA D 72 -37.57 24.39 7.63
CA ALA D 72 -36.96 25.72 7.73
C ALA D 72 -35.50 25.63 8.17
N GLY D 73 -35.20 24.80 9.16
CA GLY D 73 -33.83 24.64 9.60
C GLY D 73 -32.96 23.97 8.56
N GLU D 74 -33.51 22.96 7.87
CA GLU D 74 -32.75 22.28 6.83
C GLU D 74 -32.44 23.22 5.67
N ALA D 75 -33.42 24.04 5.26
CA ALA D 75 -33.16 25.03 4.23
C ALA D 75 -32.22 26.12 4.73
N SER D 76 -32.18 26.35 6.05
CA SER D 76 -31.27 27.35 6.60
C SER D 76 -29.83 26.87 6.54
N ARG D 77 -29.57 25.65 7.03
CA ARG D 77 -28.21 25.12 7.00
C ARG D 77 -27.76 24.83 5.58
N LEU D 78 -28.69 24.38 4.72
CA LEU D 78 -28.34 24.15 3.32
C LEU D 78 -28.08 25.46 2.60
N ALA D 79 -28.79 26.53 2.96
CA ALA D 79 -28.51 27.84 2.40
C ALA D 79 -27.23 28.45 2.96
N HIS D 80 -26.78 28.00 4.13
CA HIS D 80 -25.55 28.49 4.73
C HIS D 80 -24.32 27.73 4.24
N TYR D 81 -24.48 26.47 3.85
CA TYR D 81 -23.32 25.69 3.39
C TYR D 81 -22.82 26.19 2.04
N ASN D 82 -23.73 26.61 1.17
CA ASN D 82 -23.37 27.08 -0.17
C ASN D 82 -23.13 28.58 -0.23
N LYS D 83 -22.98 29.23 0.93
CA LYS D 83 -22.76 30.68 1.00
C LYS D 83 -23.87 31.45 0.29
N ARG D 84 -25.10 30.99 0.44
CA ARG D 84 -26.26 31.60 -0.20
C ARG D 84 -26.99 32.48 0.79
N SER D 85 -27.49 33.61 0.30
CA SER D 85 -28.17 34.60 1.15
C SER D 85 -29.68 34.54 1.04
N THR D 86 -30.23 33.62 0.24
CA THR D 86 -31.66 33.52 0.06
C THR D 86 -32.07 32.06 0.01
N ILE D 87 -33.35 31.81 0.27
CA ILE D 87 -33.93 30.47 0.22
C ILE D 87 -35.06 30.52 -0.81
N THR D 88 -34.79 30.02 -2.00
CA THR D 88 -35.78 30.02 -3.07
C THR D 88 -36.67 28.79 -3.00
N SER D 89 -36.99 28.19 -4.16
CA SER D 89 -37.83 27.02 -4.21
C SER D 89 -37.03 25.72 -4.25
N ARG D 90 -35.80 25.76 -4.77
CA ARG D 90 -35.00 24.54 -4.85
C ARG D 90 -34.49 24.10 -3.48
N GLU D 91 -34.30 25.05 -2.55
CA GLU D 91 -33.86 24.69 -1.21
C GLU D 91 -34.96 23.93 -0.47
N ILE D 92 -36.20 24.42 -0.54
CA ILE D 92 -37.31 23.69 0.05
C ILE D 92 -37.56 22.41 -0.73
N GLN D 93 -37.25 22.39 -2.03
CA GLN D 93 -37.44 21.19 -2.82
C GLN D 93 -36.49 20.07 -2.36
N THR D 94 -35.20 20.37 -2.25
CA THR D 94 -34.25 19.37 -1.78
C THR D 94 -34.45 19.07 -0.30
N ALA D 95 -35.00 20.01 0.46
CA ALA D 95 -35.31 19.74 1.86
C ALA D 95 -36.46 18.76 1.98
N VAL D 96 -37.44 18.85 1.07
CA VAL D 96 -38.54 17.88 1.07
C VAL D 96 -38.06 16.54 0.55
N ARG D 97 -37.21 16.54 -0.49
CA ARG D 97 -36.68 15.29 -1.02
C ARG D 97 -35.84 14.56 0.01
N LEU D 98 -35.06 15.30 0.81
CA LEU D 98 -34.25 14.68 1.84
C LEU D 98 -35.06 14.36 3.10
N LEU D 99 -36.16 15.08 3.33
CA LEU D 99 -36.96 14.83 4.52
C LEU D 99 -37.94 13.68 4.30
N LEU D 100 -38.52 13.54 3.11
CA LEU D 100 -39.43 12.42 2.81
C LEU D 100 -38.71 11.09 2.43
N PRO D 101 -39.32 9.93 2.74
CA PRO D 101 -38.84 8.55 2.49
C PRO D 101 -38.71 8.03 1.03
N GLY D 102 -39.71 8.22 0.17
CA GLY D 102 -39.66 7.86 -1.23
C GLY D 102 -40.69 8.54 -2.12
N GLU D 103 -41.82 7.87 -2.34
CA GLU D 103 -42.81 8.37 -3.30
C GLU D 103 -43.44 9.68 -2.82
N LEU D 104 -43.55 9.88 -1.50
CA LEU D 104 -44.10 11.13 -1.00
C LEU D 104 -43.26 12.33 -1.42
N ALA D 105 -41.94 12.13 -1.56
CA ALA D 105 -41.09 13.21 -2.02
C ALA D 105 -41.38 13.57 -3.48
N LYS D 106 -41.56 12.55 -4.32
CA LYS D 106 -41.86 12.81 -5.72
C LYS D 106 -43.23 13.46 -5.89
N HIS D 107 -44.23 12.97 -5.16
CA HIS D 107 -45.54 13.60 -5.21
C HIS D 107 -45.52 15.02 -4.66
N ALA D 108 -44.69 15.28 -3.66
CA ALA D 108 -44.58 16.63 -3.12
C ALA D 108 -43.84 17.56 -4.08
N VAL D 109 -42.90 17.03 -4.86
CA VAL D 109 -42.22 17.84 -5.86
C VAL D 109 -43.15 18.15 -7.03
N SER D 110 -43.91 17.15 -7.48
CA SER D 110 -44.84 17.37 -8.58
C SER D 110 -45.97 18.32 -8.19
N GLU D 111 -46.59 18.07 -7.04
CA GLU D 111 -47.67 18.94 -6.58
C GLU D 111 -47.16 20.33 -6.25
N GLY D 112 -45.99 20.42 -5.61
CA GLY D 112 -45.43 21.71 -5.25
C GLY D 112 -45.06 22.54 -6.46
N THR D 113 -44.33 21.93 -7.41
CA THR D 113 -43.99 22.62 -8.64
C THR D 113 -45.22 22.95 -9.46
N LYS D 114 -46.29 22.15 -9.32
CA LYS D 114 -47.53 22.49 -10.00
C LYS D 114 -48.19 23.72 -9.36
N ALA D 115 -48.11 23.83 -8.04
CA ALA D 115 -48.68 25.00 -7.36
C ALA D 115 -47.86 26.25 -7.66
N VAL D 116 -46.53 26.15 -7.67
CA VAL D 116 -45.69 27.28 -8.02
C VAL D 116 -45.89 27.65 -9.48
N THR D 117 -46.11 26.65 -10.35
CA THR D 117 -46.36 26.93 -11.76
C THR D 117 -47.69 27.66 -11.96
N LYS D 118 -48.73 27.24 -11.24
CA LYS D 118 -50.01 27.93 -11.34
C LYS D 118 -49.93 29.33 -10.74
N TYR D 119 -49.15 29.50 -9.68
CA TYR D 119 -48.99 30.82 -9.07
C TYR D 119 -48.19 31.75 -9.98
N THR D 120 -47.23 31.22 -10.73
CA THR D 120 -46.42 32.05 -11.61
C THR D 120 -47.16 32.37 -12.91
N SER D 121 -47.92 31.42 -13.44
CA SER D 121 -48.67 31.66 -14.68
C SER D 121 -49.77 32.67 -14.48
N ALA D 122 -50.31 32.78 -13.27
CA ALA D 122 -51.36 33.75 -12.97
C ALA D 122 -50.74 35.01 -12.39
N LYS D 123 -51.58 35.88 -11.84
CA LYS D 123 -51.12 37.13 -11.25
C LYS D 123 -50.48 36.88 -9.89
N HIS E 40 -63.92 -23.00 37.93
CA HIS E 40 -62.81 -23.81 37.44
C HIS E 40 -61.49 -23.06 37.54
N ARG E 41 -60.43 -23.65 37.00
CA ARG E 41 -59.10 -23.06 37.00
C ARG E 41 -58.67 -22.84 35.55
N TYR E 42 -58.53 -21.57 35.17
CA TYR E 42 -58.13 -21.24 33.81
C TYR E 42 -56.63 -21.44 33.62
N ARG E 43 -56.23 -21.57 32.36
CA ARG E 43 -54.82 -21.78 32.05
C ARG E 43 -54.02 -20.54 32.40
N PRO E 44 -52.94 -20.67 33.18
CA PRO E 44 -52.11 -19.50 33.52
C PRO E 44 -51.33 -19.02 32.30
N GLY E 45 -51.53 -17.76 31.92
CA GLY E 45 -50.86 -17.18 30.78
C GLY E 45 -51.80 -16.60 29.76
N THR E 46 -52.91 -17.31 29.49
CA THR E 46 -53.88 -16.81 28.51
C THR E 46 -54.63 -15.59 29.04
N VAL E 47 -54.85 -15.52 30.36
CA VAL E 47 -55.47 -14.33 30.94
C VAL E 47 -54.58 -13.11 30.70
N ALA E 48 -53.26 -13.30 30.72
CA ALA E 48 -52.36 -12.22 30.34
C ALA E 48 -52.55 -11.84 28.88
N LEU E 49 -52.85 -12.81 28.01
CA LEU E 49 -53.06 -12.52 26.60
C LEU E 49 -54.33 -11.71 26.38
N ARG E 50 -55.43 -12.09 27.05
CA ARG E 50 -56.65 -11.31 26.91
C ARG E 50 -56.52 -9.95 27.59
N GLU E 51 -55.67 -9.85 28.62
CA GLU E 51 -55.34 -8.54 29.17
C GLU E 51 -54.55 -7.70 28.18
N ILE E 52 -53.73 -8.34 27.35
CA ILE E 52 -53.06 -7.61 26.27
C ILE E 52 -54.09 -7.15 25.24
N ARG E 53 -55.06 -8.01 24.91
CA ARG E 53 -56.10 -7.63 23.96
C ARG E 53 -56.96 -6.50 24.51
N ARG E 54 -57.11 -6.42 25.83
CA ARG E 54 -57.93 -5.36 26.43
C ARG E 54 -57.15 -4.06 26.55
N TYR E 55 -55.85 -4.15 26.88
CA TYR E 55 -55.05 -2.94 27.07
C TYR E 55 -54.59 -2.34 25.75
N GLN E 56 -54.50 -3.16 24.69
CA GLN E 56 -54.10 -2.62 23.38
C GLN E 56 -55.18 -1.74 22.77
N LYS E 57 -56.43 -1.85 23.23
CA LYS E 57 -57.51 -1.01 22.75
C LYS E 57 -57.75 0.21 23.60
N SER E 58 -57.14 0.29 24.78
CA SER E 58 -57.31 1.44 25.66
C SER E 58 -56.43 2.59 25.21
N THR E 59 -56.94 3.81 25.38
CA THR E 59 -56.24 5.03 24.99
C THR E 59 -56.01 5.96 26.18
N GLU E 60 -55.91 5.40 27.37
CA GLU E 60 -55.71 6.17 28.59
C GLU E 60 -54.42 5.72 29.27
N LEU E 61 -54.06 6.43 30.35
CA LEU E 61 -52.85 6.13 31.09
C LEU E 61 -53.06 4.91 31.98
N LEU E 62 -52.00 4.51 32.68
CA LEU E 62 -52.03 3.38 33.58
C LEU E 62 -51.59 3.73 34.99
N ILE E 63 -50.55 4.55 35.15
CA ILE E 63 -50.09 4.97 36.46
C ILE E 63 -50.93 6.15 36.93
N ARG E 64 -51.26 6.16 38.22
CA ARG E 64 -52.07 7.22 38.78
C ARG E 64 -51.32 8.55 38.76
N LYS E 65 -52.07 9.63 39.00
CA LYS E 65 -51.52 10.98 38.91
C LYS E 65 -51.06 11.56 40.24
N LEU E 66 -51.57 11.05 41.36
CA LEU E 66 -51.20 11.60 42.66
C LEU E 66 -49.92 10.96 43.19
N PRO E 67 -49.74 9.63 43.12
CA PRO E 67 -48.41 9.08 43.47
C PRO E 67 -47.31 9.57 42.56
N PHE E 68 -47.57 9.63 41.24
CA PHE E 68 -46.59 10.17 40.31
C PHE E 68 -46.36 11.66 40.54
N GLN E 69 -47.42 12.38 40.93
CA GLN E 69 -47.28 13.81 41.20
C GLN E 69 -46.45 14.06 42.45
N ARG E 70 -46.60 13.20 43.46
CA ARG E 70 -45.80 13.34 44.68
C ARG E 70 -44.36 12.87 44.46
N LEU E 71 -44.16 11.89 43.58
CA LEU E 71 -42.81 11.43 43.27
C LEU E 71 -42.05 12.49 42.48
N VAL E 72 -42.62 12.96 41.38
CA VAL E 72 -41.97 13.98 40.57
C VAL E 72 -41.86 15.29 41.33
N ARG E 73 -42.87 15.63 42.14
CA ARG E 73 -42.82 16.85 42.93
C ARG E 73 -41.80 16.76 44.05
N GLU E 74 -41.56 15.55 44.57
CA GLU E 74 -40.56 15.38 45.61
C GLU E 74 -39.14 15.38 45.04
N ILE E 75 -38.94 14.71 43.91
CA ILE E 75 -37.61 14.72 43.28
C ILE E 75 -37.27 16.12 42.79
N ALA E 76 -38.22 16.78 42.12
CA ALA E 76 -38.00 18.15 41.66
C ALA E 76 -37.88 19.11 42.83
N GLN E 77 -38.57 18.83 43.94
CA GLN E 77 -38.44 19.67 45.13
C GLN E 77 -37.06 19.55 45.75
N ASP E 78 -36.51 18.32 45.80
CA ASP E 78 -35.17 18.13 46.31
C ASP E 78 -34.12 18.68 45.35
N PHE E 79 -34.41 18.69 44.05
CA PHE E 79 -33.47 19.24 43.09
C PHE E 79 -33.45 20.76 43.15
N LYS E 80 -34.61 21.38 43.33
CA LYS E 80 -34.70 22.83 43.43
C LYS E 80 -35.93 23.19 44.25
N THR E 81 -35.74 24.04 45.25
CA THR E 81 -36.83 24.43 46.13
C THR E 81 -37.71 25.48 45.45
N ASP E 82 -38.97 25.55 45.92
CA ASP E 82 -39.95 26.51 45.43
C ASP E 82 -40.15 26.37 43.93
N LEU E 83 -40.90 25.36 43.51
CA LEU E 83 -41.19 25.12 42.10
C LEU E 83 -42.68 24.88 41.92
N ARG E 84 -43.21 25.35 40.79
CA ARG E 84 -44.61 25.17 40.44
C ARG E 84 -44.70 24.63 39.02
N PHE E 85 -45.48 23.58 38.84
CA PHE E 85 -45.64 22.92 37.55
C PHE E 85 -47.06 23.12 37.02
N GLN E 86 -47.26 22.74 35.77
CA GLN E 86 -48.53 22.85 35.09
C GLN E 86 -49.28 21.52 35.14
N SER E 87 -50.61 21.61 35.14
CA SER E 87 -51.43 20.39 35.20
C SER E 87 -51.21 19.53 33.97
N SER E 88 -50.96 20.15 32.80
CA SER E 88 -50.70 19.39 31.59
C SER E 88 -49.30 18.77 31.60
N ALA E 89 -48.38 19.31 32.40
CA ALA E 89 -47.04 18.74 32.49
C ALA E 89 -47.06 17.36 33.16
N VAL E 90 -48.02 17.13 34.06
CA VAL E 90 -48.15 15.83 34.69
C VAL E 90 -48.53 14.79 33.63
N MET E 91 -49.40 15.16 32.70
CA MET E 91 -49.75 14.27 31.60
C MET E 91 -48.59 14.13 30.62
N ALA E 92 -47.83 15.20 30.42
CA ALA E 92 -46.70 15.15 29.50
C ALA E 92 -45.64 14.19 29.99
N LEU E 93 -45.20 14.34 31.24
CA LEU E 93 -44.23 13.39 31.81
C LEU E 93 -44.86 12.03 32.03
N GLN E 94 -46.18 11.98 32.20
CA GLN E 94 -46.88 10.72 32.41
C GLN E 94 -46.82 9.84 31.16
N GLU E 95 -47.50 10.28 30.09
CA GLU E 95 -47.49 9.49 28.86
C GLU E 95 -46.12 9.47 28.20
N ALA E 96 -45.33 10.53 28.40
CA ALA E 96 -43.97 10.54 27.85
C ALA E 96 -43.10 9.50 28.54
N SER E 97 -43.30 9.31 29.85
CA SER E 97 -42.59 8.26 30.56
C SER E 97 -43.13 6.88 30.20
N GLU E 98 -44.45 6.79 29.97
CA GLU E 98 -45.03 5.52 29.57
C GLU E 98 -44.55 5.07 28.20
N ALA E 99 -44.28 6.02 27.30
CA ALA E 99 -43.78 5.65 25.97
C ALA E 99 -42.43 4.97 26.06
N TYR E 100 -41.53 5.50 26.90
CA TYR E 100 -40.23 4.87 27.08
C TYR E 100 -40.35 3.57 27.86
N LEU E 101 -41.20 3.54 28.89
CA LEU E 101 -41.43 2.34 29.68
C LEU E 101 -42.23 1.28 28.93
N VAL E 102 -42.68 1.56 27.71
CA VAL E 102 -43.34 0.58 26.87
C VAL E 102 -42.45 0.15 25.71
N ALA E 103 -41.72 1.10 25.10
CA ALA E 103 -40.80 0.75 24.04
C ALA E 103 -39.61 -0.04 24.58
N LEU E 104 -38.98 0.47 25.65
CA LEU E 104 -37.84 -0.25 26.23
C LEU E 104 -38.28 -1.58 26.82
N PHE E 105 -39.48 -1.63 27.38
CA PHE E 105 -40.00 -2.90 27.91
C PHE E 105 -40.29 -3.88 26.79
N GLU E 106 -40.73 -3.38 25.63
CA GLU E 106 -40.95 -4.27 24.48
C GLU E 106 -39.63 -4.80 23.95
N ASP E 107 -38.61 -3.94 23.89
CA ASP E 107 -37.28 -4.42 23.51
C ASP E 107 -36.76 -5.45 24.50
N THR E 108 -37.07 -5.26 25.79
CA THR E 108 -36.72 -6.27 26.80
C THR E 108 -37.45 -7.58 26.53
N ASN E 109 -38.74 -7.50 26.16
CA ASN E 109 -39.48 -8.71 25.84
C ASN E 109 -38.87 -9.43 24.64
N LEU E 110 -38.45 -8.68 23.62
CA LEU E 110 -37.79 -9.30 22.48
C LEU E 110 -36.45 -9.90 22.87
N CYS E 111 -35.74 -9.28 23.81
CA CYS E 111 -34.52 -9.88 24.33
C CYS E 111 -34.80 -11.18 25.07
N ALA E 112 -35.96 -11.27 25.73
CA ALA E 112 -36.33 -12.52 26.40
C ALA E 112 -36.69 -13.59 25.38
N ILE E 113 -37.47 -13.23 24.35
CA ILE E 113 -37.83 -14.20 23.32
C ILE E 113 -36.60 -14.68 22.56
N HIS E 114 -35.61 -13.81 22.39
CA HIS E 114 -34.38 -14.20 21.71
C HIS E 114 -33.63 -15.28 22.48
N ALA E 115 -33.73 -15.27 23.80
CA ALA E 115 -33.03 -16.23 24.64
C ALA E 115 -33.84 -17.49 24.90
N LYS E 116 -34.87 -17.75 24.09
CA LYS E 116 -35.72 -18.94 24.22
C LYS E 116 -36.36 -19.02 25.61
N ARG E 117 -36.88 -17.89 26.08
CA ARG E 117 -37.54 -17.83 27.38
C ARG E 117 -38.63 -16.78 27.33
N VAL E 118 -39.55 -16.86 28.28
CA VAL E 118 -40.65 -15.91 28.38
C VAL E 118 -40.52 -15.01 29.61
N THR E 119 -39.83 -15.45 30.66
CA THR E 119 -39.67 -14.65 31.86
C THR E 119 -38.52 -13.65 31.66
N ILE E 120 -38.80 -12.37 31.91
CA ILE E 120 -37.78 -11.34 31.71
C ILE E 120 -36.76 -11.39 32.84
N MET E 121 -35.59 -10.83 32.57
CA MET E 121 -34.48 -10.78 33.50
C MET E 121 -33.88 -9.39 33.48
N PRO E 122 -33.21 -8.98 34.57
CA PRO E 122 -32.56 -7.65 34.55
C PRO E 122 -31.50 -7.52 33.47
N LYS E 123 -30.81 -8.60 33.12
CA LYS E 123 -29.82 -8.55 32.05
C LYS E 123 -30.45 -8.27 30.69
N ASP E 124 -31.76 -8.50 30.55
CA ASP E 124 -32.44 -8.11 29.32
C ASP E 124 -32.60 -6.61 29.23
N ILE E 125 -32.99 -5.96 30.34
CA ILE E 125 -33.11 -4.51 30.36
C ILE E 125 -31.74 -3.86 30.21
N GLN E 126 -30.74 -4.38 30.93
CA GLN E 126 -29.38 -3.85 30.79
C GLN E 126 -28.85 -4.08 29.39
N LEU E 127 -29.23 -5.20 28.75
CA LEU E 127 -28.80 -5.45 27.39
C LEU E 127 -29.44 -4.47 26.41
N ALA E 128 -30.74 -4.20 26.58
CA ALA E 128 -31.40 -3.24 25.71
C ALA E 128 -30.83 -1.84 25.88
N ARG E 129 -30.56 -1.44 27.13
CA ARG E 129 -29.95 -0.14 27.38
C ARG E 129 -28.53 -0.07 26.84
N ARG E 130 -27.81 -1.19 26.85
CA ARG E 130 -26.44 -1.18 26.34
C ARG E 130 -26.41 -1.13 24.82
N ILE E 131 -27.32 -1.84 24.16
CA ILE E 131 -27.34 -1.87 22.70
C ILE E 131 -27.91 -0.58 22.15
N ARG E 132 -28.94 -0.02 22.79
CA ARG E 132 -29.54 1.22 22.31
C ARG E 132 -28.55 2.37 22.40
N GLY E 133 -27.71 2.37 23.43
CA GLY E 133 -26.68 3.39 23.60
C GLY E 133 -27.00 4.44 24.64
N GLU E 134 -28.22 4.46 25.18
CA GLU E 134 -28.58 5.44 26.19
C GLU E 134 -27.95 5.15 27.55
N ARG E 135 -27.44 3.94 27.77
CA ARG E 135 -26.80 3.58 29.03
C ARG E 135 -25.51 4.37 29.20
N ALA E 136 -25.49 5.31 30.15
CA ALA E 136 -24.32 6.12 30.41
C ALA E 136 -23.30 5.36 31.25
N ASN F 26 -41.07 9.09 47.90
CA ASN F 26 -42.32 8.47 47.50
C ASN F 26 -42.09 7.51 46.33
N ILE F 27 -41.01 6.73 46.41
CA ILE F 27 -40.71 5.76 45.36
C ILE F 27 -41.66 4.58 45.41
N GLN F 28 -42.32 4.33 46.55
CA GLN F 28 -43.26 3.24 46.70
C GLN F 28 -44.59 3.51 46.02
N GLY F 29 -44.79 4.71 45.46
CA GLY F 29 -46.04 5.01 44.78
C GLY F 29 -46.29 4.13 43.57
N ILE F 30 -45.23 3.81 42.83
CA ILE F 30 -45.32 2.92 41.69
C ILE F 30 -45.50 1.50 42.19
N THR F 31 -46.74 1.01 42.22
CA THR F 31 -47.05 -0.29 42.78
C THR F 31 -46.75 -1.39 41.77
N LYS F 32 -47.02 -2.64 42.17
CA LYS F 32 -46.79 -3.77 41.27
C LYS F 32 -47.77 -3.80 40.11
N PRO F 33 -49.09 -3.63 40.31
CA PRO F 33 -50.00 -3.69 39.15
C PRO F 33 -49.75 -2.62 38.11
N ALA F 34 -49.06 -1.53 38.44
CA ALA F 34 -48.71 -0.53 37.44
C ALA F 34 -47.70 -1.09 36.45
N ILE F 35 -46.58 -1.60 36.95
CA ILE F 35 -45.59 -2.26 36.09
C ILE F 35 -46.18 -3.51 35.44
N ARG F 36 -47.18 -4.11 36.07
CA ARG F 36 -47.86 -5.26 35.45
C ARG F 36 -48.65 -4.82 34.22
N ARG F 37 -49.43 -3.75 34.34
CA ARG F 37 -50.17 -3.25 33.19
C ARG F 37 -49.24 -2.73 32.11
N LEU F 38 -48.13 -2.10 32.51
CA LEU F 38 -47.12 -1.71 31.53
C LEU F 38 -46.51 -2.92 30.83
N ALA F 39 -46.39 -4.04 31.56
CA ALA F 39 -45.86 -5.26 30.95
C ALA F 39 -46.86 -5.87 29.98
N ARG F 40 -48.16 -5.79 30.30
CA ARG F 40 -49.17 -6.29 29.38
C ARG F 40 -49.27 -5.41 28.14
N ARG F 41 -49.13 -4.10 28.30
CA ARG F 41 -49.09 -3.22 27.14
C ARG F 41 -47.83 -3.44 26.32
N GLY F 42 -46.72 -3.80 26.96
CA GLY F 42 -45.52 -4.11 26.22
C GLY F 42 -45.61 -5.41 25.45
N GLY F 43 -46.35 -6.39 25.98
CA GLY F 43 -46.52 -7.65 25.29
C GLY F 43 -45.71 -8.79 25.90
N VAL F 44 -45.84 -8.98 27.22
CA VAL F 44 -45.16 -10.04 27.95
C VAL F 44 -46.21 -10.96 28.55
N LYS F 45 -46.00 -12.27 28.42
CA LYS F 45 -46.94 -13.23 28.97
C LYS F 45 -46.66 -13.48 30.45
N ARG F 46 -45.39 -13.55 30.85
CA ARG F 46 -45.02 -13.80 32.24
C ARG F 46 -43.75 -13.04 32.56
N ILE F 47 -43.74 -12.33 33.68
CA ILE F 47 -42.59 -11.55 34.11
C ILE F 47 -41.93 -12.23 35.31
N SER F 48 -40.91 -11.58 35.88
CA SER F 48 -40.20 -12.15 37.02
C SER F 48 -40.62 -11.48 38.32
N GLY F 49 -39.68 -11.29 39.24
CA GLY F 49 -40.00 -10.71 40.52
C GLY F 49 -39.29 -9.40 40.77
N LEU F 50 -37.97 -9.44 40.89
CA LEU F 50 -37.18 -8.24 41.15
C LEU F 50 -36.89 -7.53 39.83
N ILE F 51 -37.97 -7.03 39.22
CA ILE F 51 -37.92 -6.32 37.95
C ILE F 51 -38.39 -4.88 38.09
N TYR F 52 -39.52 -4.66 38.77
CA TYR F 52 -39.99 -3.29 38.98
C TYR F 52 -39.06 -2.51 39.90
N GLU F 53 -38.31 -3.20 40.75
CA GLU F 53 -37.39 -2.51 41.65
C GLU F 53 -36.28 -1.82 40.87
N GLU F 54 -35.79 -2.44 39.80
CA GLU F 54 -34.82 -1.79 38.94
C GLU F 54 -35.50 -0.91 37.90
N THR F 55 -36.75 -1.23 37.56
CA THR F 55 -37.50 -0.39 36.62
C THR F 55 -37.73 1.01 37.19
N ARG F 56 -37.98 1.10 38.50
CA ARG F 56 -38.07 2.42 39.13
C ARG F 56 -36.75 3.17 39.02
N GLY F 57 -35.62 2.46 39.02
CA GLY F 57 -34.35 3.11 38.83
C GLY F 57 -34.14 3.57 37.40
N VAL F 58 -34.63 2.79 36.42
CA VAL F 58 -34.55 3.20 35.03
C VAL F 58 -35.39 4.44 34.79
N LEU F 59 -36.62 4.45 35.33
CA LEU F 59 -37.46 5.64 35.20
C LEU F 59 -36.88 6.82 35.98
N LYS F 60 -36.16 6.55 37.07
CA LYS F 60 -35.56 7.63 37.85
C LYS F 60 -34.40 8.26 37.09
N VAL F 61 -33.54 7.45 36.47
CA VAL F 61 -32.44 7.99 35.69
C VAL F 61 -32.96 8.70 34.44
N PHE F 62 -33.93 8.09 33.75
CA PHE F 62 -34.52 8.70 32.57
C PHE F 62 -35.46 9.85 32.91
N LEU F 63 -35.72 10.11 34.20
CA LEU F 63 -36.60 11.17 34.63
C LEU F 63 -35.86 12.37 35.23
N GLU F 64 -34.75 12.13 35.93
CA GLU F 64 -34.03 13.23 36.56
C GLU F 64 -33.40 14.17 35.54
N ASN F 65 -33.08 13.67 34.34
CA ASN F 65 -32.52 14.53 33.32
C ASN F 65 -33.59 15.39 32.66
N VAL F 66 -34.78 14.82 32.42
CA VAL F 66 -35.87 15.59 31.85
C VAL F 66 -36.37 16.64 32.84
N ILE F 67 -36.48 16.26 34.11
CA ILE F 67 -36.87 17.22 35.14
C ILE F 67 -35.79 18.28 35.33
N ARG F 68 -34.53 17.86 35.26
CA ARG F 68 -33.42 18.82 35.34
C ARG F 68 -33.50 19.84 34.20
N ASP F 69 -33.81 19.37 32.99
CA ASP F 69 -33.98 20.28 31.87
C ASP F 69 -35.19 21.18 32.06
N ALA F 70 -36.25 20.66 32.68
CA ALA F 70 -37.43 21.48 32.94
C ALA F 70 -37.11 22.60 33.92
N VAL F 71 -36.34 22.30 34.96
CA VAL F 71 -35.92 23.34 35.91
C VAL F 71 -34.94 24.30 35.24
N THR F 72 -34.17 23.82 34.26
CA THR F 72 -33.24 24.70 33.56
C THR F 72 -33.98 25.70 32.69
N TYR F 73 -34.88 25.22 31.82
CA TYR F 73 -35.67 26.12 30.98
C TYR F 73 -36.60 27.00 31.82
N THR F 74 -37.06 26.49 32.97
CA THR F 74 -37.92 27.29 33.83
C THR F 74 -37.14 28.42 34.50
N GLU F 75 -36.01 28.08 35.12
CA GLU F 75 -35.21 29.09 35.81
C GLU F 75 -34.62 30.10 34.84
N HIS F 76 -34.26 29.66 33.63
CA HIS F 76 -33.70 30.58 32.65
C HIS F 76 -34.74 31.57 32.14
N ALA F 77 -36.03 31.27 32.27
CA ALA F 77 -37.09 32.15 31.83
C ALA F 77 -37.40 33.26 32.83
N LYS F 78 -36.56 33.43 33.85
CA LYS F 78 -36.71 34.48 34.87
C LYS F 78 -38.02 34.36 35.63
N ARG F 79 -38.63 33.18 35.65
CA ARG F 79 -39.88 32.94 36.34
C ARG F 79 -39.85 31.55 36.97
N LYS F 80 -40.53 31.42 38.10
CA LYS F 80 -40.57 30.17 38.85
C LYS F 80 -41.92 29.46 38.61
N THR F 81 -42.08 28.98 37.40
CA THR F 81 -43.29 28.25 37.01
C THR F 81 -42.95 27.33 35.86
N VAL F 82 -43.10 26.02 36.06
CA VAL F 82 -42.84 25.04 35.01
C VAL F 82 -44.09 24.93 34.14
N THR F 83 -43.99 25.41 32.91
CA THR F 83 -45.12 25.37 31.99
C THR F 83 -45.15 24.04 31.23
N ALA F 84 -45.73 24.06 30.03
CA ALA F 84 -45.82 22.85 29.20
C ALA F 84 -44.94 22.90 27.97
N MET F 85 -44.55 24.09 27.50
CA MET F 85 -43.70 24.17 26.32
C MET F 85 -42.27 23.76 26.63
N ASP F 86 -41.80 24.02 27.86
CA ASP F 86 -40.45 23.64 28.25
C ASP F 86 -40.28 22.13 28.27
N VAL F 87 -41.34 21.39 28.62
CA VAL F 87 -41.27 19.94 28.57
C VAL F 87 -41.14 19.44 27.14
N VAL F 88 -41.88 20.06 26.22
CA VAL F 88 -41.79 19.68 24.81
C VAL F 88 -40.42 20.02 24.26
N TYR F 89 -39.84 21.16 24.68
CA TYR F 89 -38.51 21.52 24.23
C TYR F 89 -37.46 20.56 24.78
N ALA F 90 -37.62 20.14 26.05
CA ALA F 90 -36.66 19.22 26.64
C ALA F 90 -36.75 17.83 26.01
N LEU F 91 -37.97 17.38 25.70
CA LEU F 91 -38.12 16.07 25.08
C LEU F 91 -37.66 16.08 23.63
N LYS F 92 -37.97 17.14 22.89
CA LYS F 92 -37.48 17.26 21.51
C LYS F 92 -35.99 17.48 21.44
N ARG F 93 -35.39 18.04 22.49
CA ARG F 93 -33.94 18.24 22.49
C ARG F 93 -33.20 16.92 22.61
N GLN F 94 -33.71 16.01 23.44
CA GLN F 94 -33.07 14.71 23.63
C GLN F 94 -33.32 13.75 22.47
N GLY F 95 -34.27 14.06 21.60
CA GLY F 95 -34.59 13.23 20.47
C GLY F 95 -35.92 12.48 20.54
N ARG F 96 -36.81 12.86 21.44
CA ARG F 96 -38.13 12.22 21.59
C ARG F 96 -39.19 13.31 21.44
N THR F 97 -39.63 13.54 20.21
CA THR F 97 -40.63 14.57 19.94
C THR F 97 -41.98 14.15 20.50
N LEU F 98 -42.68 15.13 21.08
CA LEU F 98 -44.01 14.91 21.65
C LEU F 98 -44.95 15.98 21.12
N TYR F 99 -46.16 15.56 20.74
CA TYR F 99 -47.18 16.44 20.19
C TYR F 99 -48.35 16.53 21.16
N GLY F 100 -49.31 17.39 20.83
CA GLY F 100 -50.51 17.55 21.64
C GLY F 100 -50.43 18.69 22.62
N PHE F 101 -49.41 18.66 23.49
CA PHE F 101 -49.26 19.68 24.53
C PHE F 101 -48.39 20.84 24.02
N GLY F 102 -48.83 21.41 22.91
CA GLY F 102 -48.12 22.53 22.32
C GLY F 102 -46.94 22.12 21.47
N GLY F 103 -46.54 22.97 20.54
CA GLY F 103 -45.41 22.68 19.67
C GLY F 103 -45.44 23.47 18.37
N ALA G 15 -4.74 48.02 25.92
CA ALA G 15 -4.56 47.12 24.78
C ALA G 15 -5.43 47.54 23.61
N LYS G 16 -5.45 46.71 22.56
CA LYS G 16 -6.24 47.00 21.36
C LYS G 16 -7.30 45.94 21.11
N THR G 17 -6.89 44.69 20.87
CA THR G 17 -7.86 43.63 20.60
C THR G 17 -8.56 43.21 21.89
N ARG G 18 -9.80 42.75 21.74
CA ARG G 18 -10.59 42.31 22.89
C ARG G 18 -10.08 40.99 23.47
N SER G 19 -9.33 40.20 22.69
CA SER G 19 -8.78 38.96 23.21
C SER G 19 -7.73 39.22 24.27
N SER G 20 -6.90 40.25 24.08
CA SER G 20 -5.90 40.59 25.08
C SER G 20 -6.51 41.29 26.29
N ARG G 21 -7.58 42.06 26.07
CA ARG G 21 -8.25 42.73 27.19
C ARG G 21 -9.03 41.74 28.05
N ALA G 22 -9.59 40.69 27.42
CA ALA G 22 -10.35 39.70 28.17
C ALA G 22 -9.45 38.68 28.87
N GLY G 23 -8.20 38.55 28.45
CA GLY G 23 -7.30 37.60 29.07
C GLY G 23 -7.44 36.17 28.58
N LEU G 24 -7.86 35.99 27.32
CA LEU G 24 -8.05 34.66 26.75
C LEU G 24 -7.08 34.48 25.57
N GLN G 25 -7.25 33.39 24.84
CA GLN G 25 -6.42 33.08 23.69
C GLN G 25 -7.19 32.99 22.38
N PHE G 26 -8.44 32.57 22.42
CA PHE G 26 -9.24 32.48 21.21
C PHE G 26 -9.65 33.88 20.74
N PRO G 27 -9.76 34.08 19.42
CA PRO G 27 -10.10 35.42 18.92
C PRO G 27 -11.55 35.79 19.24
N VAL G 28 -11.73 36.98 19.80
CA VAL G 28 -13.07 37.44 20.13
C VAL G 28 -13.77 38.01 18.91
N GLY G 29 -13.02 38.68 18.03
CA GLY G 29 -13.62 39.24 16.84
C GLY G 29 -14.06 38.19 15.83
N ARG G 30 -13.34 37.08 15.75
CA ARG G 30 -13.69 36.02 14.80
C ARG G 30 -15.06 35.44 15.11
N VAL G 31 -15.26 34.96 16.34
CA VAL G 31 -16.53 34.37 16.73
C VAL G 31 -17.65 35.41 16.68
N HIS G 32 -17.34 36.66 16.99
CA HIS G 32 -18.34 37.72 16.90
C HIS G 32 -18.79 37.93 15.46
N ARG G 33 -17.84 37.96 14.52
CA ARG G 33 -18.20 38.07 13.12
C ARG G 33 -18.96 36.84 12.63
N LEU G 34 -18.64 35.66 13.18
CA LEU G 34 -19.41 34.46 12.84
C LEU G 34 -20.84 34.57 13.36
N LEU G 35 -21.04 35.22 14.50
CA LEU G 35 -22.39 35.46 14.99
C LEU G 35 -23.11 36.51 14.15
N ARG G 36 -22.37 37.47 13.60
CA ARG G 36 -22.96 38.47 12.73
C ARG G 36 -23.25 37.94 11.34
N LYS G 37 -22.63 36.82 10.95
CA LYS G 37 -22.80 36.25 9.63
C LYS G 37 -23.53 34.91 9.63
N GLY G 38 -23.42 34.14 10.70
CA GLY G 38 -24.07 32.84 10.78
C GLY G 38 -25.59 32.89 10.75
N ASN G 39 -26.18 34.08 10.94
CA ASN G 39 -27.63 34.28 10.88
C ASN G 39 -28.33 33.41 11.92
N TYR G 40 -28.03 33.70 13.20
CA TYR G 40 -28.62 32.99 14.32
C TYR G 40 -29.44 33.88 15.25
N ALA G 41 -29.20 35.19 15.24
CA ALA G 41 -29.94 36.11 16.08
C ALA G 41 -29.93 37.49 15.45
N GLU G 42 -30.98 38.27 15.69
CA GLU G 42 -31.07 39.62 15.14
C GLU G 42 -30.09 40.56 15.83
N ARG G 43 -29.83 40.35 17.12
CA ARG G 43 -28.93 41.21 17.88
C ARG G 43 -28.05 40.34 18.76
N VAL G 44 -26.81 40.78 18.95
CA VAL G 44 -25.85 40.08 19.78
C VAL G 44 -25.64 40.86 21.08
N GLY G 45 -24.99 40.20 22.04
CA GLY G 45 -24.72 40.79 23.34
C GLY G 45 -23.36 41.46 23.39
N ALA G 46 -22.88 41.65 24.63
CA ALA G 46 -21.59 42.28 24.86
C ALA G 46 -20.55 41.34 25.45
N GLY G 47 -20.97 40.31 26.18
CA GLY G 47 -20.04 39.37 26.77
C GLY G 47 -20.23 37.95 26.28
N ALA G 48 -20.91 37.80 25.14
CA ALA G 48 -21.14 36.46 24.59
C ALA G 48 -19.88 35.87 23.95
N PRO G 49 -19.16 36.57 23.07
CA PRO G 49 -17.97 35.95 22.47
C PRO G 49 -16.86 35.68 23.48
N VAL G 50 -16.75 36.48 24.54
CA VAL G 50 -15.75 36.22 25.56
C VAL G 50 -16.13 34.98 26.38
N TYR G 51 -17.41 34.86 26.70
CA TYR G 51 -17.87 33.69 27.46
C TYR G 51 -17.71 32.41 26.64
N LEU G 52 -18.14 32.43 25.38
CA LEU G 52 -17.98 31.27 24.51
C LEU G 52 -16.51 30.95 24.28
N ALA G 53 -15.67 31.99 24.16
CA ALA G 53 -14.24 31.75 24.00
C ALA G 53 -13.63 31.13 25.24
N ALA G 54 -14.12 31.49 26.42
CA ALA G 54 -13.61 30.88 27.66
C ALA G 54 -14.07 29.44 27.78
N VAL G 55 -15.33 29.16 27.45
CA VAL G 55 -15.83 27.79 27.51
C VAL G 55 -15.06 26.90 26.53
N LEU G 56 -14.89 27.38 25.29
CA LEU G 56 -14.12 26.62 24.31
C LEU G 56 -12.67 26.46 24.75
N GLU G 57 -12.12 27.48 25.43
CA GLU G 57 -10.76 27.38 25.93
C GLU G 57 -10.65 26.29 26.99
N TYR G 58 -11.67 26.16 27.86
CA TYR G 58 -11.66 25.08 28.83
C TYR G 58 -11.82 23.73 28.16
N LEU G 59 -12.68 23.65 27.14
CA LEU G 59 -12.88 22.39 26.41
C LEU G 59 -11.59 21.91 25.77
N THR G 60 -10.96 22.77 24.96
CA THR G 60 -9.71 22.39 24.33
C THR G 60 -8.58 22.23 25.36
N ALA G 61 -8.70 22.86 26.53
CA ALA G 61 -7.70 22.68 27.58
C ALA G 61 -7.76 21.27 28.15
N GLU G 62 -8.96 20.82 28.51
CA GLU G 62 -9.10 19.46 29.05
C GLU G 62 -8.85 18.41 27.98
N ILE G 63 -9.31 18.66 26.75
CA ILE G 63 -9.10 17.71 25.67
C ILE G 63 -7.62 17.58 25.33
N LEU G 64 -6.92 18.71 25.26
CA LEU G 64 -5.48 18.65 24.99
C LEU G 64 -4.72 18.10 26.20
N GLU G 65 -5.28 18.22 27.40
CA GLU G 65 -4.63 17.64 28.57
C GLU G 65 -4.72 16.12 28.55
N LEU G 66 -5.93 15.59 28.41
CA LEU G 66 -6.09 14.14 28.30
C LEU G 66 -5.44 13.59 27.04
N ALA G 67 -5.26 14.41 26.01
CA ALA G 67 -4.50 13.99 24.84
C ALA G 67 -3.00 13.94 25.15
N GLY G 68 -2.53 14.88 25.97
CA GLY G 68 -1.14 14.83 26.40
C GLY G 68 -0.85 13.61 27.26
N ASN G 69 -1.75 13.28 28.18
CA ASN G 69 -1.59 12.06 28.96
C ASN G 69 -1.72 10.83 28.06
N ALA G 70 -2.66 10.86 27.10
CA ALA G 70 -2.80 9.78 26.14
C ALA G 70 -1.61 9.70 25.18
N ALA G 71 -0.73 10.69 25.18
CA ALA G 71 0.51 10.62 24.43
C ALA G 71 1.71 10.25 25.29
N ARG G 72 1.64 10.49 26.60
CA ARG G 72 2.72 10.10 27.50
C ARG G 72 2.59 8.68 28.01
N ASP G 73 1.37 8.12 28.04
CA ASP G 73 1.20 6.75 28.50
C ASP G 73 1.79 5.74 27.54
N ASN G 74 1.97 6.09 26.27
CA ASN G 74 2.53 5.21 25.26
C ASN G 74 3.90 5.67 24.77
N LYS G 75 4.50 6.66 25.44
CA LYS G 75 5.83 7.19 25.10
C LYS G 75 5.84 7.72 23.65
N LYS G 76 5.05 8.77 23.46
CA LYS G 76 4.94 9.42 22.15
C LYS G 76 5.05 10.93 22.33
N THR G 77 5.54 11.60 21.29
CA THR G 77 5.75 13.04 21.31
C THR G 77 4.58 13.80 20.69
N ARG G 78 4.35 13.60 19.39
CA ARG G 78 3.27 14.30 18.71
C ARG G 78 1.92 13.65 19.00
N ILE G 79 0.86 14.44 18.90
CA ILE G 79 -0.50 13.96 19.16
C ILE G 79 -1.05 13.33 17.89
N ILE G 80 -1.49 12.08 18.00
CA ILE G 80 -2.12 11.37 16.89
C ILE G 80 -3.61 11.28 17.16
N PRO G 81 -4.46 11.07 16.14
CA PRO G 81 -5.90 10.95 16.40
C PRO G 81 -6.25 9.78 17.31
N ARG G 82 -5.43 8.73 17.34
CA ARG G 82 -5.69 7.63 18.25
C ARG G 82 -5.58 8.06 19.70
N HIS G 83 -4.69 9.02 20.00
CA HIS G 83 -4.60 9.55 21.35
C HIS G 83 -5.86 10.34 21.70
N LEU G 84 -6.49 10.99 20.73
CA LEU G 84 -7.76 11.67 20.98
C LEU G 84 -8.89 10.66 21.20
N GLN G 85 -8.91 9.60 20.39
CA GLN G 85 -9.93 8.56 20.55
C GLN G 85 -9.83 7.90 21.92
N LEU G 86 -8.63 7.41 22.27
CA LEU G 86 -8.42 6.79 23.58
C LEU G 86 -8.53 7.81 24.71
N ALA G 87 -8.39 9.11 24.41
CA ALA G 87 -8.49 10.12 25.44
C ALA G 87 -9.94 10.51 25.72
N VAL G 88 -10.81 10.38 24.74
CA VAL G 88 -12.23 10.71 24.93
C VAL G 88 -13.03 9.49 25.35
N ARG G 89 -12.76 8.32 24.77
CA ARG G 89 -13.53 7.12 25.09
C ARG G 89 -13.30 6.63 26.51
N ASN G 90 -12.15 6.95 27.11
CA ASN G 90 -11.88 6.51 28.47
C ASN G 90 -12.61 7.32 29.52
N ASP G 91 -13.05 8.53 29.20
CA ASP G 91 -13.77 9.36 30.15
C ASP G 91 -15.27 9.13 30.02
N GLU G 92 -15.96 9.21 31.15
CA GLU G 92 -17.41 8.98 31.16
C GLU G 92 -18.17 10.19 30.62
N GLU G 93 -17.85 11.38 31.12
CA GLU G 93 -18.56 12.58 30.68
C GLU G 93 -18.22 12.95 29.24
N LEU G 94 -16.98 12.69 28.80
CA LEU G 94 -16.62 12.96 27.42
C LEU G 94 -17.32 11.99 26.47
N ASN G 95 -17.45 10.73 26.88
CA ASN G 95 -18.19 9.77 26.05
C ASN G 95 -19.68 10.08 26.04
N LYS G 96 -20.22 10.59 27.16
CA LYS G 96 -21.62 10.99 27.18
C LYS G 96 -21.86 12.21 26.31
N LEU G 97 -20.91 13.15 26.30
CA LEU G 97 -21.05 14.32 25.44
C LEU G 97 -20.88 13.97 23.97
N LEU G 98 -19.88 13.15 23.66
CA LEU G 98 -19.62 12.74 22.28
C LEU G 98 -20.13 11.31 22.03
N GLY G 99 -21.44 11.14 22.21
CA GLY G 99 -22.07 9.86 22.02
C GLY G 99 -22.13 9.45 20.56
N ARG G 100 -22.81 10.24 19.74
CA ARG G 100 -22.93 9.97 18.31
C ARG G 100 -21.80 10.63 17.52
N VAL G 101 -20.57 10.42 17.98
CA VAL G 101 -19.39 11.05 17.38
C VAL G 101 -18.40 9.95 17.01
N THR G 102 -17.94 9.96 15.77
CA THR G 102 -16.96 9.00 15.27
C THR G 102 -15.71 9.77 14.87
N ILE G 103 -14.62 9.56 15.59
CA ILE G 103 -13.36 10.25 15.31
C ILE G 103 -12.63 9.51 14.21
N ALA G 104 -12.21 10.24 13.19
CA ALA G 104 -11.48 9.65 12.07
C ALA G 104 -10.06 9.28 12.48
N GLN G 105 -9.53 8.25 11.81
CA GLN G 105 -8.16 7.76 12.03
C GLN G 105 -7.93 7.37 13.50
N GLY G 106 -8.95 6.75 14.10
CA GLY G 106 -8.89 6.31 15.49
C GLY G 106 -9.00 4.81 15.66
N GLY G 107 -9.81 4.39 16.63
CA GLY G 107 -9.94 2.98 16.93
C GLY G 107 -11.01 2.72 17.97
N VAL G 108 -10.90 1.60 18.66
CA VAL G 108 -11.81 1.22 19.73
C VAL G 108 -11.00 0.91 20.98
N LEU G 109 -11.72 0.75 22.09
CA LEU G 109 -11.05 0.42 23.35
C LEU G 109 -10.81 -1.08 23.44
N PRO G 110 -9.63 -1.48 23.91
CA PRO G 110 -9.35 -2.91 24.09
C PRO G 110 -10.21 -3.52 25.19
N ASN G 111 -11.47 -3.79 24.87
CA ASN G 111 -12.43 -4.35 25.83
C ASN G 111 -12.69 -5.80 25.45
N ILE G 112 -12.23 -6.72 26.31
CA ILE G 112 -12.41 -8.15 26.10
C ILE G 112 -13.26 -8.68 27.25
N GLN G 113 -14.33 -9.40 26.91
CA GLN G 113 -15.23 -9.93 27.92
C GLN G 113 -14.51 -10.97 28.77
N SER G 114 -14.91 -11.05 30.04
CA SER G 114 -14.29 -12.00 30.96
C SER G 114 -14.69 -13.43 30.65
N VAL G 115 -15.88 -13.64 30.08
CA VAL G 115 -16.34 -14.99 29.75
C VAL G 115 -15.71 -15.52 28.47
N LEU G 116 -15.04 -14.66 27.69
CA LEU G 116 -14.40 -15.10 26.45
C LEU G 116 -13.02 -15.70 26.69
N LEU G 117 -12.49 -15.61 27.90
CA LEU G 117 -11.18 -16.17 28.17
C LEU G 117 -11.27 -17.69 28.24
N PRO G 118 -10.25 -18.41 27.75
CA PRO G 118 -10.30 -19.88 27.80
C PRO G 118 -10.20 -20.41 29.22
N LYS G 119 -11.30 -20.97 29.73
CA LYS G 119 -11.34 -21.53 31.08
C LYS G 119 -12.18 -22.79 31.11
N THR H 30 -7.00 31.22 -2.47
CA THR H 30 -8.09 31.51 -1.55
C THR H 30 -7.65 31.32 -0.11
N ARG H 31 -7.71 32.41 0.67
CA ARG H 31 -7.31 32.38 2.07
C ARG H 31 -8.45 31.75 2.88
N LYS H 32 -8.27 30.48 3.26
CA LYS H 32 -9.29 29.78 4.04
C LYS H 32 -9.10 30.06 5.52
N GLU H 33 -10.22 30.00 6.25
CA GLU H 33 -10.22 30.25 7.69
C GLU H 33 -10.04 28.94 8.45
N SER H 34 -9.08 28.93 9.38
CA SER H 34 -8.80 27.75 10.18
C SER H 34 -8.10 28.17 11.47
N TYR H 35 -8.50 27.54 12.57
CA TYR H 35 -7.90 27.83 13.88
C TYR H 35 -6.55 27.13 13.94
N ALA H 36 -5.48 27.89 13.69
CA ALA H 36 -4.13 27.34 13.65
C ALA H 36 -3.26 27.90 14.77
N ILE H 37 -3.01 29.21 14.78
CA ILE H 37 -2.16 29.80 15.81
C ILE H 37 -2.88 29.92 17.15
N TYR H 38 -4.20 29.79 17.17
CA TYR H 38 -4.95 29.92 18.41
C TYR H 38 -5.00 28.62 19.21
N VAL H 39 -4.41 27.54 18.71
CA VAL H 39 -4.38 26.27 19.41
C VAL H 39 -3.00 26.06 20.01
N TYR H 40 -1.97 26.60 19.35
CA TYR H 40 -0.62 26.50 19.88
C TYR H 40 -0.46 27.28 21.17
N LYS H 41 -1.08 28.46 21.25
CA LYS H 41 -0.97 29.27 22.47
C LYS H 41 -1.61 28.58 23.66
N VAL H 42 -2.62 27.73 23.43
CA VAL H 42 -3.24 27.00 24.52
C VAL H 42 -2.50 25.70 24.80
N LEU H 43 -1.90 25.08 23.78
CA LEU H 43 -1.19 23.83 23.97
C LEU H 43 0.13 24.05 24.70
N LYS H 44 0.82 25.16 24.41
CA LYS H 44 2.10 25.43 25.04
C LYS H 44 1.95 25.78 26.52
N GLN H 45 0.75 26.11 26.98
CA GLN H 45 0.53 26.45 28.37
C GLN H 45 0.39 25.22 29.26
N VAL H 46 0.19 24.04 28.69
CA VAL H 46 0.04 22.82 29.47
C VAL H 46 1.10 21.81 29.05
N HIS H 47 1.58 21.93 27.82
CA HIS H 47 2.59 21.02 27.28
C HIS H 47 3.48 21.81 26.33
N PRO H 48 4.51 22.48 26.85
CA PRO H 48 5.41 23.24 25.98
C PRO H 48 6.52 22.38 25.38
N ASP H 49 6.26 21.08 25.25
CA ASP H 49 7.29 20.18 24.73
C ASP H 49 6.72 19.00 23.95
N THR H 50 5.50 19.11 23.43
CA THR H 50 4.86 18.06 22.65
C THR H 50 4.51 18.59 21.26
N GLY H 51 4.27 17.66 20.34
CA GLY H 51 3.92 17.98 18.98
C GLY H 51 2.45 17.76 18.69
N ILE H 52 2.11 17.91 17.41
CA ILE H 52 0.73 17.77 16.96
C ILE H 52 0.76 17.49 15.47
N SER H 53 -0.06 16.53 15.04
CA SER H 53 -0.17 16.16 13.64
C SER H 53 -1.20 17.04 12.94
N SER H 54 -1.24 16.93 11.60
CA SER H 54 -2.16 17.73 10.80
C SER H 54 -3.57 17.17 10.85
N LYS H 55 -3.71 15.85 10.80
CA LYS H 55 -5.04 15.24 10.87
C LYS H 55 -5.71 15.53 12.20
N ALA H 56 -4.97 15.35 13.31
CA ALA H 56 -5.50 15.68 14.62
C ALA H 56 -5.78 17.17 14.74
N MET H 57 -5.00 18.01 14.05
CA MET H 57 -5.28 19.43 14.02
C MET H 57 -6.61 19.72 13.34
N SER H 58 -6.91 19.01 12.25
CA SER H 58 -8.22 19.12 11.64
C SER H 58 -9.32 18.58 12.55
N ILE H 59 -9.00 17.56 13.35
CA ILE H 59 -9.97 17.06 14.33
C ILE H 59 -10.31 18.14 15.35
N MET H 60 -9.29 18.87 15.83
CA MET H 60 -9.54 19.93 16.80
C MET H 60 -10.27 21.10 16.15
N ASN H 61 -9.91 21.46 14.93
CA ASN H 61 -10.55 22.58 14.25
C ASN H 61 -12.02 22.28 13.99
N SER H 62 -12.30 21.17 13.29
CA SER H 62 -13.69 20.80 13.03
C SER H 62 -14.44 20.50 14.32
N PHE H 63 -13.73 20.12 15.38
CA PHE H 63 -14.36 19.92 16.67
C PHE H 63 -14.85 21.25 17.26
N VAL H 64 -13.97 22.26 17.27
CA VAL H 64 -14.37 23.57 17.77
C VAL H 64 -15.48 24.16 16.91
N ASN H 65 -15.41 23.93 15.59
CA ASN H 65 -16.49 24.40 14.71
C ASN H 65 -17.81 23.72 15.02
N ASP H 66 -17.76 22.40 15.27
CA ASP H 66 -18.98 21.67 15.59
C ASP H 66 -19.58 22.11 16.91
N VAL H 67 -18.74 22.28 17.94
CA VAL H 67 -19.23 22.76 19.23
C VAL H 67 -19.79 24.17 19.08
N PHE H 68 -19.18 24.98 18.21
CA PHE H 68 -19.72 26.31 17.94
C PHE H 68 -21.09 26.23 17.29
N GLU H 69 -21.30 25.24 16.41
CA GLU H 69 -22.61 25.07 15.79
C GLU H 69 -23.64 24.58 16.80
N ARG H 70 -23.22 23.74 17.74
CA ARG H 70 -24.16 23.20 18.73
C ARG H 70 -24.56 24.29 19.72
N ILE H 71 -23.59 25.05 20.22
CA ILE H 71 -23.90 26.09 21.20
C ILE H 71 -24.66 27.23 20.54
N ALA H 72 -24.22 27.63 19.33
CA ALA H 72 -24.90 28.72 18.64
C ALA H 72 -26.31 28.32 18.23
N GLY H 73 -26.51 27.07 17.79
CA GLY H 73 -27.83 26.62 17.43
C GLY H 73 -28.75 26.47 18.63
N GLU H 74 -28.23 25.89 19.72
CA GLU H 74 -29.03 25.74 20.93
C GLU H 74 -29.42 27.10 21.50
N ALA H 75 -28.47 28.05 21.53
CA ALA H 75 -28.78 29.41 21.97
C ALA H 75 -29.70 30.14 21.00
N SER H 76 -29.70 29.74 19.72
CA SER H 76 -30.59 30.38 18.75
C SER H 76 -32.02 29.90 18.94
N ARG H 77 -32.22 28.59 19.03
CA ARG H 77 -33.57 28.06 19.23
C ARG H 77 -34.10 28.43 20.61
N LEU H 78 -33.24 28.45 21.63
CA LEU H 78 -33.67 28.89 22.95
C LEU H 78 -33.98 30.38 22.96
N ALA H 79 -33.21 31.17 22.22
CA ALA H 79 -33.52 32.59 22.10
C ALA H 79 -34.82 32.81 21.33
N HIS H 80 -35.18 31.89 20.44
CA HIS H 80 -36.45 31.99 19.72
C HIS H 80 -37.63 31.46 20.52
N TYR H 81 -37.38 30.61 21.51
CA TYR H 81 -38.48 30.06 22.31
C TYR H 81 -39.09 31.13 23.22
N ASN H 82 -38.25 31.85 23.96
CA ASN H 82 -38.72 32.84 24.91
C ASN H 82 -38.98 34.21 24.27
N LYS H 83 -39.18 34.25 22.95
CA LYS H 83 -39.44 35.49 22.22
C LYS H 83 -38.34 36.53 22.44
N ARG H 84 -37.10 36.05 22.58
CA ARG H 84 -35.97 36.94 22.81
C ARG H 84 -35.36 37.35 21.48
N SER H 85 -35.12 38.65 21.32
CA SER H 85 -34.57 39.20 20.09
C SER H 85 -33.06 39.40 20.15
N THR H 86 -32.39 38.80 21.13
CA THR H 86 -30.95 38.94 21.27
C THR H 86 -30.39 37.73 21.99
N ILE H 87 -29.06 37.64 22.02
CA ILE H 87 -28.35 36.57 22.70
C ILE H 87 -27.25 37.21 23.52
N THR H 88 -27.36 37.12 24.85
CA THR H 88 -26.35 37.70 25.74
C THR H 88 -25.46 36.61 26.32
N SER H 89 -25.14 36.72 27.61
CA SER H 89 -24.30 35.73 28.28
C SER H 89 -25.10 34.66 29.00
N ARG H 90 -26.34 34.95 29.40
CA ARG H 90 -27.14 33.96 30.09
C ARG H 90 -27.56 32.82 29.16
N GLU H 91 -27.83 33.13 27.88
CA GLU H 91 -28.20 32.08 26.94
C GLU H 91 -27.05 31.12 26.70
N ILE H 92 -25.83 31.65 26.55
CA ILE H 92 -24.67 30.78 26.42
C ILE H 92 -24.39 30.04 27.72
N GLN H 93 -24.72 30.66 28.86
CA GLN H 93 -24.51 30.01 30.15
C GLN H 93 -25.41 28.79 30.29
N THR H 94 -26.72 28.95 30.05
CA THR H 94 -27.63 27.82 30.17
C THR H 94 -27.42 26.81 29.04
N ALA H 95 -26.98 27.27 27.87
CA ALA H 95 -26.66 26.33 26.79
C ALA H 95 -25.45 25.47 27.16
N VAL H 96 -24.46 26.06 27.82
CA VAL H 96 -23.32 25.29 28.30
C VAL H 96 -23.75 24.35 29.41
N ARG H 97 -24.59 24.82 30.33
CA ARG H 97 -25.09 23.96 31.40
C ARG H 97 -25.98 22.84 30.89
N LEU H 98 -26.55 22.98 29.69
CA LEU H 98 -27.36 21.93 29.10
C LEU H 98 -26.54 20.93 28.29
N LEU H 99 -25.63 21.43 27.45
CA LEU H 99 -24.81 20.54 26.64
C LEU H 99 -23.80 19.77 27.49
N LEU H 100 -23.54 20.21 28.71
CA LEU H 100 -22.60 19.49 29.59
C LEU H 100 -23.26 19.03 30.91
N PRO H 101 -23.06 17.75 31.26
CA PRO H 101 -23.73 17.13 32.41
C PRO H 101 -23.43 17.79 33.75
N GLY H 102 -22.18 18.13 34.03
CA GLY H 102 -21.91 18.75 35.31
C GLY H 102 -20.62 19.51 35.47
N GLU H 103 -19.59 18.74 35.72
CA GLU H 103 -18.25 19.26 35.99
C GLU H 103 -17.83 20.28 34.94
N LEU H 104 -17.90 19.90 33.65
CA LEU H 104 -17.53 20.82 32.58
C LEU H 104 -18.45 22.03 32.56
N ALA H 105 -19.71 21.86 32.97
CA ALA H 105 -20.63 23.00 33.04
C ALA H 105 -20.26 23.91 34.20
N LYS H 106 -19.88 23.33 35.34
CA LYS H 106 -19.52 24.14 36.51
C LYS H 106 -18.25 24.94 36.24
N HIS H 107 -17.19 24.25 35.81
CA HIS H 107 -15.93 24.94 35.53
C HIS H 107 -16.04 25.88 34.34
N ALA H 108 -16.90 25.53 33.37
CA ALA H 108 -17.11 26.41 32.22
C ALA H 108 -17.86 27.67 32.62
N VAL H 109 -18.79 27.55 33.57
CA VAL H 109 -19.49 28.73 34.07
C VAL H 109 -18.56 29.59 34.90
N SER H 110 -17.71 28.96 35.72
CA SER H 110 -16.77 29.71 36.54
C SER H 110 -15.77 30.47 35.68
N GLU H 111 -15.11 29.77 34.75
CA GLU H 111 -14.14 30.41 33.89
C GLU H 111 -14.81 31.42 32.95
N GLY H 112 -16.02 31.12 32.50
CA GLY H 112 -16.72 32.04 31.62
C GLY H 112 -17.08 33.34 32.31
N THR H 113 -17.68 33.25 33.50
CA THR H 113 -18.00 34.46 34.25
C THR H 113 -16.75 35.19 34.70
N LYS H 114 -15.65 34.46 34.94
CA LYS H 114 -14.40 35.13 35.27
C LYS H 114 -13.85 35.90 34.08
N ALA H 115 -14.03 35.36 32.86
CA ALA H 115 -13.56 36.06 31.67
C ALA H 115 -14.43 37.26 31.35
N VAL H 116 -15.75 37.12 31.51
CA VAL H 116 -16.66 38.25 31.28
C VAL H 116 -16.41 39.34 32.31
N THR H 117 -16.16 38.96 33.56
CA THR H 117 -15.86 39.96 34.59
C THR H 117 -14.50 40.62 34.32
N LYS H 118 -13.53 39.85 33.83
CA LYS H 118 -12.23 40.43 33.51
C LYS H 118 -12.33 41.41 32.36
N TYR H 119 -13.14 41.09 31.35
CA TYR H 119 -13.30 42.00 30.21
C TYR H 119 -14.14 43.22 30.57
N THR H 120 -15.14 43.06 31.44
CA THR H 120 -15.98 44.19 31.81
C THR H 120 -15.25 45.14 32.74
N SER H 121 -14.48 44.59 33.70
CA SER H 121 -13.75 45.43 34.63
C SER H 121 -12.62 46.22 33.97
N ALA H 122 -12.10 45.72 32.85
CA ALA H 122 -11.02 46.41 32.14
C ALA H 122 -11.55 47.15 30.92
N ASP K 175 14.91 -26.66 6.27
CA ASP K 175 15.84 -27.68 6.69
C ASP K 175 15.28 -29.08 6.46
N PHE K 176 13.97 -29.15 6.24
CA PHE K 176 13.31 -30.43 6.01
C PHE K 176 13.55 -30.90 4.58
N HIS K 177 13.48 -32.23 4.39
CA HIS K 177 13.70 -32.84 3.09
C HIS K 177 12.34 -33.24 2.52
N GLY K 178 11.65 -32.27 1.94
CA GLY K 178 10.34 -32.47 1.37
C GLY K 178 10.34 -32.32 -0.15
N ILE K 179 9.14 -32.42 -0.70
CA ILE K 179 8.93 -32.32 -2.15
C ILE K 179 8.81 -30.85 -2.53
N ASP K 180 9.58 -30.43 -3.53
CA ASP K 180 9.53 -29.07 -4.02
C ASP K 180 8.68 -28.98 -5.28
N ILE K 181 9.23 -29.41 -6.41
CA ILE K 181 8.54 -29.39 -7.69
C ILE K 181 8.70 -30.75 -8.36
N VAL K 182 8.04 -30.92 -9.50
CA VAL K 182 8.10 -32.13 -10.29
C VAL K 182 8.86 -31.83 -11.57
N ILE K 183 9.78 -32.73 -11.93
CA ILE K 183 10.62 -32.53 -13.11
C ILE K 183 10.06 -33.34 -14.28
N ASN K 184 10.36 -34.63 -14.30
CA ASN K 184 9.96 -35.51 -15.40
C ASN K 184 9.09 -36.64 -14.86
N HIS K 185 8.50 -37.40 -15.79
CA HIS K 185 7.63 -38.51 -15.43
C HIS K 185 7.74 -39.58 -16.50
N ARG K 186 7.59 -40.84 -16.08
CA ARG K 186 7.64 -41.98 -16.99
C ARG K 186 6.88 -43.13 -16.34
N LEU K 187 7.06 -44.33 -16.88
CA LEU K 187 6.42 -45.54 -16.37
C LEU K 187 7.38 -46.31 -15.47
N LYS K 188 6.79 -47.11 -14.59
CA LYS K 188 7.55 -47.93 -13.65
C LYS K 188 7.53 -49.41 -14.00
N THR K 189 6.35 -49.97 -14.27
CA THR K 189 6.19 -51.37 -14.63
C THR K 189 6.12 -51.50 -16.14
N SER K 190 7.10 -52.18 -16.74
CA SER K 190 7.14 -52.36 -18.18
C SER K 190 6.20 -53.49 -18.61
N LYS K 199 -5.12 -48.20 -20.80
CA LYS K 199 -6.55 -48.37 -20.61
C LYS K 199 -7.31 -47.11 -21.04
N THR K 200 -8.57 -47.01 -20.63
CA THR K 200 -9.37 -45.84 -20.98
C THR K 200 -8.89 -44.61 -20.22
N VAL K 201 -8.71 -44.74 -18.92
CA VAL K 201 -8.23 -43.63 -18.09
C VAL K 201 -7.49 -44.20 -16.88
N PRO K 202 -6.17 -44.01 -16.79
CA PRO K 202 -5.45 -44.47 -15.60
C PRO K 202 -5.75 -43.59 -14.40
N ASP K 203 -6.16 -44.22 -13.31
CA ASP K 203 -6.48 -43.48 -12.08
C ASP K 203 -5.22 -43.26 -11.26
N LEU K 204 -5.39 -42.88 -9.99
CA LEU K 204 -4.24 -42.64 -9.13
C LEU K 204 -3.52 -43.93 -8.78
N ASN K 205 -4.26 -45.04 -8.67
CA ASN K 205 -3.64 -46.32 -8.36
C ASN K 205 -2.69 -46.76 -9.47
N ASN K 206 -3.09 -46.56 -10.73
CA ASN K 206 -2.19 -46.87 -11.85
C ASN K 206 -0.99 -45.94 -11.83
N CYS K 207 -1.14 -44.71 -11.35
CA CYS K 207 0.00 -43.81 -11.20
C CYS K 207 0.91 -44.23 -10.05
N LYS K 208 0.39 -44.98 -9.08
CA LYS K 208 1.22 -45.45 -7.98
C LYS K 208 1.97 -46.72 -8.35
N GLU K 209 1.25 -47.73 -8.83
CA GLU K 209 1.84 -49.04 -9.13
C GLU K 209 2.16 -49.23 -10.60
N ASN K 210 2.19 -48.14 -11.38
CA ASN K 210 2.47 -48.26 -12.80
C ASN K 210 3.31 -47.12 -13.38
N TYR K 211 3.57 -46.05 -12.63
CA TYR K 211 4.33 -44.92 -13.15
C TYR K 211 5.23 -44.37 -12.06
N GLU K 212 6.47 -44.05 -12.43
CA GLU K 212 7.42 -43.40 -11.55
C GLU K 212 7.65 -41.97 -12.01
N PHE K 213 7.83 -41.05 -11.07
CA PHE K 213 7.92 -39.63 -11.35
C PHE K 213 9.22 -39.06 -10.78
N LEU K 214 9.89 -38.23 -11.58
CA LEU K 214 11.11 -37.56 -11.15
C LEU K 214 10.73 -36.38 -10.28
N ILE K 215 11.05 -36.46 -8.98
CA ILE K 215 10.64 -35.46 -8.00
C ILE K 215 11.87 -34.67 -7.58
N LYS K 216 11.75 -33.35 -7.58
CA LYS K 216 12.81 -32.46 -7.12
C LYS K 216 12.55 -32.10 -5.65
N TRP K 217 13.55 -32.32 -4.81
CA TRP K 217 13.42 -32.09 -3.38
C TRP K 217 13.76 -30.65 -3.03
N THR K 218 13.11 -30.14 -1.99
CA THR K 218 13.35 -28.79 -1.53
C THR K 218 14.66 -28.71 -0.74
N ASP K 219 15.18 -27.48 -0.60
CA ASP K 219 16.44 -27.23 0.09
C ASP K 219 17.59 -28.04 -0.52
N GLU K 220 17.53 -28.27 -1.82
CA GLU K 220 18.55 -29.06 -2.50
C GLU K 220 18.56 -28.68 -3.97
N SER K 221 19.72 -28.82 -4.60
CA SER K 221 19.88 -28.48 -6.00
C SER K 221 19.07 -29.42 -6.88
N HIS K 222 18.94 -29.05 -8.15
CA HIS K 222 18.21 -29.84 -9.12
C HIS K 222 18.99 -31.04 -9.63
N LEU K 223 20.23 -31.22 -9.18
CA LEU K 223 21.03 -32.38 -9.59
C LEU K 223 20.75 -33.62 -8.76
N HIS K 224 19.92 -33.51 -7.72
CA HIS K 224 19.58 -34.64 -6.86
C HIS K 224 18.17 -35.14 -7.10
N ASN K 225 17.70 -35.05 -8.34
CA ASN K 225 16.35 -35.52 -8.67
C ASN K 225 16.32 -37.04 -8.73
N THR K 226 15.38 -37.64 -8.01
CA THR K 226 15.23 -39.08 -7.93
C THR K 226 13.83 -39.48 -8.38
N TRP K 227 13.74 -40.61 -9.09
CA TRP K 227 12.47 -41.14 -9.56
C TRP K 227 11.78 -41.85 -8.41
N GLU K 228 10.84 -41.17 -7.75
CA GLU K 228 10.14 -41.71 -6.60
C GLU K 228 8.63 -41.65 -6.83
N THR K 229 7.91 -42.44 -6.05
CA THR K 229 6.45 -42.47 -6.15
C THR K 229 5.82 -42.11 -4.80
N TYR K 230 4.95 -42.97 -4.29
CA TYR K 230 4.30 -42.78 -3.00
C TYR K 230 4.68 -43.82 -1.97
N GLU K 231 4.78 -45.10 -2.38
CA GLU K 231 5.14 -46.16 -1.45
C GLU K 231 6.65 -46.27 -1.22
N SER K 232 7.45 -45.50 -1.97
CA SER K 232 8.90 -45.54 -1.80
C SER K 232 9.43 -44.45 -0.88
N ILE K 233 8.65 -43.40 -0.65
CA ILE K 233 9.07 -42.31 0.24
C ILE K 233 8.18 -42.20 1.48
N GLY K 234 6.97 -42.74 1.46
CA GLY K 234 6.09 -42.64 2.61
C GLY K 234 5.50 -41.26 2.76
N GLN K 235 5.24 -40.87 4.01
CA GLN K 235 4.67 -39.57 4.31
C GLN K 235 5.80 -38.53 4.33
N VAL K 236 5.77 -37.61 3.37
CA VAL K 236 6.79 -36.57 3.24
C VAL K 236 6.09 -35.22 3.17
N ARG K 237 6.86 -34.16 3.45
CA ARG K 237 6.32 -32.81 3.42
C ARG K 237 5.96 -32.41 2.00
N GLY K 238 4.68 -32.08 1.79
CA GLY K 238 4.22 -31.65 0.48
C GLY K 238 3.85 -32.81 -0.43
N LEU K 239 2.56 -32.98 -0.68
CA LEU K 239 2.08 -34.06 -1.55
C LEU K 239 1.00 -33.64 -2.53
N LYS K 240 0.39 -32.46 -2.39
CA LYS K 240 -0.68 -32.06 -3.29
C LYS K 240 -0.15 -31.63 -4.65
N ARG K 241 1.10 -31.15 -4.71
CA ARG K 241 1.66 -30.72 -5.99
C ARG K 241 1.78 -31.89 -6.95
N LEU K 242 2.27 -33.03 -6.47
CA LEU K 242 2.38 -34.21 -7.32
C LEU K 242 1.00 -34.77 -7.67
N ASP K 243 0.01 -34.56 -6.79
CA ASP K 243 -1.34 -35.00 -7.10
C ASP K 243 -1.95 -34.16 -8.23
N ASN K 244 -1.74 -32.84 -8.18
CA ASN K 244 -2.25 -31.98 -9.24
C ASN K 244 -1.50 -32.22 -10.54
N TYR K 245 -0.18 -32.42 -10.47
CA TYR K 245 0.59 -32.70 -11.67
C TYR K 245 0.17 -34.02 -12.30
N CYS K 246 -0.06 -35.05 -11.47
CA CYS K 246 -0.52 -36.32 -11.98
C CYS K 246 -1.94 -36.21 -12.53
N LYS K 247 -2.77 -35.34 -11.96
CA LYS K 247 -4.10 -35.11 -12.51
C LYS K 247 -4.02 -34.46 -13.89
N GLN K 248 -3.16 -33.46 -14.04
CA GLN K 248 -2.95 -32.85 -15.35
C GLN K 248 -2.33 -33.84 -16.32
N PHE K 249 -1.59 -34.83 -15.82
CA PHE K 249 -1.08 -35.88 -16.68
C PHE K 249 -2.18 -36.84 -17.10
N ILE K 250 -3.16 -37.08 -16.22
CA ILE K 250 -4.30 -37.92 -16.59
C ILE K 250 -5.16 -37.23 -17.64
N ILE K 251 -5.44 -35.94 -17.44
CA ILE K 251 -6.19 -35.18 -18.45
C ILE K 251 -5.40 -35.11 -19.75
N GLU K 252 -4.08 -34.98 -19.65
CA GLU K 252 -3.25 -34.97 -20.85
C GLU K 252 -3.37 -36.30 -21.60
N ASP K 253 -3.30 -37.41 -20.88
CA ASP K 253 -3.53 -38.71 -21.50
C ASP K 253 -4.92 -38.81 -22.11
N GLN K 254 -5.90 -38.14 -21.51
CA GLN K 254 -7.23 -38.07 -22.10
C GLN K 254 -7.27 -37.16 -23.32
N GLN K 255 -6.24 -36.34 -23.52
CA GLN K 255 -6.19 -35.42 -24.65
C GLN K 255 -5.17 -35.81 -25.70
N VAL K 256 -4.45 -36.92 -25.52
CA VAL K 256 -3.47 -37.36 -26.50
C VAL K 256 -4.13 -38.34 -27.47
N ARG K 257 -4.51 -39.52 -26.98
CA ARG K 257 -5.11 -40.55 -27.82
C ARG K 257 -6.41 -41.11 -27.25
N LEU K 258 -6.89 -40.61 -26.11
CA LEU K 258 -8.12 -41.11 -25.52
C LEU K 258 -9.25 -40.10 -25.71
N ASP K 259 -9.41 -39.58 -26.92
CA ASP K 259 -10.44 -38.60 -27.23
C ASP K 259 -10.73 -38.60 -28.73
N PRO K 260 -11.98 -38.81 -29.13
CA PRO K 260 -12.32 -38.80 -30.55
C PRO K 260 -12.42 -37.41 -31.16
N TYR K 261 -12.21 -36.36 -30.37
CA TYR K 261 -12.31 -34.98 -30.86
C TYR K 261 -10.96 -34.32 -31.06
N VAL K 262 -9.86 -35.02 -30.79
CA VAL K 262 -8.53 -34.44 -30.95
C VAL K 262 -8.18 -34.38 -32.44
N THR K 263 -7.43 -33.35 -32.82
CA THR K 263 -7.03 -33.16 -34.20
C THR K 263 -5.54 -33.43 -34.39
N ALA K 264 -4.86 -32.59 -35.15
CA ALA K 264 -3.44 -32.75 -35.43
C ALA K 264 -2.56 -31.72 -34.72
N GLU K 265 -3.00 -30.45 -34.65
CA GLU K 265 -2.19 -29.45 -33.99
C GLU K 265 -2.20 -29.62 -32.47
N ASP K 266 -3.28 -30.21 -31.92
CA ASP K 266 -3.32 -30.43 -30.47
C ASP K 266 -2.25 -31.41 -30.02
N ILE K 267 -1.89 -32.37 -30.89
CA ILE K 267 -0.81 -33.29 -30.55
C ILE K 267 0.53 -32.55 -30.50
N GLU K 268 0.74 -31.62 -31.44
CA GLU K 268 1.98 -30.84 -31.44
C GLU K 268 2.03 -29.83 -30.30
N ILE K 269 0.88 -29.40 -29.81
CA ILE K 269 0.86 -28.47 -28.68
C ILE K 269 1.08 -29.21 -27.37
N MET K 270 0.31 -30.27 -27.13
CA MET K 270 0.47 -31.04 -25.89
C MET K 270 1.84 -31.69 -25.82
N ASP K 271 2.32 -32.22 -26.95
CA ASP K 271 3.68 -32.75 -26.97
C ASP K 271 4.72 -31.65 -26.95
N MET K 272 4.37 -30.46 -27.46
CA MET K 272 5.29 -29.32 -27.40
C MET K 272 5.49 -28.85 -25.96
N GLU K 273 4.47 -28.99 -25.12
CA GLU K 273 4.61 -28.61 -23.71
C GLU K 273 5.63 -29.49 -23.00
N ARG K 274 5.77 -30.74 -23.44
CA ARG K 274 6.75 -31.65 -22.84
C ARG K 274 8.16 -31.11 -23.04
N GLU K 275 8.57 -30.90 -24.29
CA GLU K 275 9.88 -30.34 -24.57
C GLU K 275 10.02 -28.91 -24.04
N ARG K 276 8.91 -28.19 -23.88
CA ARG K 276 8.96 -26.87 -23.28
C ARG K 276 9.37 -26.95 -21.82
N ARG K 277 8.71 -27.83 -21.04
CA ARG K 277 9.10 -28.03 -19.65
C ARG K 277 10.49 -28.62 -19.53
N LEU K 278 10.88 -29.49 -20.46
CA LEU K 278 12.24 -30.02 -20.45
C LEU K 278 13.26 -28.91 -20.68
N ASP K 279 12.96 -27.99 -21.60
CA ASP K 279 13.86 -26.86 -21.80
C ASP K 279 13.86 -25.91 -20.61
N GLU K 280 12.76 -25.85 -19.87
CA GLU K 280 12.69 -25.02 -18.66
C GLU K 280 13.27 -25.72 -17.44
N PHE K 281 13.61 -27.01 -17.54
CA PHE K 281 14.17 -27.75 -16.42
C PHE K 281 15.64 -28.10 -16.60
N GLU K 282 16.11 -28.26 -17.84
CA GLU K 282 17.51 -28.60 -18.07
C GLU K 282 18.44 -27.42 -17.80
N GLU K 283 17.92 -26.20 -17.79
CA GLU K 283 18.74 -25.02 -17.53
C GLU K 283 19.11 -24.88 -16.06
N PHE K 284 18.48 -25.65 -15.16
CA PHE K 284 18.77 -25.58 -13.75
C PHE K 284 19.94 -26.46 -13.33
N HIS K 285 20.48 -27.28 -14.24
CA HIS K 285 21.58 -28.17 -13.91
C HIS K 285 22.94 -27.56 -14.18
N VAL K 286 23.01 -26.56 -15.06
CA VAL K 286 24.27 -25.90 -15.40
C VAL K 286 24.43 -24.65 -14.55
N PRO K 287 25.54 -24.50 -13.83
CA PRO K 287 25.77 -23.25 -13.07
C PRO K 287 25.91 -22.07 -14.02
N GLU K 288 26.10 -20.90 -13.41
CA GLU K 288 26.18 -19.64 -14.14
C GLU K 288 27.16 -18.71 -13.43
N ARG K 289 27.28 -18.87 -12.12
CA ARG K 289 28.13 -18.02 -11.31
C ARG K 289 28.40 -18.72 -9.97
N ILE K 290 29.57 -18.43 -9.40
CA ILE K 290 29.89 -18.84 -8.03
C ILE K 290 29.89 -17.57 -7.19
N ILE K 291 28.95 -17.49 -6.25
CA ILE K 291 28.85 -16.30 -5.41
C ILE K 291 29.99 -16.27 -4.40
N ASP K 292 29.92 -17.13 -3.40
CA ASP K 292 30.90 -17.18 -2.33
C ASP K 292 31.52 -18.57 -2.28
N SER K 293 32.50 -18.73 -1.38
CA SER K 293 33.22 -20.00 -1.22
C SER K 293 33.73 -20.05 0.22
N GLN K 294 32.96 -20.70 1.08
CA GLN K 294 33.29 -20.84 2.50
C GLN K 294 33.46 -22.32 2.83
N ARG K 295 34.58 -22.65 3.47
CA ARG K 295 34.88 -24.04 3.82
C ARG K 295 34.09 -24.42 5.07
N ALA K 296 33.16 -25.35 4.93
CA ALA K 296 32.33 -25.82 6.02
C ALA K 296 32.78 -27.19 6.48
N SER K 297 32.57 -27.48 7.76
CA SER K 297 32.94 -28.76 8.32
C SER K 297 31.84 -29.79 8.11
N LEU K 298 32.20 -31.06 8.23
CA LEU K 298 31.29 -32.17 8.06
C LEU K 298 31.08 -32.89 9.39
N GLU K 299 30.50 -34.08 9.33
CA GLU K 299 30.23 -34.88 10.51
C GLU K 299 31.41 -35.76 10.92
N ASP K 300 32.37 -35.95 10.04
CA ASP K 300 33.54 -36.78 10.34
C ASP K 300 34.75 -35.96 10.78
N GLY K 301 34.57 -34.66 11.01
CA GLY K 301 35.65 -33.79 11.43
C GLY K 301 36.37 -33.06 10.33
N THR K 302 36.26 -33.54 9.09
CA THR K 302 36.91 -32.89 7.97
C THR K 302 36.16 -31.62 7.57
N SER K 303 36.85 -30.75 6.83
CA SER K 303 36.30 -29.49 6.36
C SER K 303 36.52 -29.39 4.85
N GLN K 304 35.43 -29.35 4.09
CA GLN K 304 35.47 -29.25 2.65
C GLN K 304 35.01 -27.87 2.21
N LEU K 305 35.58 -27.39 1.11
CA LEU K 305 35.27 -26.08 0.57
C LEU K 305 34.05 -26.19 -0.34
N GLN K 306 32.95 -25.53 0.05
CA GLN K 306 31.71 -25.56 -0.70
C GLN K 306 31.46 -24.19 -1.34
N TYR K 307 30.89 -24.21 -2.54
CA TYR K 307 30.66 -23.01 -3.34
C TYR K 307 29.18 -22.65 -3.32
N LEU K 308 28.90 -21.35 -3.25
CA LEU K 308 27.53 -20.83 -3.34
C LEU K 308 27.17 -20.72 -4.81
N VAL K 309 26.60 -21.79 -5.36
CA VAL K 309 26.39 -21.90 -6.80
C VAL K 309 25.14 -21.13 -7.20
N LYS K 310 25.25 -20.36 -8.28
CA LYS K 310 24.13 -19.67 -8.90
C LYS K 310 23.81 -20.33 -10.23
N TRP K 311 22.55 -20.70 -10.43
CA TRP K 311 22.14 -21.47 -11.59
C TRP K 311 21.58 -20.56 -12.69
N ARG K 312 21.43 -21.14 -13.87
CA ARG K 312 20.95 -20.41 -15.04
C ARG K 312 19.43 -20.33 -15.06
N ARG K 313 18.93 -19.20 -15.57
CA ARG K 313 17.50 -18.96 -15.71
C ARG K 313 16.77 -19.13 -14.37
N LEU K 314 17.36 -18.57 -13.32
CA LEU K 314 16.82 -18.69 -11.99
C LEU K 314 17.19 -17.45 -11.19
N ASN K 315 16.35 -17.12 -10.21
CA ASN K 315 16.62 -15.99 -9.33
C ASN K 315 17.78 -16.33 -8.39
N TYR K 316 18.25 -15.31 -7.67
CA TYR K 316 19.34 -15.51 -6.72
C TYR K 316 18.98 -16.45 -5.59
N ASP K 317 17.70 -16.77 -5.40
CA ASP K 317 17.29 -17.71 -4.38
C ASP K 317 17.65 -19.14 -4.79
N GLU K 318 17.38 -20.08 -3.90
CA GLU K 318 17.66 -21.50 -4.11
C GLU K 318 19.14 -21.73 -4.45
N ALA K 319 20.02 -20.94 -3.86
CA ALA K 319 21.46 -21.07 -4.08
C ALA K 319 22.01 -22.08 -3.07
N THR K 320 22.20 -23.31 -3.50
CA THR K 320 22.68 -24.38 -2.63
C THR K 320 24.21 -24.44 -2.65
N TRP K 321 24.76 -24.99 -1.57
CA TRP K 321 26.20 -25.17 -1.43
C TRP K 321 26.60 -26.52 -2.03
N GLU K 322 27.53 -26.49 -2.97
CA GLU K 322 28.05 -27.69 -3.61
C GLU K 322 29.54 -27.81 -3.37
N ASN K 323 29.99 -29.01 -3.04
CA ASN K 323 31.40 -29.24 -2.77
C ASN K 323 32.22 -29.07 -4.04
N ALA K 324 33.51 -28.76 -3.86
CA ALA K 324 34.43 -28.55 -4.96
C ALA K 324 34.94 -29.85 -5.58
N THR K 325 34.29 -30.99 -5.31
CA THR K 325 34.70 -32.26 -5.88
C THR K 325 34.00 -32.59 -7.19
N ASP K 326 32.89 -31.90 -7.51
CA ASP K 326 32.18 -32.14 -8.74
C ASP K 326 31.90 -30.88 -9.55
N ILE K 327 32.13 -29.69 -8.99
CA ILE K 327 31.91 -28.46 -9.74
C ILE K 327 33.00 -28.27 -10.80
N VAL K 328 34.25 -28.57 -10.44
CA VAL K 328 35.34 -28.44 -11.39
C VAL K 328 35.30 -29.52 -12.46
N LYS K 329 34.54 -30.59 -12.23
CA LYS K 329 34.40 -31.67 -13.20
C LYS K 329 33.20 -31.46 -14.14
N LEU K 330 32.48 -30.35 -13.99
CA LEU K 330 31.32 -30.07 -14.82
C LEU K 330 31.44 -28.73 -15.56
N ALA K 331 31.86 -27.68 -14.86
CA ALA K 331 32.01 -26.35 -15.46
C ALA K 331 33.25 -25.69 -14.89
N PRO K 332 34.43 -26.01 -15.43
CA PRO K 332 35.67 -25.39 -14.93
C PRO K 332 35.76 -23.90 -15.23
N GLU K 333 35.02 -23.40 -16.22
CA GLU K 333 35.10 -21.98 -16.56
C GLU K 333 34.60 -21.12 -15.41
N GLN K 334 33.58 -21.57 -14.68
CA GLN K 334 33.06 -20.80 -13.57
C GLN K 334 34.04 -20.79 -12.39
N VAL K 335 34.79 -21.87 -12.20
CA VAL K 335 35.77 -21.91 -11.12
C VAL K 335 36.98 -21.05 -11.47
N LYS K 336 37.48 -21.17 -12.71
CA LYS K 336 38.62 -20.36 -13.12
C LYS K 336 38.27 -18.88 -13.13
N HIS K 337 37.08 -18.53 -13.62
CA HIS K 337 36.65 -17.13 -13.59
C HIS K 337 36.40 -16.66 -12.16
N PHE K 338 35.89 -17.55 -11.30
CA PHE K 338 35.71 -17.19 -9.90
C PHE K 338 37.03 -16.89 -9.23
N GLN K 339 38.09 -17.63 -9.58
CA GLN K 339 39.41 -17.31 -9.07
C GLN K 339 39.96 -16.05 -9.71
N ASN K 340 39.58 -15.76 -10.96
CA ASN K 340 40.02 -14.54 -11.62
C ASN K 340 39.40 -13.30 -10.98
N ARG K 341 38.17 -13.41 -10.46
CA ARG K 341 37.55 -12.29 -9.78
C ARG K 341 38.28 -11.96 -8.48
N GLU K 342 38.90 -12.96 -7.84
CA GLU K 342 39.65 -12.72 -6.62
C GLU K 342 41.08 -12.30 -6.92
N ASN K 343 41.67 -12.78 -8.01
CA ASN K 343 43.03 -12.38 -8.36
C ASN K 343 43.06 -10.94 -8.88
N SER K 344 42.14 -10.60 -9.78
CA SER K 344 42.04 -9.24 -10.31
C SER K 344 41.45 -8.33 -9.23
N LYS K 345 42.31 -7.89 -8.32
CA LYS K 345 41.89 -7.05 -7.21
C LYS K 345 41.57 -5.65 -7.73
N ILE K 346 40.27 -5.36 -7.89
CA ILE K 346 39.82 -4.06 -8.36
C ILE K 346 39.01 -3.38 -7.27
N LEU K 347 39.52 -3.46 -6.04
CA LEU K 347 38.81 -2.86 -4.91
C LEU K 347 38.94 -1.33 -4.95
N PRO K 348 37.99 -0.61 -4.35
CA PRO K 348 38.03 0.86 -4.43
C PRO K 348 39.17 1.50 -3.66
N GLN K 349 39.84 0.76 -2.76
CA GLN K 349 40.96 1.36 -2.02
C GLN K 349 42.16 1.61 -2.92
N TYR K 350 42.26 0.92 -4.06
CA TYR K 350 43.32 1.15 -5.02
C TYR K 350 42.97 2.25 -6.02
N SER K 351 41.71 2.66 -6.08
CA SER K 351 41.29 3.66 -7.04
C SER K 351 41.98 5.00 -6.79
N SER K 352 42.21 5.74 -7.87
CA SER K 352 42.84 7.04 -7.76
C SER K 352 41.87 8.07 -7.21
N ASN K 353 42.42 9.19 -6.74
CA ASN K 353 41.63 10.29 -6.15
C ASN K 353 42.02 11.58 -6.85
N TYR K 354 41.52 11.77 -8.07
CA TYR K 354 41.75 12.98 -8.84
C TYR K 354 40.70 14.06 -8.57
N THR K 355 40.04 14.01 -7.41
CA THR K 355 39.04 15.01 -7.10
C THR K 355 39.66 16.38 -6.84
N SER K 356 40.92 16.40 -6.40
CA SER K 356 41.61 17.67 -6.15
C SER K 356 42.27 18.23 -7.40
N GLN K 357 42.70 17.38 -8.32
CA GLN K 357 43.34 17.84 -9.55
C GLN K 357 43.17 16.77 -10.62
N ARG K 358 42.59 17.14 -11.75
CA ARG K 358 42.39 16.18 -12.84
C ARG K 358 43.70 16.00 -13.62
N PRO K 359 43.99 14.78 -14.07
CA PRO K 359 45.22 14.54 -14.81
C PRO K 359 45.14 15.09 -16.23
N ARG K 360 46.28 15.01 -16.91
CA ARG K 360 46.34 15.48 -18.30
C ARG K 360 45.63 14.50 -19.22
N PHE K 361 44.61 14.99 -19.93
CA PHE K 361 43.82 14.16 -20.83
C PHE K 361 44.34 14.27 -22.26
N GLU K 362 44.34 13.14 -22.96
CA GLU K 362 44.78 13.07 -24.35
C GLU K 362 43.69 12.42 -25.18
N LYS K 363 43.23 13.11 -26.22
CA LYS K 363 42.19 12.59 -27.10
C LYS K 363 42.77 11.46 -27.95
N LEU K 364 42.36 10.23 -27.67
CA LEU K 364 42.86 9.06 -28.40
C LEU K 364 42.15 8.92 -29.74
N SER K 365 42.69 8.04 -30.58
CA SER K 365 42.09 7.79 -31.88
C SER K 365 41.92 6.30 -32.14
N VAL K 366 42.81 5.48 -31.57
CA VAL K 366 42.71 4.03 -31.74
C VAL K 366 41.79 3.46 -30.68
N GLN K 367 41.73 2.12 -30.61
CA GLN K 367 40.90 1.40 -29.65
C GLN K 367 41.75 0.69 -28.61
N PRO K 368 41.30 0.64 -27.36
CA PRO K 368 42.09 -0.01 -26.32
C PRO K 368 41.97 -1.52 -26.41
N PRO K 369 43.00 -2.25 -25.99
CA PRO K 369 43.00 -3.72 -26.11
C PRO K 369 42.13 -4.42 -25.07
N PHE K 370 40.89 -3.95 -24.92
CA PHE K 370 39.93 -4.51 -23.99
C PHE K 370 38.66 -5.01 -24.66
N ILE K 371 38.49 -4.73 -25.95
CA ILE K 371 37.30 -5.18 -26.70
C ILE K 371 37.62 -6.60 -27.19
N LYS K 372 37.15 -7.59 -26.43
CA LYS K 372 37.32 -8.98 -26.80
C LYS K 372 36.18 -9.51 -27.66
N GLY K 373 35.05 -8.82 -27.69
CA GLY K 373 33.92 -9.26 -28.49
C GLY K 373 34.10 -9.02 -29.97
N GLY K 374 34.20 -7.76 -30.36
CA GLY K 374 34.36 -7.40 -31.76
C GLY K 374 35.04 -6.06 -31.90
N GLU K 375 35.17 -5.63 -33.15
CA GLU K 375 35.81 -4.36 -33.46
C GLU K 375 34.78 -3.23 -33.48
N LEU K 376 35.27 -2.01 -33.36
CA LEU K 376 34.44 -0.82 -33.35
C LEU K 376 34.76 0.05 -34.56
N ARG K 377 33.83 0.91 -34.92
CA ARG K 377 34.01 1.82 -36.05
C ARG K 377 34.74 3.08 -35.61
N ASP K 378 34.25 4.24 -36.07
CA ASP K 378 34.87 5.52 -35.75
C ASP K 378 34.03 6.39 -34.81
N PHE K 379 32.71 6.42 -34.99
CA PHE K 379 31.87 7.24 -34.14
C PHE K 379 31.73 6.65 -32.73
N GLN K 380 31.98 5.36 -32.56
CA GLN K 380 32.02 4.80 -31.21
C GLN K 380 33.22 5.34 -30.44
N LEU K 381 34.41 5.25 -31.02
CA LEU K 381 35.60 5.81 -30.38
C LEU K 381 35.49 7.32 -30.26
N THR K 382 34.79 7.97 -31.18
CA THR K 382 34.54 9.40 -31.06
C THR K 382 33.65 9.71 -29.85
N GLY K 383 32.61 8.90 -29.65
CA GLY K 383 31.77 9.09 -28.47
C GLY K 383 32.50 8.80 -27.18
N ILE K 384 33.37 7.80 -27.18
CA ILE K 384 34.19 7.51 -26.01
C ILE K 384 35.14 8.68 -25.73
N ASN K 385 35.74 9.24 -26.79
CA ASN K 385 36.60 10.40 -26.61
C ASN K 385 35.82 11.64 -26.19
N TRP K 386 34.50 11.67 -26.45
CA TRP K 386 33.70 12.79 -25.99
C TRP K 386 33.33 12.63 -24.52
N MET K 387 32.93 11.43 -24.11
CA MET K 387 32.59 11.19 -22.71
C MET K 387 33.82 11.35 -21.83
N ALA K 388 34.96 10.81 -22.27
CA ALA K 388 36.21 11.01 -21.53
C ALA K 388 36.76 12.42 -21.71
N PHE K 389 36.38 13.11 -22.80
CA PHE K 389 36.81 14.48 -23.00
C PHE K 389 36.10 15.43 -22.04
N LEU K 390 34.81 15.22 -21.80
CA LEU K 390 34.07 16.03 -20.85
C LEU K 390 34.25 15.55 -19.42
N TRP K 391 34.60 14.27 -19.23
CA TRP K 391 34.81 13.75 -17.88
C TRP K 391 36.02 14.38 -17.21
N SER K 392 37.04 14.76 -18.00
CA SER K 392 38.24 15.36 -17.43
C SER K 392 38.01 16.79 -16.95
N LYS K 393 36.93 17.43 -17.37
CA LYS K 393 36.62 18.79 -16.97
C LYS K 393 35.65 18.85 -15.79
N GLY K 394 35.31 17.71 -15.19
CA GLY K 394 34.40 17.71 -14.07
C GLY K 394 32.96 18.03 -14.40
N ASP K 395 32.55 17.83 -15.66
CA ASP K 395 31.20 18.11 -16.10
C ASP K 395 30.52 16.83 -16.56
N ASN K 396 29.20 16.91 -16.74
CA ASN K 396 28.40 15.77 -17.17
C ASN K 396 27.66 16.13 -18.45
N GLY K 397 27.47 15.12 -19.31
CA GLY K 397 26.78 15.29 -20.57
C GLY K 397 25.66 14.28 -20.72
N ILE K 398 24.94 14.42 -21.83
CA ILE K 398 23.82 13.54 -22.17
C ILE K 398 24.09 12.94 -23.54
N LEU K 399 24.07 11.61 -23.61
CA LEU K 399 24.30 10.89 -24.87
C LEU K 399 22.97 10.76 -25.59
N ALA K 400 22.74 11.61 -26.58
CA ALA K 400 21.48 11.60 -27.32
C ALA K 400 21.70 11.19 -28.77
N ASP K 401 22.19 9.97 -28.98
CA ASP K 401 22.43 9.46 -30.31
C ASP K 401 21.20 8.69 -30.80
N GLU K 402 21.35 7.94 -31.89
CA GLU K 402 20.25 7.19 -32.48
C GLU K 402 20.21 5.78 -31.91
N MET K 403 18.99 5.25 -31.79
CA MET K 403 18.80 3.91 -31.23
C MET K 403 19.37 2.86 -32.14
N GLY K 404 20.48 2.25 -31.73
CA GLY K 404 21.15 1.21 -32.50
C GLY K 404 22.62 1.44 -32.73
N LEU K 405 23.16 2.62 -32.43
CA LEU K 405 24.56 2.94 -32.69
C LEU K 405 25.50 2.41 -31.62
N GLY K 406 25.11 1.38 -30.87
CA GLY K 406 25.97 0.83 -29.85
C GLY K 406 26.10 1.67 -28.61
N LYS K 407 24.99 2.22 -28.11
CA LYS K 407 25.05 3.07 -26.92
C LYS K 407 25.39 2.25 -25.68
N THR K 408 25.06 0.96 -25.67
CA THR K 408 25.40 0.12 -24.53
C THR K 408 26.87 -0.26 -24.54
N VAL K 409 27.42 -0.58 -25.72
CA VAL K 409 28.83 -0.96 -25.81
C VAL K 409 29.73 0.22 -25.48
N GLN K 410 29.33 1.44 -25.87
CA GLN K 410 30.13 2.61 -25.53
C GLN K 410 30.16 2.86 -24.03
N THR K 411 29.09 2.50 -23.32
CA THR K 411 29.08 2.66 -21.87
C THR K 411 30.01 1.65 -21.20
N VAL K 412 29.96 0.39 -21.63
CA VAL K 412 30.84 -0.63 -21.05
C VAL K 412 32.29 -0.33 -21.37
N ALA K 413 32.57 0.10 -22.60
CA ALA K 413 33.95 0.42 -22.98
C ALA K 413 34.43 1.67 -22.27
N PHE K 414 33.55 2.63 -22.03
CA PHE K 414 33.94 3.84 -21.30
C PHE K 414 34.20 3.54 -19.83
N ILE K 415 33.40 2.66 -19.24
CA ILE K 415 33.62 2.29 -17.84
C ILE K 415 34.90 1.46 -17.70
N SER K 416 35.11 0.51 -18.61
CA SER K 416 36.32 -0.31 -18.55
C SER K 416 37.58 0.53 -18.77
N TRP K 417 37.54 1.41 -19.77
CA TRP K 417 38.68 2.29 -20.02
C TRP K 417 38.88 3.28 -18.89
N LEU K 418 37.81 3.70 -18.22
CA LEU K 418 37.95 4.63 -17.10
C LEU K 418 38.51 3.92 -15.87
N ILE K 419 38.22 2.63 -15.71
CA ILE K 419 38.70 1.88 -14.55
C ILE K 419 40.16 1.48 -14.75
N PHE K 420 40.49 0.91 -15.91
CA PHE K 420 41.83 0.44 -16.18
C PHE K 420 42.76 1.54 -16.69
N ALA K 421 42.24 2.71 -17.05
CA ALA K 421 43.07 3.79 -17.55
C ALA K 421 43.33 4.85 -16.48
N ARG K 422 42.28 5.51 -16.00
CA ARG K 422 42.39 6.54 -14.98
C ARG K 422 42.44 5.99 -13.56
N ARG K 423 42.53 4.66 -13.41
CA ARG K 423 42.59 4.01 -12.11
C ARG K 423 41.38 4.39 -11.24
N GLN K 424 40.19 4.12 -11.79
CA GLN K 424 38.95 4.41 -11.08
C GLN K 424 38.19 3.13 -10.78
N ASN K 425 38.81 2.22 -10.04
CA ASN K 425 38.22 0.92 -9.70
C ASN K 425 37.08 1.01 -8.70
N GLY K 426 36.60 2.21 -8.35
CA GLY K 426 35.53 2.36 -7.40
C GLY K 426 34.22 1.81 -7.90
N PRO K 427 33.25 1.63 -7.00
CA PRO K 427 31.94 1.11 -7.40
C PRO K 427 31.20 2.11 -8.29
N HIS K 428 30.61 1.61 -9.36
CA HIS K 428 29.82 2.41 -10.28
C HIS K 428 28.44 1.80 -10.43
N ILE K 429 27.41 2.58 -10.13
CA ILE K 429 26.03 2.11 -10.20
C ILE K 429 25.47 2.42 -11.58
N ILE K 430 24.92 1.41 -12.25
CA ILE K 430 24.31 1.55 -13.55
C ILE K 430 22.90 0.96 -13.46
N VAL K 431 21.90 1.82 -13.46
CA VAL K 431 20.51 1.39 -13.32
C VAL K 431 19.99 0.95 -14.69
N VAL K 432 19.51 -0.28 -14.77
CA VAL K 432 19.02 -0.87 -16.01
C VAL K 432 17.68 -1.53 -15.74
N PRO K 433 16.68 -1.36 -16.60
CA PRO K 433 15.39 -2.03 -16.38
C PRO K 433 15.55 -3.55 -16.32
N LEU K 434 14.56 -4.19 -15.69
CA LEU K 434 14.63 -5.64 -15.47
C LEU K 434 14.56 -6.40 -16.79
N SER K 435 13.87 -5.86 -17.80
CA SER K 435 13.78 -6.56 -19.07
C SER K 435 15.11 -6.58 -19.80
N THR K 436 15.88 -5.51 -19.71
CA THR K 436 17.17 -5.40 -20.39
C THR K 436 18.34 -5.89 -19.55
N MET K 437 18.10 -6.26 -18.29
CA MET K 437 19.21 -6.67 -17.42
C MET K 437 19.94 -7.90 -17.93
N PRO K 438 19.28 -9.00 -18.32
CA PRO K 438 20.05 -10.13 -18.87
C PRO K 438 20.77 -9.80 -20.16
N ALA K 439 20.21 -8.90 -20.98
CA ALA K 439 20.90 -8.49 -22.20
C ALA K 439 22.19 -7.74 -21.87
N TRP K 440 22.13 -6.81 -20.92
CA TRP K 440 23.33 -6.12 -20.47
C TRP K 440 24.30 -7.04 -19.76
N LEU K 441 23.82 -8.14 -19.17
CA LEU K 441 24.73 -9.11 -18.57
C LEU K 441 25.46 -9.91 -19.63
N ASP K 442 24.74 -10.40 -20.65
CA ASP K 442 25.38 -11.16 -21.71
C ASP K 442 26.33 -10.30 -22.52
N THR K 443 25.91 -9.08 -22.85
CA THR K 443 26.81 -8.17 -23.57
C THR K 443 27.99 -7.76 -22.69
N PHE K 444 27.75 -7.55 -21.40
CA PHE K 444 28.82 -7.12 -20.50
C PHE K 444 29.87 -8.21 -20.34
N GLU K 445 29.45 -9.47 -20.23
CA GLU K 445 30.41 -10.56 -20.11
C GLU K 445 31.02 -10.92 -21.46
N LYS K 446 30.33 -10.63 -22.56
CA LYS K 446 30.87 -10.95 -23.87
C LYS K 446 31.90 -9.92 -24.32
N TRP K 447 31.76 -8.67 -23.90
CA TRP K 447 32.71 -7.62 -24.26
C TRP K 447 33.75 -7.37 -23.19
N ALA K 448 33.41 -7.54 -21.91
CA ALA K 448 34.34 -7.31 -20.80
C ALA K 448 34.20 -8.44 -19.79
N PRO K 449 34.82 -9.59 -20.06
CA PRO K 449 34.70 -10.71 -19.13
C PRO K 449 35.56 -10.56 -17.88
N ASP K 450 36.53 -9.65 -17.88
CA ASP K 450 37.41 -9.47 -16.73
C ASP K 450 36.73 -8.76 -15.58
N LEU K 451 35.56 -8.18 -15.79
CA LEU K 451 34.82 -7.47 -14.74
C LEU K 451 33.56 -8.24 -14.39
N ASN K 452 33.29 -8.37 -13.09
CA ASN K 452 32.09 -9.05 -12.63
C ASN K 452 30.85 -8.22 -12.95
N CYS K 453 29.70 -8.90 -12.95
CA CYS K 453 28.42 -8.27 -13.27
C CYS K 453 27.33 -8.79 -12.33
N ILE K 454 27.59 -8.72 -11.02
CA ILE K 454 26.62 -9.14 -10.02
C ILE K 454 25.53 -8.09 -9.91
N CYS K 455 24.38 -8.35 -10.52
CA CYS K 455 23.27 -7.41 -10.52
C CYS K 455 22.46 -7.54 -9.23
N TYR K 456 21.29 -6.91 -9.18
CA TYR K 456 20.43 -6.92 -8.01
C TYR K 456 19.01 -7.25 -8.45
N MET K 457 18.56 -8.46 -8.13
CA MET K 457 17.21 -8.92 -8.44
C MET K 457 16.62 -9.60 -7.20
N GLY K 458 15.40 -10.11 -7.35
CA GLY K 458 14.74 -10.82 -6.27
C GLY K 458 13.73 -9.99 -5.51
N ASN K 459 13.52 -10.30 -4.23
CA ASN K 459 12.54 -9.61 -3.42
C ASN K 459 12.89 -9.68 -1.93
N GLN K 460 13.09 -10.89 -1.42
CA GLN K 460 13.34 -11.09 0.01
C GLN K 460 14.64 -11.85 0.25
N LYS K 461 14.70 -13.14 -0.08
CA LYS K 461 15.91 -13.92 0.15
C LYS K 461 17.06 -13.46 -0.72
N SER K 462 16.76 -13.05 -1.97
CA SER K 462 17.81 -12.53 -2.84
C SER K 462 18.41 -11.24 -2.29
N ARG K 463 17.61 -10.44 -1.57
CA ARG K 463 18.15 -9.27 -0.90
C ARG K 463 19.14 -9.69 0.18
N ASP K 464 18.83 -10.77 0.90
CA ASP K 464 19.78 -11.30 1.88
C ASP K 464 21.04 -11.84 1.20
N THR K 465 20.90 -12.37 -0.02
CA THR K 465 22.08 -12.84 -0.75
C THR K 465 22.95 -11.66 -1.18
N ILE K 466 22.33 -10.59 -1.65
CA ILE K 466 23.10 -9.41 -2.06
C ILE K 466 23.74 -8.73 -0.85
N ARG K 467 23.06 -8.78 0.30
CA ARG K 467 23.62 -8.17 1.50
C ARG K 467 24.76 -9.01 2.10
N GLU K 468 24.63 -10.34 2.05
CA GLU K 468 25.71 -11.19 2.54
C GLU K 468 26.88 -11.23 1.56
N TYR K 469 26.64 -10.95 0.28
CA TYR K 469 27.73 -10.85 -0.69
C TYR K 469 28.32 -9.45 -0.74
N GLU K 470 27.60 -8.45 -0.21
CA GLU K 470 28.05 -7.06 -0.31
C GLU K 470 29.27 -6.83 0.58
N PHE K 471 29.14 -7.06 1.88
CA PHE K 471 30.22 -6.88 2.83
C PHE K 471 30.39 -8.13 3.67
N TYR K 472 31.45 -8.13 4.47
CA TYR K 472 31.73 -9.24 5.37
C TYR K 472 30.99 -9.05 6.70
N THR K 473 30.84 -10.14 7.44
CA THR K 473 30.17 -10.12 8.74
C THR K 473 31.12 -9.54 9.78
N ASN K 474 31.26 -8.22 9.75
CA ASN K 474 32.10 -7.52 10.71
C ASN K 474 31.60 -6.08 10.82
N PRO K 475 31.71 -5.46 12.00
CA PRO K 475 31.27 -4.08 12.20
C PRO K 475 32.19 -3.06 11.53
N LYS K 481 33.66 -3.94 6.05
CA LYS K 481 33.90 -3.01 4.95
C LYS K 481 34.76 -3.66 3.88
N THR K 482 34.27 -4.74 3.30
CA THR K 482 34.98 -5.49 2.26
C THR K 482 34.18 -5.37 0.96
N MET K 483 34.56 -4.40 0.13
CA MET K 483 33.86 -4.16 -1.13
C MET K 483 34.30 -5.21 -2.15
N LYS K 484 33.41 -6.16 -2.44
CA LYS K 484 33.69 -7.23 -3.39
C LYS K 484 32.91 -7.06 -4.69
N PHE K 485 32.53 -5.83 -5.03
CA PHE K 485 31.78 -5.55 -6.24
C PHE K 485 32.12 -4.15 -6.72
N ASN K 486 31.53 -3.76 -7.85
CA ASN K 486 31.75 -2.43 -8.40
C ASN K 486 30.64 -2.04 -9.35
N VAL K 487 30.30 -2.91 -10.30
CA VAL K 487 29.29 -2.66 -11.31
C VAL K 487 28.10 -3.57 -11.03
N LEU K 488 26.92 -2.97 -10.93
CA LEU K 488 25.69 -3.72 -10.68
C LEU K 488 24.57 -3.11 -11.52
N LEU K 489 23.44 -3.82 -11.55
CA LEU K 489 22.26 -3.39 -12.29
C LEU K 489 21.07 -3.39 -11.34
N THR K 490 20.46 -2.22 -11.15
CA THR K 490 19.33 -2.06 -10.24
C THR K 490 18.12 -1.55 -11.02
N THR K 491 16.98 -2.22 -10.83
CA THR K 491 15.76 -1.81 -11.51
C THR K 491 15.20 -0.54 -10.87
N TYR K 492 14.29 0.12 -11.60
CA TYR K 492 13.71 1.37 -11.12
C TYR K 492 12.88 1.14 -9.85
N GLU K 493 12.15 0.03 -9.78
CA GLU K 493 11.33 -0.24 -8.61
C GLU K 493 12.18 -0.64 -7.41
N TYR K 494 13.32 -1.29 -7.64
CA TYR K 494 14.22 -1.66 -6.55
C TYR K 494 14.85 -0.43 -5.90
N ILE K 495 14.93 0.69 -6.61
CA ILE K 495 15.43 1.93 -6.00
C ILE K 495 14.43 2.45 -4.99
N LEU K 496 13.16 2.60 -5.41
CA LEU K 496 12.14 3.12 -4.51
C LEU K 496 11.84 2.17 -3.37
N LYS K 497 12.00 0.85 -3.61
CA LYS K 497 11.73 -0.11 -2.55
C LYS K 497 12.87 -0.16 -1.53
N ASP K 498 14.11 0.00 -1.98
CA ASP K 498 15.28 -0.07 -1.11
C ASP K 498 16.12 1.19 -1.32
N ARG K 499 15.88 2.20 -0.49
CA ARG K 499 16.66 3.43 -0.52
C ARG K 499 17.74 3.47 0.56
N ALA K 500 17.55 2.73 1.65
CA ALA K 500 18.54 2.75 2.72
C ALA K 500 19.75 1.89 2.39
N GLU K 501 19.54 0.77 1.68
CA GLU K 501 20.66 -0.10 1.33
C GLU K 501 21.54 0.53 0.25
N LEU K 502 20.92 1.10 -0.79
CA LEU K 502 21.69 1.73 -1.86
C LEU K 502 22.16 3.12 -1.48
N GLY K 503 21.43 3.82 -0.59
CA GLY K 503 21.82 5.15 -0.19
C GLY K 503 22.98 5.21 0.78
N SER K 504 23.23 4.13 1.52
CA SER K 504 24.32 4.08 2.48
C SER K 504 25.66 3.74 1.84
N ILE K 505 25.73 3.59 0.52
CA ILE K 505 26.95 3.27 -0.19
C ILE K 505 27.32 4.45 -1.08
N LYS K 506 28.61 4.78 -1.09
CA LYS K 506 29.09 5.89 -1.90
C LYS K 506 29.26 5.46 -3.35
N TRP K 507 28.97 6.39 -4.27
CA TRP K 507 29.09 6.16 -5.70
C TRP K 507 29.76 7.37 -6.34
N GLN K 508 30.22 7.17 -7.58
CA GLN K 508 30.86 8.25 -8.33
C GLN K 508 30.40 8.36 -9.78
N PHE K 509 29.87 7.30 -10.38
CA PHE K 509 29.39 7.33 -11.75
C PHE K 509 28.02 6.67 -11.82
N MET K 510 27.11 7.29 -12.58
CA MET K 510 25.75 6.81 -12.72
C MET K 510 25.36 6.80 -14.19
N ALA K 511 24.92 5.64 -14.68
CA ALA K 511 24.47 5.49 -16.05
C ALA K 511 23.06 4.91 -16.07
N VAL K 512 22.27 5.35 -17.03
CA VAL K 512 20.87 4.93 -17.12
C VAL K 512 20.50 4.81 -18.60
N ASP K 513 19.84 3.71 -18.96
CA ASP K 513 19.33 3.51 -20.31
C ASP K 513 17.84 3.82 -20.33
N GLU K 514 17.40 4.51 -21.40
CA GLU K 514 16.03 4.97 -21.55
C GLU K 514 15.62 5.85 -20.37
N ALA K 515 16.31 6.99 -20.25
CA ALA K 515 16.09 7.93 -19.16
C ALA K 515 14.90 8.86 -19.38
N HIS K 516 13.84 8.36 -20.01
CA HIS K 516 12.63 9.16 -20.21
C HIS K 516 11.76 9.19 -18.96
N ARG K 517 12.06 8.38 -17.94
CA ARG K 517 11.27 8.38 -16.73
C ARG K 517 11.34 9.70 -15.98
N LEU K 518 12.39 10.49 -16.20
CA LEU K 518 12.57 11.79 -15.56
C LEU K 518 11.90 12.91 -16.34
N LYS K 519 10.71 12.66 -16.88
CA LYS K 519 10.01 13.68 -17.66
C LYS K 519 9.48 14.79 -16.75
N ASN K 520 9.03 14.44 -15.55
CA ASN K 520 8.53 15.40 -14.58
C ASN K 520 9.48 15.45 -13.39
N ALA K 521 9.76 16.67 -12.91
CA ALA K 521 10.67 16.88 -11.80
C ALA K 521 10.00 16.71 -10.44
N GLU K 522 8.76 16.21 -10.41
CA GLU K 522 8.03 15.99 -9.17
C GLU K 522 7.69 14.52 -8.98
N SER K 523 8.64 13.65 -9.31
CA SER K 523 8.47 12.21 -9.18
C SER K 523 9.39 11.68 -8.09
N SER K 524 9.11 10.44 -7.67
CA SER K 524 9.91 9.82 -6.61
C SER K 524 11.29 9.41 -7.11
N LEU K 525 11.39 9.02 -8.38
CA LEU K 525 12.69 8.64 -8.93
C LEU K 525 13.58 9.84 -9.14
N TYR K 526 13.01 10.99 -9.50
CA TYR K 526 13.81 12.18 -9.75
C TYR K 526 14.48 12.67 -8.47
N GLU K 527 13.72 12.73 -7.37
CA GLU K 527 14.30 13.10 -6.09
C GLU K 527 15.08 11.96 -5.46
N SER K 528 14.82 10.71 -5.88
CA SER K 528 15.55 9.57 -5.33
C SER K 528 16.96 9.49 -5.91
N LEU K 529 17.11 9.70 -7.21
CA LEU K 529 18.44 9.66 -7.82
C LEU K 529 19.31 10.81 -7.35
N ASN K 530 18.70 11.92 -6.94
CA ASN K 530 19.46 13.06 -6.45
C ASN K 530 19.92 12.90 -5.01
N SER K 531 19.44 11.86 -4.31
CA SER K 531 19.86 11.62 -2.93
C SER K 531 21.19 10.90 -2.85
N PHE K 532 21.54 10.12 -3.87
CA PHE K 532 22.80 9.38 -3.86
C PHE K 532 23.96 10.34 -4.09
N LYS K 533 24.88 10.38 -3.13
CA LYS K 533 26.05 11.25 -3.21
C LYS K 533 27.00 10.71 -4.28
N VAL K 534 26.85 11.20 -5.51
CA VAL K 534 27.70 10.78 -6.62
C VAL K 534 28.57 11.94 -7.06
N ALA K 535 29.46 11.69 -8.02
CA ALA K 535 30.36 12.71 -8.56
C ALA K 535 30.03 13.08 -9.99
N ASN K 536 29.85 12.10 -10.87
CA ASN K 536 29.53 12.34 -12.26
C ASN K 536 28.36 11.46 -12.69
N ARG K 537 27.59 11.96 -13.66
CA ARG K 537 26.42 11.27 -14.17
C ARG K 537 26.50 11.22 -15.69
N MET K 538 25.65 10.38 -16.28
CA MET K 538 25.61 10.23 -17.74
C MET K 538 24.22 9.73 -18.12
N LEU K 539 23.54 10.46 -18.99
CA LEU K 539 22.19 10.12 -19.44
C LEU K 539 22.27 9.61 -20.87
N ILE K 540 21.87 8.35 -21.07
CA ILE K 540 21.89 7.74 -22.39
C ILE K 540 20.45 7.48 -22.83
N THR K 541 19.88 8.41 -23.58
CA THR K 541 18.51 8.28 -24.05
C THR K 541 18.30 9.22 -25.23
N GLY K 542 17.12 9.11 -25.84
CA GLY K 542 16.75 9.97 -26.95
C GLY K 542 15.35 10.52 -26.80
N THR K 543 15.05 11.06 -25.62
CA THR K 543 13.70 11.53 -25.36
C THR K 543 13.45 12.85 -26.09
N PRO K 544 12.24 13.08 -26.59
CA PRO K 544 11.94 14.35 -27.26
C PRO K 544 11.90 15.53 -26.30
N LEU K 545 12.98 16.30 -26.26
CA LEU K 545 13.09 17.46 -25.37
C LEU K 545 12.58 18.74 -26.01
N GLN K 546 11.49 18.65 -26.78
CA GLN K 546 10.92 19.81 -27.46
C GLN K 546 9.45 20.03 -27.18
N ASN K 547 8.71 19.01 -26.72
CA ASN K 547 7.29 19.20 -26.44
C ASN K 547 7.05 19.94 -25.13
N ASN K 548 7.94 19.80 -24.16
CA ASN K 548 7.81 20.47 -22.88
C ASN K 548 9.18 20.97 -22.43
N ILE K 549 9.21 22.20 -21.92
CA ILE K 549 10.46 22.78 -21.45
C ILE K 549 10.90 22.16 -20.11
N LYS K 550 9.95 21.62 -19.34
CA LYS K 550 10.29 21.01 -18.07
C LYS K 550 11.12 19.74 -18.23
N GLU K 551 11.09 19.11 -19.41
CA GLU K 551 11.90 17.93 -19.66
C GLU K 551 13.35 18.29 -19.87
N LEU K 552 13.62 19.20 -20.82
CA LEU K 552 14.99 19.65 -21.06
C LEU K 552 15.56 20.34 -19.83
N ALA K 553 14.79 21.25 -19.23
CA ALA K 553 15.23 21.90 -18.00
C ALA K 553 15.44 20.91 -16.88
N ALA K 554 14.59 19.88 -16.81
CA ALA K 554 14.77 18.85 -15.80
C ALA K 554 16.06 18.09 -16.00
N LEU K 555 16.42 17.82 -17.26
CA LEU K 555 17.70 17.18 -17.54
C LEU K 555 18.88 18.14 -17.37
N VAL K 556 18.62 19.44 -17.35
CA VAL K 556 19.69 20.41 -17.12
C VAL K 556 20.00 20.52 -15.63
N ASN K 557 18.97 20.78 -14.81
CA ASN K 557 19.19 20.90 -13.38
C ASN K 557 19.32 19.54 -12.69
N PHE K 558 19.04 18.44 -13.39
CA PHE K 558 19.23 17.12 -12.79
C PHE K 558 20.70 16.82 -12.58
N LEU K 559 21.56 17.27 -13.49
CA LEU K 559 23.00 17.08 -13.38
C LEU K 559 23.76 18.35 -13.05
N MET K 560 23.20 19.53 -13.33
CA MET K 560 23.84 20.81 -13.03
C MET K 560 22.83 21.69 -12.30
N PRO K 561 22.71 21.53 -10.97
CA PRO K 561 21.78 22.36 -10.20
C PRO K 561 22.22 23.82 -10.20
N GLY K 562 21.41 24.68 -10.79
CA GLY K 562 21.71 26.10 -10.85
C GLY K 562 21.49 26.71 -12.22
N ARG K 563 21.74 25.93 -13.26
CA ARG K 563 21.56 26.43 -14.62
C ARG K 563 20.08 26.48 -14.99
N PHE K 564 19.77 27.33 -15.94
CA PHE K 564 18.38 27.50 -16.40
C PHE K 564 18.00 26.40 -17.39
N ASN K 574 7.08 28.44 -24.05
CA ASN K 574 6.63 29.82 -23.80
C ASN K 574 5.96 30.42 -25.03
N GLN K 575 6.20 31.70 -25.27
CA GLN K 575 5.61 32.38 -26.41
C GLN K 575 6.25 31.92 -27.71
N ASP K 576 5.48 31.98 -28.80
CA ASP K 576 5.98 31.57 -30.10
C ASP K 576 6.87 32.63 -30.73
N GLU K 577 6.65 33.91 -30.41
CA GLU K 577 7.46 34.97 -30.98
C GLU K 577 8.86 34.98 -30.36
N GLU K 578 8.94 34.85 -29.04
CA GLU K 578 10.23 34.79 -28.34
C GLU K 578 10.87 33.41 -28.39
N GLN K 579 10.23 32.44 -29.05
CA GLN K 579 10.79 31.10 -29.12
C GLN K 579 12.06 31.06 -29.95
N GLU K 580 12.15 31.90 -30.99
CA GLU K 580 13.35 31.91 -31.82
C GLU K 580 14.56 32.44 -31.07
N GLU K 581 14.35 33.37 -30.12
CA GLU K 581 15.46 33.84 -29.30
C GLU K 581 15.75 32.87 -28.16
N TYR K 582 14.69 32.29 -27.56
CA TYR K 582 14.89 31.34 -26.47
C TYR K 582 15.66 30.12 -26.95
N ILE K 583 15.34 29.62 -28.15
CA ILE K 583 16.12 28.52 -28.71
C ILE K 583 17.38 29.03 -29.40
N HIS K 584 17.43 30.31 -29.76
CA HIS K 584 18.65 30.88 -30.33
C HIS K 584 19.77 30.96 -29.30
N ASP K 585 19.42 31.16 -28.03
CA ASP K 585 20.39 31.18 -26.95
C ASP K 585 20.52 29.83 -26.24
N LEU K 586 19.39 29.16 -25.98
CA LEU K 586 19.44 27.87 -25.31
C LEU K 586 20.01 26.78 -26.21
N HIS K 587 19.82 26.91 -27.53
CA HIS K 587 20.33 25.93 -28.48
C HIS K 587 21.84 25.87 -28.42
N ARG K 588 22.52 26.96 -28.82
CA ARG K 588 23.97 27.00 -28.74
C ARG K 588 24.47 26.97 -27.31
N ARG K 589 23.62 27.31 -26.33
CA ARG K 589 24.01 27.19 -24.94
C ARG K 589 24.10 25.73 -24.49
N ILE K 590 23.27 24.86 -25.08
CA ILE K 590 23.26 23.44 -24.70
C ILE K 590 24.03 22.58 -25.69
N GLN K 591 24.44 23.10 -26.85
CA GLN K 591 25.17 22.31 -27.82
C GLN K 591 26.48 21.73 -27.28
N PRO K 592 27.33 22.49 -26.57
CA PRO K 592 28.56 21.88 -26.04
C PRO K 592 28.32 20.80 -24.98
N PHE K 593 27.07 20.63 -24.52
CA PHE K 593 26.76 19.63 -23.50
C PHE K 593 25.74 18.61 -24.02
N ILE K 594 25.81 18.28 -25.31
CA ILE K 594 24.89 17.33 -25.92
C ILE K 594 25.55 16.75 -27.16
N LEU K 595 25.18 15.52 -27.50
CA LEU K 595 25.66 14.83 -28.68
C LEU K 595 24.49 14.60 -29.63
N ARG K 596 24.53 15.26 -30.79
CA ARG K 596 23.48 15.12 -31.81
C ARG K 596 24.13 14.58 -33.08
N ARG K 597 24.28 13.25 -33.13
CA ARG K 597 24.85 12.57 -34.29
C ARG K 597 23.71 11.84 -34.98
N LEU K 598 23.25 12.40 -36.10
CA LEU K 598 22.14 11.80 -36.83
C LEU K 598 22.57 10.52 -37.53
N LYS K 599 21.57 9.81 -38.06
CA LYS K 599 21.80 8.54 -38.75
C LYS K 599 22.31 8.73 -40.18
N LYS K 600 22.49 9.97 -40.64
CA LYS K 600 22.92 10.21 -42.01
C LYS K 600 24.35 9.78 -42.26
N ASP K 601 25.14 9.58 -41.20
CA ASP K 601 26.54 9.19 -41.33
C ASP K 601 26.74 7.68 -41.27
N VAL K 602 25.67 6.90 -41.05
CA VAL K 602 25.76 5.46 -40.95
C VAL K 602 24.87 4.75 -41.96
N GLU K 603 24.28 5.49 -42.90
CA GLU K 603 23.41 4.90 -43.91
C GLU K 603 24.16 4.19 -45.02
N LYS K 604 25.50 4.20 -45.00
CA LYS K 604 26.27 3.52 -46.03
C LYS K 604 26.22 2.01 -45.89
N SER K 605 25.81 1.49 -44.72
CA SER K 605 25.71 0.06 -44.49
C SER K 605 24.33 -0.34 -43.98
N LEU K 606 23.33 0.52 -44.15
CA LEU K 606 21.98 0.24 -43.68
C LEU K 606 20.99 0.32 -44.84
N PRO K 607 19.95 -0.51 -44.83
CA PRO K 607 18.96 -0.47 -45.91
C PRO K 607 18.15 0.82 -45.86
N SER K 608 17.31 0.98 -46.89
CA SER K 608 16.47 2.17 -46.99
C SER K 608 15.35 2.12 -45.95
N LYS K 609 14.74 3.29 -45.70
CA LYS K 609 13.67 3.43 -44.73
C LYS K 609 12.44 4.01 -45.43
N THR K 610 11.29 3.41 -45.15
CA THR K 610 10.03 3.84 -45.75
C THR K 610 8.89 3.59 -44.79
N GLU K 611 7.77 4.24 -45.05
CA GLU K 611 6.58 4.10 -44.22
C GLU K 611 5.36 4.54 -45.03
N ARG K 612 4.28 3.77 -44.92
CA ARG K 612 3.05 4.05 -45.65
C ARG K 612 1.88 4.04 -44.67
N ILE K 613 1.04 5.07 -44.75
CA ILE K 613 -0.14 5.16 -43.90
C ILE K 613 -1.31 4.47 -44.58
N LEU K 614 -2.39 4.25 -43.84
CA LEU K 614 -3.58 3.59 -44.39
C LEU K 614 -4.80 4.11 -43.65
N ARG K 615 -5.60 4.94 -44.32
CA ARG K 615 -6.81 5.51 -43.72
C ARG K 615 -7.91 4.47 -43.79
N VAL K 616 -8.11 3.74 -42.69
CA VAL K 616 -9.14 2.70 -42.63
C VAL K 616 -10.46 3.33 -42.22
N GLU K 617 -11.50 3.04 -43.00
CA GLU K 617 -12.83 3.57 -42.71
C GLU K 617 -13.54 2.71 -41.66
N LEU K 618 -14.61 3.26 -41.11
CA LEU K 618 -15.40 2.58 -40.10
C LEU K 618 -16.48 1.72 -40.76
N SER K 619 -17.14 0.91 -39.94
CA SER K 619 -18.22 0.04 -40.39
C SER K 619 -19.51 0.40 -39.67
N ASP K 620 -20.51 -0.47 -39.79
CA ASP K 620 -21.79 -0.21 -39.13
C ASP K 620 -21.70 -0.42 -37.63
N VAL K 621 -20.89 -1.39 -37.20
CA VAL K 621 -20.73 -1.64 -35.76
C VAL K 621 -20.02 -0.46 -35.10
N GLN K 622 -19.00 0.09 -35.77
CA GLN K 622 -18.36 1.28 -35.26
C GLN K 622 -19.26 2.50 -35.32
N THR K 623 -20.25 2.50 -36.22
CA THR K 623 -21.20 3.61 -36.31
C THR K 623 -22.19 3.57 -35.15
N GLU K 624 -22.77 2.39 -34.88
CA GLU K 624 -23.71 2.28 -33.77
C GLU K 624 -23.01 2.39 -32.43
N TYR K 625 -21.78 1.88 -32.32
CA TYR K 625 -20.99 2.03 -31.12
C TYR K 625 -20.31 3.40 -31.02
N TYR K 626 -20.37 4.20 -32.09
CA TYR K 626 -19.83 5.55 -32.07
C TYR K 626 -20.90 6.62 -31.88
N LYS K 627 -22.16 6.31 -32.17
CA LYS K 627 -23.27 7.24 -32.02
C LYS K 627 -24.23 6.87 -30.91
N ASN K 628 -24.57 5.59 -30.77
CA ASN K 628 -25.59 5.18 -29.81
C ASN K 628 -25.11 5.26 -28.37
N ILE K 629 -23.80 5.37 -28.13
CA ILE K 629 -23.30 5.42 -26.77
C ILE K 629 -23.63 6.75 -26.12
N LEU K 630 -23.43 7.85 -26.84
CA LEU K 630 -23.71 9.19 -26.33
C LEU K 630 -25.16 9.61 -26.53
N THR K 631 -26.11 8.69 -26.34
CA THR K 631 -27.51 9.00 -26.53
C THR K 631 -28.34 8.58 -25.32
N LYS K 632 -28.67 7.29 -25.21
CA LYS K 632 -29.51 6.80 -24.14
C LYS K 632 -29.03 5.46 -23.61
N ASN K 633 -29.02 4.45 -24.47
CA ASN K 633 -28.65 3.11 -24.03
C ASN K 633 -27.15 3.02 -23.77
N TYR K 634 -26.79 2.20 -22.78
CA TYR K 634 -25.40 1.95 -22.42
C TYR K 634 -24.97 0.51 -22.62
N SER K 635 -25.80 -0.44 -22.22
CA SER K 635 -25.50 -1.87 -22.35
C SER K 635 -24.18 -2.24 -21.68
N ILE K 651 -16.86 6.67 -20.55
CA ILE K 651 -17.20 8.06 -20.26
C ILE K 651 -16.64 8.98 -21.33
N MET K 652 -15.33 8.88 -21.55
CA MET K 652 -14.67 9.70 -22.56
C MET K 652 -13.59 8.90 -23.28
N ASN K 653 -12.72 8.24 -22.51
CA ASN K 653 -11.66 7.43 -23.09
C ASN K 653 -12.17 6.11 -23.66
N GLU K 654 -13.31 5.61 -23.19
CA GLU K 654 -13.85 4.36 -23.72
C GLU K 654 -14.25 4.50 -25.18
N LEU K 655 -14.65 5.70 -25.59
CA LEU K 655 -14.96 5.92 -27.00
C LEU K 655 -13.68 5.95 -27.85
N LYS K 656 -12.61 6.56 -27.32
CA LYS K 656 -11.35 6.58 -28.04
C LYS K 656 -10.76 5.18 -28.16
N LYS K 657 -10.95 4.34 -27.12
CA LYS K 657 -10.49 2.97 -27.20
C LYS K 657 -11.37 2.13 -28.10
N ALA K 658 -12.67 2.43 -28.15
CA ALA K 658 -13.62 1.69 -28.98
C ALA K 658 -13.79 2.30 -30.37
N SER K 659 -12.96 3.27 -30.73
CA SER K 659 -13.04 3.89 -32.05
C SER K 659 -12.40 3.04 -33.15
N ASN K 660 -11.81 1.90 -32.79
CA ASN K 660 -11.20 1.02 -33.78
C ASN K 660 -11.62 -0.45 -33.64
N HIS K 661 -12.07 -0.88 -32.47
CA HIS K 661 -12.51 -2.26 -32.27
C HIS K 661 -13.71 -2.23 -31.33
N PRO K 662 -14.82 -2.86 -31.70
CA PRO K 662 -16.01 -2.79 -30.84
C PRO K 662 -15.98 -3.76 -29.67
N TYR K 663 -15.31 -4.89 -29.85
CA TYR K 663 -15.26 -5.94 -28.82
C TYR K 663 -14.43 -5.47 -27.65
N LEU K 664 -15.05 -4.67 -26.78
CA LEU K 664 -14.39 -4.17 -25.58
C LEU K 664 -15.28 -4.22 -24.34
N PHE K 665 -16.54 -4.61 -24.47
CA PHE K 665 -17.44 -4.66 -23.32
C PHE K 665 -17.89 -6.08 -23.04
N ASP K 666 -19.20 -6.27 -22.84
CA ASP K 666 -19.77 -7.59 -22.57
C ASP K 666 -20.84 -7.97 -23.58
N ASN K 667 -21.86 -7.13 -23.76
CA ASN K 667 -22.94 -7.41 -24.71
C ASN K 667 -22.53 -6.91 -26.09
N ALA K 668 -21.65 -7.67 -26.73
CA ALA K 668 -21.15 -7.34 -28.06
C ALA K 668 -20.91 -8.53 -28.96
N GLU K 669 -20.62 -9.72 -28.43
CA GLU K 669 -20.39 -10.89 -29.28
C GLU K 669 -21.70 -11.55 -29.69
N GLU K 670 -22.65 -11.64 -28.77
CA GLU K 670 -23.94 -12.25 -29.08
C GLU K 670 -24.82 -11.34 -29.94
N ARG K 671 -24.50 -10.05 -30.01
CA ARG K 671 -25.30 -9.13 -30.82
C ARG K 671 -25.02 -9.32 -32.30
N VAL K 672 -23.77 -9.56 -32.66
CA VAL K 672 -23.41 -9.76 -34.07
C VAL K 672 -23.88 -11.14 -34.54
N LEU K 673 -23.70 -12.17 -33.71
CA LEU K 673 -24.11 -13.53 -34.07
C LEU K 673 -25.63 -13.60 -34.08
N GLN K 674 -26.21 -13.54 -35.28
CA GLN K 674 -27.66 -13.60 -35.46
C GLN K 674 -28.17 -15.02 -35.66
N LYS K 675 -27.36 -16.02 -35.37
CA LYS K 675 -27.75 -17.42 -35.53
C LYS K 675 -27.02 -18.24 -34.47
N PHE K 676 -26.94 -19.56 -34.70
CA PHE K 676 -26.28 -20.45 -33.75
C PHE K 676 -24.77 -20.25 -33.79
N MET K 681 -21.48 -25.76 -30.82
CA MET K 681 -20.96 -24.40 -30.94
C MET K 681 -20.17 -24.23 -32.23
N THR K 682 -20.49 -23.18 -32.98
CA THR K 682 -19.80 -22.92 -34.24
C THR K 682 -18.42 -22.34 -33.99
N ARG K 683 -17.59 -22.38 -35.02
CA ARG K 683 -16.22 -21.87 -34.95
C ARG K 683 -15.87 -20.94 -36.10
N GLU K 684 -16.28 -21.28 -37.33
CA GLU K 684 -15.97 -20.42 -38.47
C GLU K 684 -16.84 -19.16 -38.47
N ASN K 685 -18.07 -19.26 -37.97
CA ASN K 685 -18.95 -18.10 -37.95
C ASN K 685 -18.50 -17.06 -36.94
N VAL K 686 -17.89 -17.50 -35.83
CA VAL K 686 -17.41 -16.55 -34.82
C VAL K 686 -16.23 -15.75 -35.36
N LEU K 687 -15.28 -16.43 -36.00
CA LEU K 687 -14.14 -15.74 -36.58
C LEU K 687 -14.56 -14.88 -37.76
N ARG K 688 -15.52 -15.36 -38.55
CA ARG K 688 -16.02 -14.57 -39.67
C ARG K 688 -16.69 -13.29 -39.19
N GLY K 689 -17.52 -13.40 -38.14
CA GLY K 689 -18.09 -12.22 -37.53
C GLY K 689 -17.11 -11.39 -36.72
N LEU K 690 -15.92 -11.91 -36.45
CA LEU K 690 -14.89 -11.18 -35.71
C LEU K 690 -14.00 -10.37 -36.64
N ILE K 691 -13.68 -10.90 -37.82
CA ILE K 691 -12.80 -10.18 -38.74
C ILE K 691 -13.56 -9.06 -39.46
N MET K 692 -14.83 -9.29 -39.79
CA MET K 692 -15.62 -8.31 -40.53
C MET K 692 -16.18 -7.20 -39.64
N SER K 693 -15.89 -7.23 -38.34
CA SER K 693 -16.39 -6.18 -37.44
C SER K 693 -15.62 -4.88 -37.58
N SER K 694 -14.38 -4.93 -38.07
CA SER K 694 -13.56 -3.74 -38.24
C SER K 694 -12.74 -3.87 -39.51
N GLY K 695 -12.40 -2.73 -40.11
CA GLY K 695 -11.61 -2.74 -41.33
C GLY K 695 -10.17 -3.14 -41.10
N LYS K 696 -9.63 -2.85 -39.91
CA LYS K 696 -8.24 -3.19 -39.62
C LYS K 696 -8.02 -4.70 -39.54
N MET K 697 -9.06 -5.48 -39.28
CA MET K 697 -8.92 -6.93 -39.25
C MET K 697 -8.93 -7.52 -40.65
N VAL K 698 -9.79 -7.01 -41.53
CA VAL K 698 -9.83 -7.48 -42.91
C VAL K 698 -8.57 -7.06 -43.65
N LEU K 699 -8.21 -5.77 -43.54
CA LEU K 699 -6.99 -5.30 -44.17
C LEU K 699 -5.74 -5.89 -43.53
N LEU K 700 -5.78 -6.13 -42.22
CA LEU K 700 -4.65 -6.76 -41.55
C LEU K 700 -4.49 -8.21 -41.99
N ASP K 701 -5.60 -8.90 -42.24
CA ASP K 701 -5.52 -10.27 -42.72
C ASP K 701 -5.10 -10.33 -44.18
N GLN K 702 -5.52 -9.36 -44.99
CA GLN K 702 -5.13 -9.34 -46.40
C GLN K 702 -3.65 -9.01 -46.54
N LEU K 703 -3.17 -7.98 -45.83
CA LEU K 703 -1.76 -7.66 -45.86
C LEU K 703 -0.92 -8.75 -45.21
N LEU K 704 -1.45 -9.40 -44.17
CA LEU K 704 -0.73 -10.51 -43.56
C LEU K 704 -0.61 -11.69 -44.52
N THR K 705 -1.65 -11.96 -45.30
CA THR K 705 -1.57 -13.01 -46.31
C THR K 705 -0.59 -12.62 -47.42
N ARG K 706 -0.61 -11.35 -47.83
CA ARG K 706 0.34 -10.89 -48.84
C ARG K 706 1.78 -11.05 -48.37
N LEU K 707 2.05 -10.71 -47.11
CA LEU K 707 3.39 -10.90 -46.57
C LEU K 707 3.71 -12.39 -46.39
N LYS K 708 2.70 -13.22 -46.18
CA LYS K 708 2.93 -14.65 -46.06
C LYS K 708 3.19 -15.31 -47.42
N LYS K 709 2.75 -14.68 -48.51
CA LYS K 709 3.05 -15.19 -49.85
C LYS K 709 4.52 -15.01 -50.23
N ASP K 710 5.27 -14.22 -49.47
CA ASP K 710 6.70 -14.01 -49.72
C ASP K 710 7.57 -14.49 -48.57
N GLY K 711 7.28 -14.05 -47.34
CA GLY K 711 8.06 -14.49 -46.19
C GLY K 711 8.71 -13.34 -45.45
N HIS K 712 7.99 -12.76 -44.49
CA HIS K 712 8.51 -11.66 -43.70
C HIS K 712 8.08 -11.83 -42.25
N ARG K 713 8.77 -11.12 -41.37
CA ARG K 713 8.46 -11.12 -39.94
C ARG K 713 7.69 -9.85 -39.61
N VAL K 714 6.40 -10.00 -39.34
CA VAL K 714 5.51 -8.87 -39.10
C VAL K 714 5.27 -8.74 -37.59
N LEU K 715 5.28 -7.50 -37.11
CA LEU K 715 5.02 -7.20 -35.71
C LEU K 715 3.77 -6.34 -35.59
N ILE K 716 3.10 -6.45 -34.45
CA ILE K 716 1.89 -5.69 -34.17
C ILE K 716 2.09 -4.97 -32.84
N PHE K 717 2.15 -3.65 -32.89
CA PHE K 717 2.29 -2.82 -31.69
C PHE K 717 0.93 -2.20 -31.35
N SER K 718 0.39 -2.56 -30.19
CA SER K 718 -0.89 -2.07 -29.74
C SER K 718 -0.77 -1.50 -28.33
N GLN K 719 -1.65 -0.55 -28.01
CA GLN K 719 -1.67 0.06 -26.68
C GLN K 719 -2.57 -0.72 -25.74
N MET K 720 -3.79 -1.05 -26.18
CA MET K 720 -4.73 -1.76 -25.32
C MET K 720 -4.26 -3.19 -25.06
N VAL K 721 -4.32 -3.62 -23.80
CA VAL K 721 -3.90 -4.96 -23.45
C VAL K 721 -4.97 -6.00 -23.77
N ARG K 722 -6.24 -5.58 -23.91
CA ARG K 722 -7.29 -6.52 -24.25
C ARG K 722 -7.26 -6.88 -25.73
N MET K 723 -6.89 -5.92 -26.58
CA MET K 723 -6.77 -6.20 -28.01
C MET K 723 -5.68 -7.23 -28.30
N LEU K 724 -4.65 -7.28 -27.46
CA LEU K 724 -3.62 -8.30 -27.61
C LEU K 724 -4.20 -9.69 -27.33
N ASP K 725 -5.12 -9.79 -26.38
CA ASP K 725 -5.79 -11.07 -26.13
C ASP K 725 -6.78 -11.39 -27.23
N ILE K 726 -7.43 -10.37 -27.80
CA ILE K 726 -8.32 -10.61 -28.94
C ILE K 726 -7.54 -11.17 -30.13
N LEU K 727 -6.37 -10.59 -30.40
CA LEU K 727 -5.49 -11.15 -31.42
C LEU K 727 -4.97 -12.52 -31.01
N GLY K 728 -4.83 -12.76 -29.70
CA GLY K 728 -4.45 -14.08 -29.25
C GLY K 728 -5.52 -15.13 -29.48
N ASP K 729 -6.79 -14.71 -29.53
CA ASP K 729 -7.89 -15.61 -29.83
C ASP K 729 -8.19 -15.70 -31.33
N TYR K 730 -7.78 -14.70 -32.11
CA TYR K 730 -8.01 -14.71 -33.55
C TYR K 730 -6.89 -15.41 -34.31
N LEU K 731 -5.63 -15.12 -33.98
CA LEU K 731 -4.50 -15.72 -34.69
C LEU K 731 -4.29 -17.19 -34.31
N SER K 732 -4.81 -17.62 -33.15
CA SER K 732 -4.62 -19.02 -32.76
C SER K 732 -5.52 -19.96 -33.56
N ILE K 733 -6.69 -19.49 -33.98
CA ILE K 733 -7.59 -20.33 -34.75
C ILE K 733 -7.09 -20.51 -36.18
N LYS K 734 -6.48 -19.47 -36.75
CA LYS K 734 -5.98 -19.52 -38.11
C LYS K 734 -4.70 -20.34 -38.24
N GLY K 735 -4.19 -20.92 -37.16
CA GLY K 735 -2.97 -21.70 -37.23
C GLY K 735 -1.71 -20.87 -37.35
N ILE K 736 -1.65 -19.74 -36.65
CA ILE K 736 -0.50 -18.84 -36.67
C ILE K 736 0.23 -18.99 -35.35
N ASN K 737 1.46 -19.49 -35.40
CA ASN K 737 2.27 -19.64 -34.20
C ASN K 737 2.89 -18.30 -33.81
N PHE K 738 2.67 -17.88 -32.57
CA PHE K 738 3.15 -16.59 -32.09
C PHE K 738 3.37 -16.67 -30.58
N GLN K 739 3.73 -15.55 -30.00
CA GLN K 739 3.93 -15.44 -28.56
C GLN K 739 3.78 -13.98 -28.15
N ARG K 740 3.06 -13.75 -27.06
CA ARG K 740 2.77 -12.39 -26.63
C ARG K 740 3.94 -11.83 -25.80
N LEU K 741 3.93 -10.50 -25.64
CA LEU K 741 4.95 -9.81 -24.85
C LEU K 741 4.32 -8.54 -24.30
N ASP K 742 3.93 -8.57 -23.03
CA ASP K 742 3.32 -7.42 -22.38
C ASP K 742 3.91 -7.30 -20.98
N GLY K 743 3.26 -6.51 -20.12
CA GLY K 743 3.74 -6.32 -18.76
C GLY K 743 2.99 -7.18 -17.76
N THR K 744 3.06 -8.49 -17.92
CA THR K 744 2.37 -9.41 -17.02
C THR K 744 3.25 -10.62 -16.72
N VAL K 745 3.81 -11.23 -17.76
CA VAL K 745 4.68 -12.40 -17.62
C VAL K 745 6.00 -11.96 -16.99
N PRO K 746 6.65 -12.82 -16.20
CA PRO K 746 7.93 -12.44 -15.59
C PRO K 746 9.08 -12.46 -16.60
N SER K 747 10.29 -12.20 -16.12
CA SER K 747 11.45 -12.21 -17.02
C SER K 747 11.81 -13.62 -17.48
N ALA K 748 11.57 -14.62 -16.62
CA ALA K 748 11.90 -16.00 -16.96
C ALA K 748 11.11 -16.50 -18.17
N GLN K 749 9.96 -15.91 -18.46
CA GLN K 749 9.14 -16.32 -19.59
C GLN K 749 9.40 -15.47 -20.83
N ARG K 750 9.45 -14.14 -20.66
CA ARG K 750 9.71 -13.27 -21.81
C ARG K 750 11.12 -13.44 -22.34
N ARG K 751 12.07 -13.83 -21.49
CA ARG K 751 13.41 -14.12 -21.97
C ARG K 751 13.44 -15.39 -22.81
N ILE K 752 12.65 -16.40 -22.42
CA ILE K 752 12.54 -17.60 -23.24
C ILE K 752 11.84 -17.30 -24.55
N SER K 753 10.85 -16.41 -24.51
CA SER K 753 10.13 -16.04 -25.73
C SER K 753 11.04 -15.29 -26.70
N ILE K 754 11.79 -14.30 -26.20
CA ILE K 754 12.66 -13.53 -27.07
C ILE K 754 13.82 -14.39 -27.57
N ASP K 755 14.40 -15.21 -26.69
CA ASP K 755 15.45 -16.13 -27.10
C ASP K 755 14.94 -17.17 -28.08
N HIS K 756 13.63 -17.46 -28.08
CA HIS K 756 13.06 -18.38 -29.05
C HIS K 756 12.75 -17.69 -30.38
N PHE K 757 12.45 -16.38 -30.33
CA PHE K 757 12.18 -15.64 -31.57
C PHE K 757 13.46 -15.34 -32.35
N ASN K 758 14.58 -15.18 -31.66
CA ASN K 758 15.85 -14.85 -32.32
C ASN K 758 16.45 -16.02 -33.07
N SER K 759 15.85 -17.21 -32.99
CA SER K 759 16.38 -18.35 -33.71
C SER K 759 16.13 -18.19 -35.21
N PRO K 760 17.10 -18.57 -36.06
CA PRO K 760 16.89 -18.42 -37.50
C PRO K 760 15.87 -19.39 -38.08
N ASP K 761 15.55 -20.47 -37.37
CA ASP K 761 14.58 -21.44 -37.82
C ASP K 761 13.28 -21.38 -37.02
N SER K 762 12.97 -20.22 -36.46
CA SER K 762 11.76 -20.05 -35.67
C SER K 762 10.54 -19.94 -36.58
N ASN K 763 9.46 -20.62 -36.19
CA ASN K 763 8.21 -20.60 -36.94
C ASN K 763 7.24 -19.52 -36.48
N ASP K 764 7.71 -18.58 -35.65
CA ASP K 764 6.87 -17.51 -35.12
C ASP K 764 7.10 -16.26 -35.98
N PHE K 765 6.38 -16.16 -37.08
CA PHE K 765 6.47 -15.00 -37.95
C PHE K 765 5.67 -13.81 -37.45
N VAL K 766 4.87 -13.99 -36.39
CA VAL K 766 4.13 -12.91 -35.75
C VAL K 766 4.59 -12.82 -34.31
N PHE K 767 4.92 -11.61 -33.86
CA PHE K 767 5.38 -11.37 -32.49
C PHE K 767 4.70 -10.11 -31.98
N LEU K 768 3.82 -10.27 -30.98
CA LEU K 768 3.06 -9.15 -30.45
C LEU K 768 3.83 -8.45 -29.34
N LEU K 769 3.68 -7.13 -29.27
CA LEU K 769 4.33 -6.33 -28.23
C LEU K 769 3.33 -5.38 -27.59
N SER K 770 3.81 -4.24 -27.11
CA SER K 770 2.94 -3.24 -26.47
C SER K 770 3.55 -1.87 -26.74
N THR K 771 3.17 -0.89 -25.91
CA THR K 771 3.70 0.46 -26.05
C THR K 771 4.92 0.64 -25.15
N ARG K 772 4.71 0.75 -23.84
CA ARG K 772 5.83 0.85 -22.92
C ARG K 772 6.59 -0.47 -22.83
N ALA K 773 5.87 -1.60 -22.83
CA ALA K 773 6.53 -2.89 -22.79
C ALA K 773 7.13 -3.25 -24.15
N GLY K 774 6.48 -2.82 -25.24
CA GLY K 774 7.06 -3.05 -26.55
C GLY K 774 8.35 -2.26 -26.76
N GLY K 775 8.32 -0.98 -26.43
CA GLY K 775 9.50 -0.15 -26.54
C GLY K 775 10.27 -0.05 -25.24
N LEU K 776 10.13 -1.06 -24.38
CA LEU K 776 10.82 -1.04 -23.10
C LEU K 776 12.33 -1.19 -23.28
N GLY K 777 12.74 -2.16 -24.08
CA GLY K 777 14.16 -2.37 -24.29
C GLY K 777 14.41 -3.51 -25.25
N ILE K 778 15.67 -3.99 -25.24
CA ILE K 778 16.14 -5.08 -26.10
C ILE K 778 15.85 -4.74 -27.55
N ASN K 779 15.97 -5.72 -28.44
CA ASN K 779 15.77 -5.48 -29.87
C ASN K 779 15.45 -6.79 -30.56
N LEU K 780 14.88 -6.68 -31.76
CA LEU K 780 14.58 -7.82 -32.62
C LEU K 780 15.35 -7.64 -33.93
N MET K 781 16.22 -8.61 -34.22
CA MET K 781 17.06 -8.52 -35.41
C MET K 781 16.39 -9.12 -36.64
N THR K 782 15.63 -10.21 -36.47
CA THR K 782 14.99 -10.88 -37.60
C THR K 782 13.69 -10.23 -38.02
N ALA K 783 13.12 -9.36 -37.19
CA ALA K 783 11.89 -8.65 -37.54
C ALA K 783 12.20 -7.51 -38.49
N ASP K 784 11.26 -7.26 -39.41
CA ASP K 784 11.39 -6.17 -40.37
C ASP K 784 10.10 -5.40 -40.61
N THR K 785 8.93 -6.04 -40.50
CA THR K 785 7.65 -5.40 -40.74
C THR K 785 7.03 -4.99 -39.42
N VAL K 786 6.66 -3.71 -39.32
CA VAL K 786 6.08 -3.14 -38.11
C VAL K 786 4.70 -2.58 -38.48
N VAL K 787 3.65 -3.19 -37.94
CA VAL K 787 2.27 -2.76 -38.17
C VAL K 787 1.74 -2.19 -36.87
N ILE K 788 1.31 -0.93 -36.92
CA ILE K 788 0.79 -0.22 -35.75
C ILE K 788 -0.70 0.02 -35.96
N PHE K 789 -1.50 -0.35 -34.95
CA PHE K 789 -2.94 -0.15 -35.06
C PHE K 789 -3.31 1.32 -34.98
N ASP K 790 -2.69 2.06 -34.07
CA ASP K 790 -2.97 3.48 -33.90
C ASP K 790 -1.85 4.11 -33.08
N SER K 791 -1.72 5.43 -33.21
CA SER K 791 -0.73 6.16 -32.43
C SER K 791 -1.07 6.12 -30.95
N ASP K 792 -0.08 5.83 -30.12
CA ASP K 792 -0.27 5.66 -28.69
C ASP K 792 -0.24 6.98 -27.92
N TRP K 793 -0.71 8.07 -28.54
CA TRP K 793 -0.85 9.37 -27.89
C TRP K 793 0.49 9.89 -27.37
N ASN K 794 1.53 9.76 -28.19
CA ASN K 794 2.86 10.23 -27.80
C ASN K 794 3.75 10.40 -29.03
N PRO K 795 4.35 11.57 -29.21
CA PRO K 795 5.24 11.76 -30.36
C PRO K 795 6.54 11.00 -30.18
N GLN K 796 7.10 10.55 -31.30
CA GLN K 796 8.34 9.78 -31.35
C GLN K 796 8.24 8.43 -30.65
N ALA K 797 7.11 8.16 -29.99
CA ALA K 797 6.89 6.84 -29.42
C ALA K 797 6.80 5.78 -30.51
N ASP K 798 6.36 6.17 -31.70
CA ASP K 798 6.36 5.26 -32.84
C ASP K 798 7.77 5.07 -33.40
N LEU K 799 8.58 6.13 -33.43
CA LEU K 799 9.97 5.98 -33.86
C LEU K 799 10.74 5.07 -32.93
N GLN K 800 10.56 5.24 -31.62
CA GLN K 800 11.24 4.36 -30.67
C GLN K 800 10.60 2.98 -30.61
N ALA K 801 9.33 2.85 -31.01
CA ALA K 801 8.68 1.55 -31.03
C ALA K 801 9.16 0.72 -32.21
N MET K 802 9.27 1.33 -33.38
CA MET K 802 9.88 0.65 -34.52
C MET K 802 11.36 0.41 -34.32
N ALA K 803 11.99 1.13 -33.40
CA ALA K 803 13.41 0.96 -33.12
C ALA K 803 13.72 -0.39 -32.49
N ARG K 804 12.72 -1.12 -32.02
CA ARG K 804 12.95 -2.46 -31.48
C ARG K 804 13.05 -3.51 -32.57
N ALA K 805 12.60 -3.20 -33.79
CA ALA K 805 12.73 -4.07 -34.94
C ALA K 805 13.62 -3.45 -36.02
N HIS K 806 13.31 -2.24 -36.46
CA HIS K 806 14.15 -1.51 -37.40
C HIS K 806 15.47 -1.15 -36.75
N ARG K 807 16.49 -1.98 -36.98
CA ARG K 807 17.79 -1.78 -36.35
C ARG K 807 18.87 -1.91 -37.43
N ILE K 808 20.11 -2.11 -37.00
CA ILE K 808 21.23 -2.20 -37.94
C ILE K 808 21.34 -3.61 -38.51
N GLY K 809 21.11 -4.62 -37.68
CA GLY K 809 21.24 -6.00 -38.12
C GLY K 809 20.26 -6.40 -39.21
N GLN K 810 19.17 -5.67 -39.37
CA GLN K 810 18.19 -5.98 -40.40
C GLN K 810 18.75 -5.62 -41.77
N LYS K 811 18.59 -6.54 -42.73
CA LYS K 811 19.11 -6.35 -44.07
C LYS K 811 18.03 -6.24 -45.13
N ASN K 812 16.92 -6.95 -44.99
CA ASN K 812 15.84 -6.93 -45.97
C ASN K 812 14.90 -5.73 -45.81
N HIS K 813 15.46 -4.54 -45.56
CA HIS K 813 14.69 -3.30 -45.42
C HIS K 813 13.68 -3.39 -44.28
N VAL K 814 12.84 -2.36 -44.15
CA VAL K 814 11.83 -2.28 -43.10
C VAL K 814 10.59 -1.63 -43.69
N MET K 815 9.45 -2.33 -43.62
CA MET K 815 8.19 -1.84 -44.13
C MET K 815 7.25 -1.59 -42.95
N VAL K 816 6.73 -0.37 -42.86
CA VAL K 816 5.87 0.04 -41.75
C VAL K 816 4.53 0.48 -42.31
N TYR K 817 3.46 -0.01 -41.70
CA TYR K 817 2.08 0.34 -42.07
C TYR K 817 1.39 0.92 -40.84
N ARG K 818 0.86 2.13 -40.97
CA ARG K 818 0.12 2.78 -39.90
C ARG K 818 -1.36 2.77 -40.26
N LEU K 819 -2.17 2.09 -39.45
CA LEU K 819 -3.60 1.96 -39.68
C LEU K 819 -4.31 3.19 -39.11
N VAL K 820 -4.26 4.27 -39.87
CA VAL K 820 -4.89 5.51 -39.44
C VAL K 820 -6.41 5.37 -39.51
N SER K 821 -7.09 5.71 -38.42
CA SER K 821 -8.54 5.65 -38.37
C SER K 821 -9.11 6.93 -38.95
N LYS K 822 -9.79 6.81 -40.09
CA LYS K 822 -10.31 7.97 -40.80
C LYS K 822 -11.64 8.41 -40.21
N ASP K 823 -11.81 9.72 -40.08
CA ASP K 823 -13.04 10.33 -39.58
C ASP K 823 -13.39 9.81 -38.19
N THR K 824 -12.39 9.79 -37.30
CA THR K 824 -12.59 9.33 -35.94
C THR K 824 -12.06 10.38 -34.95
N VAL K 825 -11.24 9.95 -34.01
CA VAL K 825 -10.64 10.84 -33.02
C VAL K 825 -9.13 10.68 -32.93
N GLU K 826 -8.57 9.64 -33.54
CA GLU K 826 -7.14 9.40 -33.47
C GLU K 826 -6.35 10.31 -34.41
N GLU K 827 -6.98 10.81 -35.48
CA GLU K 827 -6.27 11.68 -36.40
C GLU K 827 -5.96 13.03 -35.77
N GLU K 828 -6.81 13.50 -34.85
CA GLU K 828 -6.51 14.73 -34.14
C GLU K 828 -5.31 14.56 -33.22
N VAL K 829 -5.24 13.42 -32.53
CA VAL K 829 -4.08 13.12 -31.69
C VAL K 829 -2.83 12.98 -32.55
N LEU K 830 -2.98 12.41 -33.76
CA LEU K 830 -1.84 12.31 -34.65
C LEU K 830 -1.36 13.68 -35.10
N GLU K 831 -2.30 14.59 -35.39
CA GLU K 831 -1.91 15.96 -35.76
C GLU K 831 -1.25 16.67 -34.60
N ARG K 832 -1.77 16.49 -33.38
CA ARG K 832 -1.12 17.07 -32.21
C ARG K 832 0.27 16.48 -31.99
N ALA K 833 0.47 15.21 -32.37
CA ALA K 833 1.80 14.63 -32.31
C ALA K 833 2.72 15.19 -33.39
N ARG K 834 2.16 15.56 -34.54
CA ARG K 834 2.97 16.18 -35.58
C ARG K 834 3.33 17.62 -35.24
N LYS K 835 2.48 18.31 -34.47
CA LYS K 835 2.81 19.66 -34.04
C LYS K 835 3.99 19.69 -33.08
N LYS K 836 4.14 18.66 -32.25
CA LYS K 836 5.26 18.54 -31.34
C LYS K 836 6.46 17.86 -31.97
N MET K 837 6.43 17.63 -33.28
CA MET K 837 7.52 16.97 -33.99
C MET K 837 8.29 17.90 -34.91
N ILE K 838 7.67 18.96 -35.41
CA ILE K 838 8.33 19.88 -36.32
C ILE K 838 9.49 20.60 -35.66
N LEU K 839 9.47 20.73 -34.33
CA LEU K 839 10.57 21.36 -33.60
C LEU K 839 11.64 20.31 -33.33
N GLU K 840 12.76 20.42 -34.06
CA GLU K 840 13.86 19.46 -33.94
C GLU K 840 15.17 20.12 -33.55
N TYR K 841 15.12 21.28 -32.93
CA TYR K 841 16.33 21.97 -32.49
C TYR K 841 16.94 21.30 -31.26
N ASP K 1006 57.33 12.62 -1.08
CA ASP K 1006 56.55 11.57 -0.45
C ASP K 1006 56.70 10.25 -1.20
N MET K 1007 56.90 10.34 -2.51
CA MET K 1007 57.06 9.13 -3.33
C MET K 1007 58.37 8.43 -3.04
N ASP K 1008 59.40 9.16 -2.61
CA ASP K 1008 60.70 8.60 -2.29
C ASP K 1008 60.86 8.34 -0.80
N SER K 1009 59.77 8.10 -0.08
CA SER K 1009 59.78 7.84 1.35
C SER K 1009 59.33 6.41 1.59
N ILE K 1010 60.16 5.62 2.27
CA ILE K 1010 59.88 4.22 2.56
C ILE K 1010 59.93 4.05 4.07
N GLY K 1011 58.78 3.80 4.68
CA GLY K 1011 58.69 3.63 6.11
C GLY K 1011 59.03 2.21 6.54
N GLU K 1012 58.75 1.93 7.81
CA GLU K 1012 59.08 0.62 8.37
C GLU K 1012 58.13 -0.45 7.87
N SER K 1013 56.83 -0.14 7.81
CA SER K 1013 55.86 -1.09 7.28
C SER K 1013 56.09 -1.37 5.80
N GLU K 1014 56.71 -0.43 5.08
CA GLU K 1014 57.03 -0.66 3.69
C GLU K 1014 58.28 -1.54 3.53
N VAL K 1015 59.24 -1.41 4.45
CA VAL K 1015 60.41 -2.29 4.41
C VAL K 1015 60.02 -3.70 4.80
N ARG K 1016 59.17 -3.85 5.83
CA ARG K 1016 58.74 -5.18 6.24
C ARG K 1016 57.80 -5.80 5.20
N ALA K 1017 56.86 -5.02 4.69
CA ALA K 1017 55.94 -5.53 3.67
C ALA K 1017 56.68 -5.89 2.39
N LEU K 1018 57.66 -5.06 2.01
CA LEU K 1018 58.48 -5.37 0.84
C LEU K 1018 59.34 -6.60 1.08
N TYR K 1019 59.83 -6.78 2.31
CA TYR K 1019 60.61 -7.95 2.64
C TYR K 1019 59.76 -9.22 2.54
N LYS K 1020 58.51 -9.15 3.01
CA LYS K 1020 57.59 -10.27 2.84
C LYS K 1020 57.27 -10.49 1.36
N ALA K 1021 57.20 -9.40 0.58
CA ALA K 1021 57.00 -9.54 -0.86
C ALA K 1021 58.17 -10.24 -1.53
N ILE K 1022 59.38 -10.06 -0.98
CA ILE K 1022 60.53 -10.81 -1.49
C ILE K 1022 60.48 -12.26 -1.03
N LEU K 1023 60.02 -12.49 0.20
CA LEU K 1023 59.89 -13.86 0.68
C LEU K 1023 58.76 -14.62 -0.01
N LYS K 1024 57.85 -13.93 -0.68
CA LYS K 1024 56.72 -14.57 -1.35
C LYS K 1024 56.89 -14.66 -2.86
N PHE K 1025 57.45 -13.61 -3.48
CA PHE K 1025 57.61 -13.58 -4.93
C PHE K 1025 59.05 -13.53 -5.41
N GLY K 1026 60.00 -13.17 -4.55
CA GLY K 1026 61.39 -13.10 -4.93
C GLY K 1026 61.73 -11.85 -5.72
N ASN K 1027 62.15 -12.02 -6.97
CA ASN K 1027 62.49 -10.88 -7.81
C ASN K 1027 61.23 -10.13 -8.21
N LEU K 1028 61.20 -8.83 -7.92
CA LEU K 1028 60.02 -8.00 -8.14
C LEU K 1028 60.30 -6.84 -9.09
N LYS K 1029 61.25 -7.03 -10.02
CA LYS K 1029 61.56 -6.04 -11.04
C LYS K 1029 60.89 -6.34 -12.36
N GLU K 1030 59.97 -7.28 -12.40
CA GLU K 1030 59.32 -7.64 -13.65
C GLU K 1030 57.80 -7.65 -13.54
N ILE K 1031 57.25 -8.01 -12.37
CA ILE K 1031 55.81 -8.03 -12.16
C ILE K 1031 55.47 -7.10 -10.99
N LEU K 1032 56.21 -6.00 -10.87
CA LEU K 1032 55.97 -5.05 -9.79
C LEU K 1032 54.60 -4.41 -9.88
N ASP K 1033 54.11 -4.17 -11.11
CA ASP K 1033 52.77 -3.60 -11.28
C ASP K 1033 51.71 -4.51 -10.70
N GLU K 1034 51.92 -5.82 -10.74
CA GLU K 1034 50.99 -6.76 -10.12
C GLU K 1034 51.21 -6.91 -8.63
N LEU K 1035 52.40 -6.54 -8.14
CA LEU K 1035 52.71 -6.62 -6.72
C LEU K 1035 52.43 -5.32 -5.98
N ILE K 1036 52.03 -4.27 -6.69
CA ILE K 1036 51.64 -3.01 -6.07
C ILE K 1036 50.13 -2.86 -6.01
N ALA K 1037 49.43 -3.28 -7.06
CA ALA K 1037 47.98 -3.17 -7.11
C ALA K 1037 47.27 -4.18 -6.21
N ASP K 1038 48.01 -5.09 -5.57
CA ASP K 1038 47.38 -6.06 -4.68
C ASP K 1038 46.92 -5.44 -3.36
N GLY K 1039 47.44 -4.27 -3.00
CA GLY K 1039 47.07 -3.62 -1.76
C GLY K 1039 48.12 -3.65 -0.69
N THR K 1040 49.30 -4.23 -0.96
CA THR K 1040 50.37 -4.31 0.04
C THR K 1040 51.34 -3.13 -0.10
N LEU K 1041 51.89 -2.94 -1.28
CA LEU K 1041 52.83 -1.84 -1.51
C LEU K 1041 52.07 -0.54 -1.77
N PRO K 1042 52.33 0.52 -1.03
CA PRO K 1042 51.64 1.79 -1.26
C PRO K 1042 52.02 2.40 -2.60
N VAL K 1043 51.29 3.45 -2.98
CA VAL K 1043 51.51 4.14 -4.23
C VAL K 1043 52.80 4.96 -4.15
N LYS K 1044 53.91 4.40 -4.63
CA LYS K 1044 55.20 5.05 -4.63
C LYS K 1044 55.82 4.94 -6.02
N SER K 1045 57.07 5.38 -6.13
CA SER K 1045 57.79 5.32 -7.40
C SER K 1045 58.50 3.98 -7.54
N PHE K 1046 58.44 3.42 -8.76
CA PHE K 1046 59.07 2.14 -9.01
C PHE K 1046 60.58 2.21 -8.85
N GLU K 1047 61.18 3.35 -9.19
CA GLU K 1047 62.62 3.51 -9.05
C GLU K 1047 63.06 3.38 -7.60
N LYS K 1048 62.23 3.82 -6.66
CA LYS K 1048 62.56 3.67 -5.24
C LYS K 1048 62.53 2.21 -4.82
N TYR K 1049 61.56 1.46 -5.32
CA TYR K 1049 61.52 0.03 -5.04
C TYR K 1049 62.73 -0.68 -5.64
N GLY K 1050 63.16 -0.26 -6.82
CA GLY K 1050 64.34 -0.83 -7.43
C GLY K 1050 65.60 -0.53 -6.65
N GLU K 1051 65.74 0.72 -6.17
CA GLU K 1051 66.92 1.10 -5.41
C GLU K 1051 66.95 0.39 -4.06
N THR K 1052 65.81 0.33 -3.36
CA THR K 1052 65.76 -0.39 -2.09
C THR K 1052 66.00 -1.89 -2.28
N TYR K 1053 65.53 -2.44 -3.40
CA TYR K 1053 65.79 -3.85 -3.67
C TYR K 1053 67.26 -4.10 -3.94
N ASP K 1054 67.90 -3.24 -4.72
CA ASP K 1054 69.33 -3.41 -5.00
C ASP K 1054 70.17 -3.20 -3.74
N GLU K 1055 69.74 -2.29 -2.85
CA GLU K 1055 70.48 -2.09 -1.61
C GLU K 1055 70.27 -3.24 -0.65
N MET K 1056 69.07 -3.84 -0.64
CA MET K 1056 68.82 -4.98 0.25
C MET K 1056 69.56 -6.22 -0.22
N MET K 1057 69.55 -6.48 -1.53
CA MET K 1057 70.27 -7.63 -2.06
C MET K 1057 71.78 -7.44 -1.97
N GLU K 1058 72.26 -6.22 -2.26
CA GLU K 1058 73.68 -5.94 -2.18
C GLU K 1058 74.18 -6.03 -0.74
N ALA K 1059 73.46 -5.40 0.20
CA ALA K 1059 73.83 -5.50 1.60
C ALA K 1059 73.68 -6.92 2.11
N ALA K 1060 72.78 -7.71 1.52
CA ALA K 1060 72.64 -9.11 1.91
C ALA K 1060 73.86 -9.92 1.47
N LYS K 1061 74.28 -9.76 0.21
CA LYS K 1061 75.45 -10.48 -0.28
C LYS K 1061 76.72 -10.05 0.46
N ASP K 1062 76.87 -8.74 0.70
CA ASP K 1062 78.03 -8.27 1.45
C ASP K 1062 78.01 -8.78 2.88
N CYS K 1063 76.82 -8.85 3.49
CA CYS K 1063 76.71 -9.37 4.85
C CYS K 1063 77.04 -10.86 4.90
N VAL K 1064 76.67 -11.61 3.86
CA VAL K 1064 77.05 -13.01 3.80
C VAL K 1064 78.55 -13.17 3.62
N HIS K 1065 79.16 -12.31 2.77
CA HIS K 1065 80.60 -12.38 2.56
C HIS K 1065 81.36 -12.07 3.85
N GLU K 1066 80.94 -11.03 4.56
CA GLU K 1066 81.57 -10.73 5.85
C GLU K 1066 81.30 -11.82 6.88
N GLU K 1067 80.13 -12.45 6.81
CA GLU K 1067 79.84 -13.56 7.72
C GLU K 1067 80.74 -14.75 7.45
N GLU K 1068 81.12 -14.97 6.18
CA GLU K 1068 82.06 -16.05 5.87
C GLU K 1068 83.48 -15.69 6.25
N LYS K 1069 83.90 -14.45 5.98
CA LYS K 1069 85.26 -14.03 6.31
C LYS K 1069 85.49 -14.05 7.82
N ASN K 1070 84.47 -13.66 8.59
CA ASN K 1070 84.60 -13.68 10.05
C ASN K 1070 84.40 -15.08 10.60
N ARG K 1071 83.46 -15.83 10.04
CA ARG K 1071 83.20 -17.18 10.54
C ARG K 1071 84.39 -18.10 10.32
N LYS K 1072 85.07 -17.97 9.18
CA LYS K 1072 86.26 -18.78 8.94
C LYS K 1072 87.37 -18.44 9.93
N GLU K 1073 87.51 -17.15 10.27
CA GLU K 1073 88.51 -16.75 11.26
C GLU K 1073 88.17 -17.29 12.64
N ILE K 1074 86.87 -17.28 13.00
CA ILE K 1074 86.46 -17.85 14.27
C ILE K 1074 86.75 -19.35 14.30
N LEU K 1075 86.51 -20.04 13.17
CA LEU K 1075 86.82 -21.46 13.09
C LEU K 1075 88.31 -21.71 13.23
N GLU K 1076 89.14 -20.83 12.66
CA GLU K 1076 90.59 -20.98 12.81
C GLU K 1076 91.01 -20.77 14.25
N LYS K 1077 90.42 -19.78 14.94
CA LYS K 1077 90.72 -19.58 16.35
C LYS K 1077 90.31 -20.77 17.19
N LEU K 1078 89.15 -21.37 16.87
CA LEU K 1078 88.72 -22.57 17.58
C LEU K 1078 89.58 -23.78 17.23
N GLU K 1079 90.25 -23.78 16.07
CA GLU K 1079 91.19 -24.85 15.76
C GLU K 1079 92.51 -24.66 16.51
N LYS K 1080 92.95 -23.41 16.68
CA LYS K 1080 94.16 -23.15 17.46
C LYS K 1080 93.93 -23.48 18.92
N HIS K 1081 92.81 -23.01 19.49
CA HIS K 1081 92.50 -23.34 20.88
C HIS K 1081 92.19 -24.81 21.06
N ALA K 1082 91.58 -25.45 20.05
CA ALA K 1082 91.32 -26.88 20.13
C ALA K 1082 92.61 -27.68 20.13
N THR K 1083 93.57 -27.29 19.29
CA THR K 1083 94.87 -27.95 19.30
C THR K 1083 95.60 -27.68 20.62
N ALA K 1084 95.47 -26.48 21.15
CA ALA K 1084 96.08 -26.16 22.44
C ALA K 1084 95.47 -27.01 23.56
N TYR K 1085 94.18 -27.34 23.44
CA TYR K 1085 93.57 -28.21 24.45
C TYR K 1085 93.97 -29.67 24.25
N ARG K 1086 94.10 -30.12 22.99
CA ARG K 1086 94.53 -31.48 22.73
C ARG K 1086 95.97 -31.71 23.17
N ALA K 1087 96.80 -30.67 23.11
CA ALA K 1087 98.18 -30.80 23.56
C ALA K 1087 98.25 -31.09 25.05
N LYS K 1088 97.32 -30.52 25.82
CA LYS K 1088 97.21 -30.82 27.25
C LYS K 1088 96.38 -32.06 27.52
N LEU K 1089 95.61 -32.54 26.54
CA LEU K 1089 94.79 -33.73 26.71
C LEU K 1089 95.57 -35.01 26.47
N LYS K 1090 96.43 -35.04 25.45
CA LYS K 1090 97.22 -36.23 25.17
C LYS K 1090 98.42 -36.37 26.08
N SER K 1091 98.69 -35.38 26.94
CA SER K 1091 99.83 -35.47 27.85
C SER K 1091 99.49 -36.30 29.09
N GLY K 1092 98.37 -36.00 29.73
CA GLY K 1092 97.96 -36.74 30.91
C GLY K 1092 97.63 -35.85 32.09
N GLU K 1093 97.41 -34.56 31.81
CA GLU K 1093 97.09 -33.60 32.85
C GLU K 1093 95.58 -33.48 33.10
N ILE K 1094 94.77 -34.25 32.41
CA ILE K 1094 93.32 -34.22 32.55
C ILE K 1094 92.86 -35.58 33.06
N LYS K 1095 92.08 -35.57 34.14
CA LYS K 1095 91.58 -36.82 34.72
C LYS K 1095 90.54 -37.45 33.81
N ALA K 1096 90.59 -38.78 33.70
CA ALA K 1096 89.67 -39.52 32.86
C ALA K 1096 88.38 -39.90 33.57
N GLU K 1097 88.27 -39.62 34.88
CA GLU K 1097 87.04 -39.96 35.59
C GLU K 1097 85.91 -39.00 35.26
N ASN K 1098 86.23 -37.73 35.00
CA ASN K 1098 85.23 -36.73 34.66
C ASN K 1098 85.69 -35.99 33.40
N GLN K 1099 84.89 -36.07 32.34
CA GLN K 1099 85.23 -35.41 31.09
C GLN K 1099 84.86 -33.94 31.18
N PRO K 1100 85.81 -33.01 31.06
CA PRO K 1100 85.48 -31.58 31.14
C PRO K 1100 84.66 -31.14 29.94
N LYS K 1101 83.45 -30.64 30.21
CA LYS K 1101 82.57 -30.17 29.15
C LYS K 1101 82.87 -28.73 28.73
N ASP K 1102 83.68 -28.00 29.49
CA ASP K 1102 84.04 -26.63 29.16
C ASP K 1102 85.43 -26.64 28.55
N ASN K 1103 85.48 -26.98 27.27
CA ASN K 1103 86.73 -27.07 26.54
C ASN K 1103 86.48 -26.62 25.10
N PRO K 1104 87.53 -26.25 24.37
CA PRO K 1104 87.34 -25.83 22.96
C PRO K 1104 86.72 -26.91 22.08
N LEU K 1105 86.80 -28.18 22.47
CA LEU K 1105 86.22 -29.24 21.65
C LEU K 1105 84.70 -29.17 21.66
N THR K 1106 84.09 -28.95 22.83
CA THR K 1106 82.64 -28.89 22.89
C THR K 1106 82.10 -27.64 22.22
N ARG K 1107 82.72 -26.49 22.46
CA ARG K 1107 82.27 -25.26 21.81
C ARG K 1107 82.56 -25.27 20.30
N LEU K 1108 83.54 -26.06 19.86
CA LEU K 1108 83.77 -26.22 18.43
C LEU K 1108 82.73 -27.14 17.80
N SER K 1109 82.39 -28.24 18.48
CA SER K 1109 81.34 -29.12 17.98
C SER K 1109 80.01 -28.39 17.93
N LEU K 1110 79.69 -27.60 18.95
CA LEU K 1110 78.49 -26.79 18.92
C LEU K 1110 78.60 -25.67 17.89
N LYS K 1111 79.82 -25.21 17.59
CA LYS K 1111 80.01 -24.22 16.54
C LYS K 1111 79.72 -24.81 15.17
N LYS K 1112 80.02 -26.09 14.97
CA LYS K 1112 79.67 -26.75 13.71
C LYS K 1112 78.15 -26.83 13.54
N ARG K 1113 77.44 -27.19 14.60
CA ARG K 1113 75.98 -27.23 14.60
C ARG K 1113 75.37 -25.95 15.18
N GLU K 1114 75.90 -24.80 14.77
CA GLU K 1114 75.43 -23.53 15.33
C GLU K 1114 73.97 -23.29 14.95
N LYS K 1115 73.26 -22.62 15.86
CA LYS K 1115 71.84 -22.32 15.68
C LYS K 1115 71.67 -20.81 15.52
N LYS K 1116 72.28 -20.27 14.48
CA LYS K 1116 72.16 -18.85 14.17
C LYS K 1116 72.14 -18.68 12.67
N ALA K 1117 71.80 -17.47 12.22
CA ALA K 1117 71.69 -17.17 10.80
C ALA K 1117 72.31 -15.80 10.53
N VAL K 1118 72.53 -15.50 9.26
CA VAL K 1118 73.10 -14.23 8.84
C VAL K 1118 72.06 -13.13 9.02
N LEU K 1119 72.15 -12.42 10.14
CA LEU K 1119 71.18 -11.38 10.48
C LEU K 1119 71.82 -10.00 10.32
N PHE K 1120 70.99 -9.02 9.98
CA PHE K 1120 71.44 -7.64 9.82
C PHE K 1120 70.23 -6.72 9.93
N ASN K 1121 70.41 -5.59 10.61
CA ASN K 1121 69.35 -4.61 10.78
C ASN K 1121 69.44 -3.58 9.66
N PHE K 1122 68.37 -3.43 8.90
CA PHE K 1122 68.30 -2.50 7.77
C PHE K 1122 67.20 -1.48 8.04
N LYS K 1123 67.61 -0.27 8.44
CA LYS K 1123 66.71 0.87 8.59
C LYS K 1123 65.66 0.60 9.67
N GLY K 1124 66.16 0.16 10.83
CA GLY K 1124 65.31 -0.11 11.97
C GLY K 1124 64.76 -1.53 12.01
N VAL K 1125 64.42 -2.08 10.85
CA VAL K 1125 63.86 -3.42 10.80
C VAL K 1125 64.92 -4.43 11.21
N LYS K 1126 64.65 -5.18 12.27
CA LYS K 1126 65.55 -6.20 12.77
C LYS K 1126 65.09 -7.58 12.34
N SER K 1127 65.96 -8.58 12.59
CA SER K 1127 65.70 -9.98 12.26
C SER K 1127 65.39 -10.15 10.77
N LEU K 1128 66.44 -9.96 9.96
CA LEU K 1128 66.36 -10.09 8.51
C LEU K 1128 67.48 -11.00 8.06
N ASN K 1129 67.11 -12.18 7.54
CA ASN K 1129 68.09 -13.15 7.06
C ASN K 1129 68.47 -12.86 5.63
N ALA K 1130 69.76 -13.06 5.31
CA ALA K 1130 70.27 -12.84 3.97
C ALA K 1130 70.36 -14.11 3.14
N GLU K 1131 70.48 -15.27 3.78
CA GLU K 1131 70.58 -16.52 3.03
C GLU K 1131 69.23 -16.92 2.42
N SER K 1132 68.13 -16.66 3.14
CA SER K 1132 66.81 -16.99 2.61
C SER K 1132 66.45 -16.13 1.40
N LEU K 1133 67.05 -14.94 1.28
CA LEU K 1133 66.78 -14.09 0.12
C LEU K 1133 67.48 -14.61 -1.12
N LEU K 1134 68.78 -14.89 -1.01
CA LEU K 1134 69.54 -15.43 -2.14
C LEU K 1134 69.01 -16.80 -2.54
N SER K 1135 68.86 -17.71 -1.57
CA SER K 1135 68.32 -19.03 -1.87
C SER K 1135 66.88 -18.95 -2.35
N ARG K 1136 66.15 -17.91 -1.93
CA ARG K 1136 64.78 -17.74 -2.40
C ARG K 1136 64.76 -17.29 -3.86
N VAL K 1137 65.66 -16.40 -4.24
CA VAL K 1137 65.74 -15.97 -5.63
C VAL K 1137 66.23 -17.12 -6.51
N GLU K 1138 67.12 -17.95 -5.99
CA GLU K 1138 67.61 -19.09 -6.77
C GLU K 1138 66.52 -20.15 -6.93
N ASP K 1139 65.78 -20.44 -5.86
CA ASP K 1139 64.73 -21.45 -5.94
C ASP K 1139 63.57 -20.99 -6.81
N LEU K 1140 63.08 -19.77 -6.57
CA LEU K 1140 61.98 -19.25 -7.38
C LEU K 1140 62.39 -19.01 -8.82
N LYS K 1141 63.64 -18.61 -9.05
CA LYS K 1141 64.12 -18.45 -10.43
C LYS K 1141 64.23 -19.79 -11.13
N TYR K 1142 64.72 -20.82 -10.43
CA TYR K 1142 64.77 -22.16 -11.00
C TYR K 1142 63.38 -22.72 -11.24
N LEU K 1143 62.39 -22.29 -10.45
CA LEU K 1143 61.03 -22.73 -10.67
C LEU K 1143 60.40 -22.03 -11.86
N LYS K 1144 60.63 -20.73 -12.01
CA LYS K 1144 60.10 -19.99 -13.16
C LYS K 1144 60.74 -20.47 -14.45
N ASN K 1145 62.06 -20.66 -14.46
CA ASN K 1145 62.72 -21.15 -15.66
C ASN K 1145 62.40 -22.61 -15.92
N LEU K 1146 62.20 -23.41 -14.87
CA LEU K 1146 61.92 -24.83 -15.06
C LEU K 1146 60.52 -25.04 -15.60
N ILE K 1147 59.53 -24.32 -15.06
CA ILE K 1147 58.15 -24.48 -15.53
C ILE K 1147 57.97 -23.79 -16.88
N ASN K 1148 58.43 -22.55 -17.00
CA ASN K 1148 58.27 -21.81 -18.24
C ASN K 1148 59.12 -22.36 -19.37
N SER K 1149 60.20 -23.08 -19.06
CA SER K 1149 61.05 -23.65 -20.09
C SER K 1149 60.53 -24.98 -20.62
N ASN K 1150 59.40 -25.46 -20.12
CA ASN K 1150 58.82 -26.72 -20.58
C ASN K 1150 57.32 -26.63 -20.81
N TYR K 1151 56.57 -26.03 -19.89
CA TYR K 1151 55.13 -25.90 -20.00
C TYR K 1151 54.75 -24.47 -19.65
N LYS K 1152 54.56 -23.62 -20.68
CA LYS K 1152 54.23 -22.23 -20.46
C LYS K 1152 52.73 -21.97 -20.52
N ASP K 1153 52.03 -22.58 -21.49
CA ASP K 1153 50.60 -22.39 -21.65
C ASP K 1153 49.78 -23.56 -21.11
N ASP K 1154 50.40 -24.46 -20.36
CA ASP K 1154 49.70 -25.61 -19.78
C ASP K 1154 50.45 -26.07 -18.54
N PRO K 1155 50.25 -25.38 -17.41
CA PRO K 1155 50.96 -25.76 -16.18
C PRO K 1155 50.41 -27.03 -15.53
N LEU K 1156 49.27 -27.53 -15.97
CA LEU K 1156 48.66 -28.72 -15.38
C LEU K 1156 49.17 -30.01 -16.00
N LYS K 1157 50.21 -29.95 -16.84
CA LYS K 1157 50.78 -31.13 -17.48
C LYS K 1157 52.27 -31.26 -17.22
N PHE K 1158 52.77 -30.68 -16.13
CA PHE K 1158 54.18 -30.75 -15.79
C PHE K 1158 54.46 -32.02 -15.00
N SER K 1159 55.56 -32.69 -15.34
CA SER K 1159 55.96 -33.94 -14.71
C SER K 1159 57.39 -33.82 -14.22
N LEU K 1160 57.83 -34.84 -13.49
CA LEU K 1160 59.19 -34.90 -12.95
C LEU K 1160 60.03 -36.04 -13.51
N GLY K 1161 59.41 -37.13 -13.93
CA GLY K 1161 60.15 -38.26 -14.47
C GLY K 1161 60.36 -39.37 -13.45
N ASN K 1162 61.63 -39.63 -13.12
CA ASN K 1162 61.97 -40.66 -12.15
C ASN K 1162 62.61 -40.09 -10.89
N ASN K 1163 62.60 -38.77 -10.72
CA ASN K 1163 63.17 -38.13 -9.54
C ASN K 1163 62.20 -38.31 -8.37
N THR K 1164 62.49 -39.30 -7.52
CA THR K 1164 61.66 -39.60 -6.36
C THR K 1164 62.37 -39.19 -5.10
N PRO K 1165 61.84 -38.23 -4.34
CA PRO K 1165 62.50 -37.83 -3.08
C PRO K 1165 62.28 -38.83 -1.96
N LYS K 1166 62.68 -38.46 -0.74
CA LYS K 1166 62.50 -39.34 0.40
C LYS K 1166 61.01 -39.44 0.75
N PRO K 1167 60.58 -40.58 1.30
CA PRO K 1167 59.16 -40.74 1.65
C PRO K 1167 58.72 -39.84 2.80
N VAL K 1168 57.43 -39.85 3.11
CA VAL K 1168 56.91 -39.00 4.19
C VAL K 1168 57.38 -39.52 5.55
N GLN K 1169 57.27 -38.66 6.55
CA GLN K 1169 57.68 -38.97 7.92
C GLN K 1169 56.44 -39.01 8.80
N ASN K 1170 55.70 -40.11 8.73
CA ASN K 1170 54.50 -40.34 9.53
C ASN K 1170 53.45 -39.25 9.26
N TRP K 1171 52.84 -39.34 8.09
CA TRP K 1171 51.79 -38.44 7.67
C TRP K 1171 50.45 -39.18 7.63
N SER K 1172 49.38 -38.48 8.01
CA SER K 1172 48.04 -39.05 8.04
C SER K 1172 47.30 -38.87 6.72
N SER K 1173 48.00 -38.92 5.59
CA SER K 1173 47.36 -38.76 4.29
C SER K 1173 48.25 -39.39 3.23
N ASN K 1174 47.62 -39.88 2.16
CA ASN K 1174 48.35 -40.47 1.06
C ASN K 1174 49.12 -39.40 0.30
N TRP K 1175 50.36 -39.71 -0.07
CA TRP K 1175 51.22 -38.76 -0.77
C TRP K 1175 52.06 -39.52 -1.80
N THR K 1176 51.89 -39.18 -3.08
CA THR K 1176 52.65 -39.82 -4.14
C THR K 1176 53.41 -38.79 -4.96
N LYS K 1177 53.80 -39.17 -6.18
CA LYS K 1177 54.51 -38.23 -7.04
C LYS K 1177 53.58 -37.18 -7.62
N GLU K 1178 52.30 -37.51 -7.82
CA GLU K 1178 51.35 -36.54 -8.34
C GLU K 1178 51.16 -35.37 -7.39
N GLU K 1179 51.22 -35.63 -6.08
CA GLU K 1179 51.15 -34.55 -5.11
C GLU K 1179 52.39 -33.68 -5.17
N ASP K 1180 53.54 -34.27 -5.50
CA ASP K 1180 54.77 -33.48 -5.64
C ASP K 1180 54.74 -32.64 -6.90
N GLU K 1181 54.12 -33.14 -7.97
CA GLU K 1181 54.02 -32.38 -9.20
C GLU K 1181 53.00 -31.26 -9.08
N LYS K 1182 51.85 -31.54 -8.49
CA LYS K 1182 50.82 -30.52 -8.32
C LYS K 1182 51.14 -29.55 -7.18
N LEU K 1183 52.05 -29.94 -6.29
CA LEU K 1183 52.39 -29.05 -5.16
C LEU K 1183 53.22 -27.87 -5.63
N LEU K 1184 54.04 -28.06 -6.66
CA LEU K 1184 54.86 -26.95 -7.16
C LEU K 1184 54.04 -25.95 -7.97
N ILE K 1185 52.82 -26.31 -8.37
CA ILE K 1185 51.98 -25.39 -9.14
C ILE K 1185 51.52 -24.23 -8.25
N GLY K 1186 51.16 -24.53 -7.01
CA GLY K 1186 50.74 -23.46 -6.11
C GLY K 1186 51.88 -22.50 -5.78
N VAL K 1187 53.10 -23.02 -5.67
CA VAL K 1187 54.25 -22.16 -5.45
C VAL K 1187 54.59 -21.38 -6.72
N PHE K 1188 54.31 -21.97 -7.88
CA PHE K 1188 54.56 -21.28 -9.14
C PHE K 1188 53.57 -20.17 -9.41
N LYS K 1189 52.33 -20.31 -8.93
CA LYS K 1189 51.29 -19.31 -9.17
C LYS K 1189 51.22 -18.28 -8.05
N TYR K 1190 50.97 -18.75 -6.82
CA TYR K 1190 50.81 -17.84 -5.68
C TYR K 1190 52.13 -17.52 -5.00
N GLY K 1191 53.03 -18.48 -4.88
CA GLY K 1191 54.32 -18.28 -4.25
C GLY K 1191 54.47 -19.10 -2.98
N TYR K 1192 55.65 -18.99 -2.39
CA TYR K 1192 55.97 -19.71 -1.16
C TYR K 1192 55.33 -19.01 0.03
N GLY K 1193 54.87 -19.81 0.99
CA GLY K 1193 54.22 -19.29 2.18
C GLY K 1193 52.77 -18.93 2.03
N SER K 1194 52.22 -18.96 0.82
CA SER K 1194 50.81 -18.63 0.58
C SER K 1194 49.96 -19.90 0.63
N TRP K 1195 49.93 -20.51 1.81
CA TRP K 1195 49.15 -21.73 2.01
C TRP K 1195 47.66 -21.48 2.15
N THR K 1196 47.24 -20.21 2.26
CA THR K 1196 45.81 -19.91 2.37
C THR K 1196 45.09 -20.12 1.05
N GLN K 1197 45.80 -20.07 -0.08
CA GLN K 1197 45.20 -20.31 -1.39
C GLN K 1197 45.47 -21.71 -1.93
N ILE K 1198 46.49 -22.40 -1.41
CA ILE K 1198 46.79 -23.74 -1.88
C ILE K 1198 45.75 -24.72 -1.35
N ARG K 1199 45.35 -24.58 -0.08
CA ARG K 1199 44.36 -25.47 0.50
C ARG K 1199 42.96 -25.23 -0.07
N ASP K 1200 42.72 -24.07 -0.67
CA ASP K 1200 41.43 -23.74 -1.28
C ASP K 1200 41.47 -23.87 -2.79
N ASP K 1201 42.52 -24.45 -3.36
CA ASP K 1201 42.63 -24.62 -4.81
C ASP K 1201 42.07 -25.98 -5.19
N PRO K 1202 40.94 -26.05 -5.90
CA PRO K 1202 40.37 -27.35 -6.27
C PRO K 1202 41.11 -28.05 -7.40
N PHE K 1203 42.07 -27.39 -8.04
CA PHE K 1203 42.82 -27.97 -9.16
C PHE K 1203 44.03 -28.78 -8.69
N LEU K 1204 44.10 -29.11 -7.40
CA LEU K 1204 45.21 -29.86 -6.86
C LEU K 1204 44.81 -31.16 -6.18
N GLY K 1205 43.61 -31.24 -5.62
CA GLY K 1205 43.16 -32.44 -4.95
C GLY K 1205 43.61 -32.60 -3.53
N ILE K 1206 44.32 -31.62 -2.97
CA ILE K 1206 44.79 -31.69 -1.59
C ILE K 1206 43.85 -30.90 -0.69
N THR K 1207 42.55 -31.18 -0.80
CA THR K 1207 41.57 -30.47 0.02
C THR K 1207 41.69 -30.87 1.48
N ASP K 1208 41.63 -32.18 1.77
CA ASP K 1208 41.73 -32.68 3.14
C ASP K 1208 43.15 -33.09 3.51
N LYS K 1209 44.16 -32.44 2.93
CA LYS K 1209 45.56 -32.75 3.21
C LYS K 1209 46.33 -31.55 3.73
N ILE K 1210 45.68 -30.42 3.96
CA ILE K 1210 46.32 -29.21 4.47
C ILE K 1210 45.47 -28.67 5.61
N PHE K 1211 46.06 -28.58 6.79
CA PHE K 1211 45.36 -28.06 7.97
C PHE K 1211 46.30 -27.12 8.70
N LEU K 1212 46.00 -26.82 9.96
CA LEU K 1212 46.83 -25.93 10.76
C LEU K 1212 47.93 -26.70 11.48
N LYS K 1245 48.42 -31.25 16.92
CA LYS K 1245 47.34 -32.20 16.73
C LYS K 1245 47.38 -32.80 15.33
N LYS K 1246 47.50 -31.95 14.32
CA LYS K 1246 47.55 -32.37 12.94
C LYS K 1246 48.99 -32.46 12.46
N VAL K 1247 49.18 -33.15 11.34
CA VAL K 1247 50.52 -33.35 10.76
C VAL K 1247 50.82 -32.26 9.73
N PRO K 1248 49.93 -31.99 8.72
CA PRO K 1248 50.26 -30.94 7.75
C PRO K 1248 50.23 -29.55 8.37
N GLY K 1249 51.42 -29.01 8.66
CA GLY K 1249 51.55 -27.68 9.22
C GLY K 1249 51.91 -26.64 8.18
N ALA K 1250 52.10 -25.41 8.66
CA ALA K 1250 52.45 -24.31 7.78
C ALA K 1250 53.92 -24.39 7.38
N ILE K 1251 54.82 -24.38 8.37
CA ILE K 1251 56.25 -24.44 8.07
C ILE K 1251 56.67 -25.88 7.78
N HIS K 1252 55.97 -26.86 8.36
CA HIS K 1252 56.34 -28.26 8.16
C HIS K 1252 56.22 -28.67 6.70
N LEU K 1253 55.24 -28.14 5.98
CA LEU K 1253 55.11 -28.40 4.55
C LEU K 1253 55.95 -27.46 3.71
N GLY K 1254 56.16 -26.22 4.15
CA GLY K 1254 57.02 -25.31 3.42
C GLY K 1254 58.45 -25.80 3.35
N ARG K 1255 58.96 -26.33 4.46
CA ARG K 1255 60.30 -26.92 4.45
C ARG K 1255 60.35 -28.15 3.56
N ARG K 1256 59.22 -28.87 3.42
CA ARG K 1256 59.16 -29.97 2.47
C ARG K 1256 59.24 -29.48 1.04
N VAL K 1257 58.58 -28.36 0.74
CA VAL K 1257 58.69 -27.76 -0.59
C VAL K 1257 60.12 -27.31 -0.85
N ASP K 1258 60.77 -26.73 0.16
CA ASP K 1258 62.17 -26.35 0.02
C ASP K 1258 63.05 -27.57 -0.22
N TYR K 1259 62.70 -28.70 0.40
CA TYR K 1259 63.45 -29.93 0.14
C TYR K 1259 63.20 -30.45 -1.27
N LEU K 1260 62.00 -30.22 -1.81
CA LEU K 1260 61.73 -30.62 -3.19
C LEU K 1260 62.50 -29.74 -4.18
N LEU K 1261 62.54 -28.43 -3.93
CA LEU K 1261 63.31 -27.55 -4.81
C LEU K 1261 64.80 -27.84 -4.73
N SER K 1262 65.32 -28.03 -3.52
CA SER K 1262 66.73 -28.38 -3.36
C SER K 1262 67.03 -29.75 -3.97
N PHE K 1263 66.06 -30.64 -3.99
CA PHE K 1263 66.25 -31.95 -4.61
C PHE K 1263 66.23 -31.85 -6.14
N LEU K 1264 65.43 -30.95 -6.70
CA LEU K 1264 65.39 -30.77 -8.15
C LEU K 1264 66.61 -29.99 -8.65
N ARG K 1265 67.15 -29.09 -7.84
CA ARG K 1265 68.34 -28.34 -8.25
C ARG K 1265 69.57 -29.23 -8.26
N GLY K 1266 69.59 -30.28 -7.45
CA GLY K 1266 70.72 -31.18 -7.40
C GLY K 1266 70.58 -32.38 -8.32
PB ADP L . 20.59 -0.22 -27.10
O1B ADP L . 19.74 -0.67 -25.92
O2B ADP L . 19.89 0.72 -28.06
O3B ADP L . 21.98 0.22 -26.73
PA ADP L . 22.30 -2.10 -28.24
O1A ADP L . 22.78 -2.80 -26.97
O2A ADP L . 23.11 -0.98 -28.84
O3A ADP L . 20.81 -1.56 -27.95
O5' ADP L . 22.08 -3.23 -29.36
C5' ADP L . 22.89 -4.40 -29.36
C4' ADP L . 23.17 -4.86 -30.78
O4' ADP L . 23.98 -3.88 -31.45
C3' ADP L . 23.94 -6.17 -30.79
O3' ADP L . 23.15 -7.20 -31.37
C2' ADP L . 25.17 -5.92 -31.64
O2' ADP L . 25.20 -6.82 -32.75
C1' ADP L . 25.08 -4.48 -32.13
N9 ADP L . 26.33 -3.75 -31.80
C8 ADP L . 26.46 -2.82 -30.85
N7 ADP L . 27.73 -2.34 -30.81
C5 ADP L . 28.44 -2.99 -31.76
C6 ADP L . 29.83 -2.97 -32.24
N6 ADP L . 30.76 -2.14 -31.70
N1 ADP L . 30.15 -3.81 -33.25
C2 ADP L . 29.25 -4.63 -33.81
N3 ADP L . 27.97 -4.70 -33.42
C4 ADP L . 27.50 -3.92 -32.42
BE BEF M . 18.00 1.02 -27.95
F1 BEF M . 17.60 -0.42 -28.35
F2 BEF M . 17.51 2.08 -28.99
F3 BEF M . 17.42 1.31 -26.55
#